data_2IPQ
# 
_entry.id   2IPQ 
# 
_audit_conform.dict_name       mmcif_pdbx.dic 
_audit_conform.dict_version    5.399 
_audit_conform.dict_location   http://mmcif.pdb.org/dictionaries/ascii/mmcif_pdbx.dic 
# 
loop_
_database_2.database_id 
_database_2.database_code 
_database_2.pdbx_database_accession 
_database_2.pdbx_DOI 
PDB   2IPQ         pdb_00002ipq 10.2210/pdb2ipq/pdb 
RCSB  RCSB039863   ?            ?                   
WWPDB D_1000039863 ?            ?                   
# 
loop_
_pdbx_audit_revision_history.ordinal 
_pdbx_audit_revision_history.data_content_type 
_pdbx_audit_revision_history.major_revision 
_pdbx_audit_revision_history.minor_revision 
_pdbx_audit_revision_history.revision_date 
1 'Structure model' 1 0 2006-11-07 
2 'Structure model' 1 1 2008-05-01 
3 'Structure model' 1 2 2011-07-13 
4 'Structure model' 1 3 2017-10-18 
5 'Structure model' 1 4 2018-11-14 
6 'Structure model' 1 5 2021-02-03 
7 'Structure model' 1 6 2024-11-20 
# 
_pdbx_audit_revision_details.ordinal             1 
_pdbx_audit_revision_details.revision_ordinal    1 
_pdbx_audit_revision_details.data_content_type   'Structure model' 
_pdbx_audit_revision_details.provider            repository 
_pdbx_audit_revision_details.type                'Initial release' 
_pdbx_audit_revision_details.description         ? 
_pdbx_audit_revision_details.details             ? 
# 
loop_
_pdbx_audit_revision_group.ordinal 
_pdbx_audit_revision_group.revision_ordinal 
_pdbx_audit_revision_group.data_content_type 
_pdbx_audit_revision_group.group 
1  2 'Structure model' 'Version format compliance' 
2  3 'Structure model' Advisory                    
3  3 'Structure model' 'Version format compliance' 
4  4 'Structure model' 'Refinement description'    
5  5 'Structure model' 'Data collection'           
6  5 'Structure model' 'Structure summary'         
7  6 'Structure model' 'Database references'       
8  6 'Structure model' 'Derived calculations'      
9  6 'Structure model' 'Structure summary'         
10 7 'Structure model' 'Data collection'           
11 7 'Structure model' 'Database references'       
12 7 'Structure model' 'Structure summary'         
# 
loop_
_pdbx_audit_revision_category.ordinal 
_pdbx_audit_revision_category.revision_ordinal 
_pdbx_audit_revision_category.data_content_type 
_pdbx_audit_revision_category.category 
1  4 'Structure model' software                  
2  5 'Structure model' audit_author              
3  6 'Structure model' audit_author              
4  6 'Structure model' citation_author           
5  6 'Structure model' struct_conn               
6  6 'Structure model' struct_ref_seq_dif        
7  7 'Structure model' chem_comp_atom            
8  7 'Structure model' chem_comp_bond            
9  7 'Structure model' database_2                
10 7 'Structure model' pdbx_entry_details        
11 7 'Structure model' pdbx_modification_feature 
# 
loop_
_pdbx_audit_revision_item.ordinal 
_pdbx_audit_revision_item.revision_ordinal 
_pdbx_audit_revision_item.data_content_type 
_pdbx_audit_revision_item.item 
1  4 'Structure model' '_software.classification'            
2  4 'Structure model' '_software.contact_author'            
3  4 'Structure model' '_software.contact_author_email'      
4  4 'Structure model' '_software.date'                      
5  4 'Structure model' '_software.language'                  
6  4 'Structure model' '_software.location'                  
7  4 'Structure model' '_software.name'                      
8  4 'Structure model' '_software.type'                      
9  4 'Structure model' '_software.version'                   
10 5 'Structure model' '_audit_author.identifier_ORCID'      
11 6 'Structure model' '_audit_author.identifier_ORCID'      
12 6 'Structure model' '_citation_author.identifier_ORCID'   
13 6 'Structure model' '_struct_conn.pdbx_leaving_atom_flag' 
14 6 'Structure model' '_struct_ref_seq_dif.details'         
15 7 'Structure model' '_database_2.pdbx_DOI'                
16 7 'Structure model' '_database_2.pdbx_database_accession' 
# 
_pdbx_database_status.entry_id                        2IPQ 
_pdbx_database_status.deposit_site                    RCSB 
_pdbx_database_status.process_site                    RCSB 
_pdbx_database_status.recvd_initial_deposition_date   2006-10-12 
_pdbx_database_status.status_code                     REL 
_pdbx_database_status.status_code_sf                  REL 
_pdbx_database_status.status_code_mr                  ? 
_pdbx_database_status.SG_entry                        Y 
_pdbx_database_status.pdb_format_compatible           Y 
_pdbx_database_status.status_code_cs                  ? 
_pdbx_database_status.methods_development_category    ? 
_pdbx_database_status.status_code_nmr_data            ? 
# 
_pdbx_database_related.db_name        TargetDB 
_pdbx_database_related.db_id          NYSGXRC-10172b 
_pdbx_database_related.details        . 
_pdbx_database_related.content_type   unspecified 
# 
loop_
_audit_author.name 
_audit_author.pdbx_ordinal 
_audit_author.identifier_ORCID 
'Ramagopal, U.A.'                                                1  ?                   
'Bonanno, J.B.'                                                  2  ?                   
'Gilmore, J.'                                                    3  ?                   
'Toro, R.'                                                       4  ?                   
'Bain, K.T.'                                                     5  ?                   
'Reyes, C.'                                                      6  ?                   
'Sauder, J.M.'                                                   7  0000-0002-0254-4955 
'Burley, S.K.'                                                   8  0000-0002-2487-9713 
'Almo, S.C.'                                                     9  ?                   
'New York SGX Research Center for Structural Genomics (NYSGXRC)' 10 ?                   
# 
_citation.id                        primary 
_citation.title                     'Structure of C-terminal domain of Hypothetical protein STY4665' 
_citation.journal_abbrev            'To be Published' 
_citation.journal_volume            ? 
_citation.page_first                ? 
_citation.page_last                 ? 
_citation.year                      ? 
_citation.journal_id_ASTM           ? 
_citation.country                   ? 
_citation.journal_id_ISSN           ? 
_citation.journal_id_CSD            0353 
_citation.book_publisher            ? 
_citation.pdbx_database_id_PubMed   ? 
_citation.pdbx_database_id_DOI      ? 
# 
loop_
_citation_author.citation_id 
_citation_author.name 
_citation_author.ordinal 
_citation_author.identifier_ORCID 
primary 'Ramagopal, U.A.'                                                1  ?                   
primary 'Bonanno, J.B.'                                                  2  ?                   
primary 'Gilmore, J.'                                                    3  ?                   
primary 'Toro, R.'                                                       4  ?                   
primary 'Bain, K.T.'                                                     5  ?                   
primary 'Reyes, C.'                                                      6  ?                   
primary 'Sauder, J.M.'                                                   7  ?                   
primary 'Burley, S.K.'                                                   8  0000-0002-2487-9713 
primary 'Almo, S.C.'                                                     9  ?                   
primary 'New York SGX Research Center for Structural Genomics (NYSGXRC)' 10 ?                   
# 
loop_
_entity.id 
_entity.type 
_entity.src_method 
_entity.pdbx_description 
_entity.formula_weight 
_entity.pdbx_number_of_molecules 
_entity.pdbx_ec 
_entity.pdbx_mutation 
_entity.pdbx_fragment 
_entity.details 
1 polymer man 'Hypothetical protein STY4665' 15483.396 1  ? ? 'C-terminal domain, residues 395-529' ? 
2 water   nat water                          18.015    33 ? ? ?                                     ? 
# 
_entity_name_com.entity_id   1 
_entity_name_com.name        'Hypothetical protein' 
# 
_entity_poly.entity_id                      1 
_entity_poly.type                           'polypeptide(L)' 
_entity_poly.nstd_linkage                   no 
_entity_poly.nstd_monomer                   yes 
_entity_poly.pdbx_seq_one_letter_code       
;SLSSTELGDLFWSWLRDGLREGDIPVNTADACVHLTCGFVFISVPGVFFLFLKSHSRSCSSGLKESGRKEQVQAAFEK
(MSE)RKHRVSDSRRFWQCCLYEEPGGRGRYKKLTGYLIK(MSE)SEIYANGNFPDDSLFLKVIN
;
_entity_poly.pdbx_seq_one_letter_code_can   
;SLSSTELGDLFWSWLRDGLREGDIPVNTADACVHLTCGFVFISVPGVFFLFLKSHSRSCSSGLKESGRKEQVQAAFEKMR
KHRVSDSRRFWQCCLYEEPGGRGRYKKLTGYLIKMSEIYANGNFPDDSLFLKVIN
;
_entity_poly.pdbx_strand_id                 X 
_entity_poly.pdbx_target_identifier         NYSGXRC-10172b 
# 
_pdbx_entity_nonpoly.entity_id   2 
_pdbx_entity_nonpoly.name        water 
_pdbx_entity_nonpoly.comp_id     HOH 
# 
loop_
_entity_poly_seq.entity_id 
_entity_poly_seq.num 
_entity_poly_seq.mon_id 
_entity_poly_seq.hetero 
1 1   SER n 
1 2   LEU n 
1 3   SER n 
1 4   SER n 
1 5   THR n 
1 6   GLU n 
1 7   LEU n 
1 8   GLY n 
1 9   ASP n 
1 10  LEU n 
1 11  PHE n 
1 12  TRP n 
1 13  SER n 
1 14  TRP n 
1 15  LEU n 
1 16  ARG n 
1 17  ASP n 
1 18  GLY n 
1 19  LEU n 
1 20  ARG n 
1 21  GLU n 
1 22  GLY n 
1 23  ASP n 
1 24  ILE n 
1 25  PRO n 
1 26  VAL n 
1 27  ASN n 
1 28  THR n 
1 29  ALA n 
1 30  ASP n 
1 31  ALA n 
1 32  CYS n 
1 33  VAL n 
1 34  HIS n 
1 35  LEU n 
1 36  THR n 
1 37  CYS n 
1 38  GLY n 
1 39  PHE n 
1 40  VAL n 
1 41  PHE n 
1 42  ILE n 
1 43  SER n 
1 44  VAL n 
1 45  PRO n 
1 46  GLY n 
1 47  VAL n 
1 48  PHE n 
1 49  PHE n 
1 50  LEU n 
1 51  PHE n 
1 52  LEU n 
1 53  LYS n 
1 54  SER n 
1 55  HIS n 
1 56  SER n 
1 57  ARG n 
1 58  SER n 
1 59  CYS n 
1 60  SER n 
1 61  SER n 
1 62  GLY n 
1 63  LEU n 
1 64  LYS n 
1 65  GLU n 
1 66  SER n 
1 67  GLY n 
1 68  ARG n 
1 69  LYS n 
1 70  GLU n 
1 71  GLN n 
1 72  VAL n 
1 73  GLN n 
1 74  ALA n 
1 75  ALA n 
1 76  PHE n 
1 77  GLU n 
1 78  LYS n 
1 79  MSE n 
1 80  ARG n 
1 81  LYS n 
1 82  HIS n 
1 83  ARG n 
1 84  VAL n 
1 85  SER n 
1 86  ASP n 
1 87  SER n 
1 88  ARG n 
1 89  ARG n 
1 90  PHE n 
1 91  TRP n 
1 92  GLN n 
1 93  CYS n 
1 94  CYS n 
1 95  LEU n 
1 96  TYR n 
1 97  GLU n 
1 98  GLU n 
1 99  PRO n 
1 100 GLY n 
1 101 GLY n 
1 102 ARG n 
1 103 GLY n 
1 104 ARG n 
1 105 TYR n 
1 106 LYS n 
1 107 LYS n 
1 108 LEU n 
1 109 THR n 
1 110 GLY n 
1 111 TYR n 
1 112 LEU n 
1 113 ILE n 
1 114 LYS n 
1 115 MSE n 
1 116 SER n 
1 117 GLU n 
1 118 ILE n 
1 119 TYR n 
1 120 ALA n 
1 121 ASN n 
1 122 GLY n 
1 123 ASN n 
1 124 PHE n 
1 125 PRO n 
1 126 ASP n 
1 127 ASP n 
1 128 SER n 
1 129 LEU n 
1 130 PHE n 
1 131 LEU n 
1 132 LYS n 
1 133 VAL n 
1 134 ILE n 
1 135 ASN n 
# 
_entity_src_gen.entity_id                          1 
_entity_src_gen.pdbx_src_id                        1 
_entity_src_gen.pdbx_alt_source_flag               sample 
_entity_src_gen.pdbx_seq_type                      ? 
_entity_src_gen.pdbx_beg_seq_num                   ? 
_entity_src_gen.pdbx_end_seq_num                   ? 
_entity_src_gen.gene_src_common_name               ? 
_entity_src_gen.gene_src_genus                     Salmonella 
_entity_src_gen.pdbx_gene_src_gene                 'STY4665, t4356' 
_entity_src_gen.gene_src_species                   ? 
_entity_src_gen.gene_src_strain                    ? 
_entity_src_gen.gene_src_tissue                    ? 
_entity_src_gen.gene_src_tissue_fraction           ? 
_entity_src_gen.gene_src_details                   ? 
_entity_src_gen.pdbx_gene_src_fragment             ? 
_entity_src_gen.pdbx_gene_src_scientific_name      'Salmonella typhi' 
_entity_src_gen.pdbx_gene_src_ncbi_taxonomy_id     601 
_entity_src_gen.pdbx_gene_src_variant              ? 
_entity_src_gen.pdbx_gene_src_cell_line            ? 
_entity_src_gen.pdbx_gene_src_atcc                 ? 
_entity_src_gen.pdbx_gene_src_organ                ? 
_entity_src_gen.pdbx_gene_src_organelle            ? 
_entity_src_gen.pdbx_gene_src_cell                 ? 
_entity_src_gen.pdbx_gene_src_cellular_location    ? 
_entity_src_gen.host_org_common_name               ? 
_entity_src_gen.pdbx_host_org_scientific_name      'Escherichia coli BL21(DE3)' 
_entity_src_gen.pdbx_host_org_ncbi_taxonomy_id     469008 
_entity_src_gen.host_org_genus                     Escherichia 
_entity_src_gen.pdbx_host_org_gene                 ? 
_entity_src_gen.pdbx_host_org_organ                ? 
_entity_src_gen.host_org_species                   'Escherichia coli' 
_entity_src_gen.pdbx_host_org_tissue               ? 
_entity_src_gen.pdbx_host_org_tissue_fraction      ? 
_entity_src_gen.pdbx_host_org_strain               'BL21(DE3)' 
_entity_src_gen.pdbx_host_org_variant              ? 
_entity_src_gen.pdbx_host_org_cell_line            ? 
_entity_src_gen.pdbx_host_org_atcc                 ? 
_entity_src_gen.pdbx_host_org_culture_collection   ? 
_entity_src_gen.pdbx_host_org_cell                 ? 
_entity_src_gen.pdbx_host_org_organelle            ? 
_entity_src_gen.pdbx_host_org_cellular_location    ? 
_entity_src_gen.pdbx_host_org_vector_type          plasmid 
_entity_src_gen.pdbx_host_org_vector               ? 
_entity_src_gen.host_org_details                   ? 
_entity_src_gen.expression_system_id               ? 
_entity_src_gen.plasmid_name                       'BS-pSGX4(BS)' 
_entity_src_gen.plasmid_details                    ? 
_entity_src_gen.pdbx_description                   ? 
# 
loop_
_chem_comp.id 
_chem_comp.type 
_chem_comp.mon_nstd_flag 
_chem_comp.name 
_chem_comp.pdbx_synonyms 
_chem_comp.formula 
_chem_comp.formula_weight 
ALA 'L-peptide linking' y ALANINE          ? 'C3 H7 N O2'     89.093  
ARG 'L-peptide linking' y ARGININE         ? 'C6 H15 N4 O2 1' 175.209 
ASN 'L-peptide linking' y ASPARAGINE       ? 'C4 H8 N2 O3'    132.118 
ASP 'L-peptide linking' y 'ASPARTIC ACID'  ? 'C4 H7 N O4'     133.103 
CYS 'L-peptide linking' y CYSTEINE         ? 'C3 H7 N O2 S'   121.158 
GLN 'L-peptide linking' y GLUTAMINE        ? 'C5 H10 N2 O3'   146.144 
GLU 'L-peptide linking' y 'GLUTAMIC ACID'  ? 'C5 H9 N O4'     147.129 
GLY 'peptide linking'   y GLYCINE          ? 'C2 H5 N O2'     75.067  
HIS 'L-peptide linking' y HISTIDINE        ? 'C6 H10 N3 O2 1' 156.162 
HOH non-polymer         . WATER            ? 'H2 O'           18.015  
ILE 'L-peptide linking' y ISOLEUCINE       ? 'C6 H13 N O2'    131.173 
LEU 'L-peptide linking' y LEUCINE          ? 'C6 H13 N O2'    131.173 
LYS 'L-peptide linking' y LYSINE           ? 'C6 H15 N2 O2 1' 147.195 
MET 'L-peptide linking' y METHIONINE       ? 'C5 H11 N O2 S'  149.211 
MSE 'L-peptide linking' n SELENOMETHIONINE ? 'C5 H11 N O2 Se' 196.106 
PHE 'L-peptide linking' y PHENYLALANINE    ? 'C9 H11 N O2'    165.189 
PRO 'L-peptide linking' y PROLINE          ? 'C5 H9 N O2'     115.130 
SER 'L-peptide linking' y SERINE           ? 'C3 H7 N O3'     105.093 
THR 'L-peptide linking' y THREONINE        ? 'C4 H9 N O3'     119.119 
TRP 'L-peptide linking' y TRYPTOPHAN       ? 'C11 H12 N2 O2'  204.225 
TYR 'L-peptide linking' y TYROSINE         ? 'C9 H11 N O3'    181.189 
VAL 'L-peptide linking' y VALINE           ? 'C5 H11 N O2'    117.146 
# 
loop_
_pdbx_poly_seq_scheme.asym_id 
_pdbx_poly_seq_scheme.entity_id 
_pdbx_poly_seq_scheme.seq_id 
_pdbx_poly_seq_scheme.mon_id 
_pdbx_poly_seq_scheme.ndb_seq_num 
_pdbx_poly_seq_scheme.pdb_seq_num 
_pdbx_poly_seq_scheme.auth_seq_num 
_pdbx_poly_seq_scheme.pdb_mon_id 
_pdbx_poly_seq_scheme.auth_mon_id 
_pdbx_poly_seq_scheme.pdb_strand_id 
_pdbx_poly_seq_scheme.pdb_ins_code 
_pdbx_poly_seq_scheme.hetero 
A 1 1   SER 1   395 ?   ?   ?   X . n 
A 1 2   LEU 2   396 396 LEU LEU X . n 
A 1 3   SER 3   397 397 SER SER X . n 
A 1 4   SER 4   398 398 SER SER X . n 
A 1 5   THR 5   399 399 THR THR X . n 
A 1 6   GLU 6   400 400 GLU GLU X . n 
A 1 7   LEU 7   401 401 LEU LEU X . n 
A 1 8   GLY 8   402 402 GLY GLY X . n 
A 1 9   ASP 9   403 403 ASP ASP X . n 
A 1 10  LEU 10  404 404 LEU LEU X . n 
A 1 11  PHE 11  405 405 PHE PHE X . n 
A 1 12  TRP 12  406 406 TRP TRP X . n 
A 1 13  SER 13  407 407 SER SER X . n 
A 1 14  TRP 14  408 408 TRP TRP X . n 
A 1 15  LEU 15  409 409 LEU LEU X . n 
A 1 16  ARG 16  410 410 ARG ARG X . n 
A 1 17  ASP 17  411 411 ASP ASP X . n 
A 1 18  GLY 18  412 412 GLY GLY X . n 
A 1 19  LEU 19  413 413 LEU LEU X . n 
A 1 20  ARG 20  414 414 ARG ARG X . n 
A 1 21  GLU 21  415 415 GLU GLU X . n 
A 1 22  GLY 22  416 416 GLY GLY X . n 
A 1 23  ASP 23  417 417 ASP ASP X . n 
A 1 24  ILE 24  418 418 ILE ILE X . n 
A 1 25  PRO 25  419 419 PRO PRO X . n 
A 1 26  VAL 26  420 420 VAL VAL X . n 
A 1 27  ASN 27  421 421 ASN ASN X . n 
A 1 28  THR 28  422 422 THR THR X . n 
A 1 29  ALA 29  423 423 ALA ALA X . n 
A 1 30  ASP 30  424 424 ASP ASP X . n 
A 1 31  ALA 31  425 425 ALA ALA X . n 
A 1 32  CYS 32  426 426 CYS CYS X . n 
A 1 33  VAL 33  427 427 VAL VAL X . n 
A 1 34  HIS 34  428 428 HIS HIS X . n 
A 1 35  LEU 35  429 429 LEU LEU X . n 
A 1 36  THR 36  430 430 THR THR X . n 
A 1 37  CYS 37  431 431 CYS CYS X . n 
A 1 38  GLY 38  432 432 GLY GLY X . n 
A 1 39  PHE 39  433 433 PHE PHE X . n 
A 1 40  VAL 40  434 434 VAL VAL X . n 
A 1 41  PHE 41  435 435 PHE PHE X . n 
A 1 42  ILE 42  436 436 ILE ILE X . n 
A 1 43  SER 43  437 437 SER SER X . n 
A 1 44  VAL 44  438 438 VAL VAL X . n 
A 1 45  PRO 45  439 439 PRO PRO X . n 
A 1 46  GLY 46  440 440 GLY GLY X . n 
A 1 47  VAL 47  441 441 VAL VAL X . n 
A 1 48  PHE 48  442 442 PHE PHE X . n 
A 1 49  PHE 49  443 443 PHE PHE X . n 
A 1 50  LEU 50  444 444 LEU LEU X . n 
A 1 51  PHE 51  445 445 PHE PHE X . n 
A 1 52  LEU 52  446 446 LEU LEU X . n 
A 1 53  LYS 53  447 447 LYS LYS X . n 
A 1 54  SER 54  448 448 SER SER X . n 
A 1 55  HIS 55  449 449 HIS HIS X . n 
A 1 56  SER 56  450 ?   ?   ?   X . n 
A 1 57  ARG 57  451 ?   ?   ?   X . n 
A 1 58  SER 58  452 ?   ?   ?   X . n 
A 1 59  CYS 59  453 ?   ?   ?   X . n 
A 1 60  SER 60  454 ?   ?   ?   X . n 
A 1 61  SER 61  455 ?   ?   ?   X . n 
A 1 62  GLY 62  456 ?   ?   ?   X . n 
A 1 63  LEU 63  457 ?   ?   ?   X . n 
A 1 64  LYS 64  458 ?   ?   ?   X . n 
A 1 65  GLU 65  459 ?   ?   ?   X . n 
A 1 66  SER 66  460 ?   ?   ?   X . n 
A 1 67  GLY 67  461 461 GLY GLY X . n 
A 1 68  ARG 68  462 462 ARG ARG X . n 
A 1 69  LYS 69  463 463 LYS LYS X . n 
A 1 70  GLU 70  464 464 GLU GLU X . n 
A 1 71  GLN 71  465 465 GLN GLN X . n 
A 1 72  VAL 72  466 466 VAL VAL X . n 
A 1 73  GLN 73  467 467 GLN GLN X . n 
A 1 74  ALA 74  468 468 ALA ALA X . n 
A 1 75  ALA 75  469 469 ALA ALA X . n 
A 1 76  PHE 76  470 470 PHE PHE X . n 
A 1 77  GLU 77  471 471 GLU GLU X . n 
A 1 78  LYS 78  472 472 LYS LYS X . n 
A 1 79  MSE 79  473 473 MSE MSE X . n 
A 1 80  ARG 80  474 474 ARG ARG X . n 
A 1 81  LYS 81  475 475 LYS LYS X . n 
A 1 82  HIS 82  476 476 HIS HIS X . n 
A 1 83  ARG 83  477 477 ARG ARG X . n 
A 1 84  VAL 84  478 478 VAL VAL X . n 
A 1 85  SER 85  479 479 SER SER X . n 
A 1 86  ASP 86  480 480 ASP ASP X . n 
A 1 87  SER 87  481 481 SER SER X . n 
A 1 88  ARG 88  482 482 ARG ARG X . n 
A 1 89  ARG 89  483 483 ARG ARG X . n 
A 1 90  PHE 90  484 484 PHE PHE X . n 
A 1 91  TRP 91  485 485 TRP TRP X . n 
A 1 92  GLN 92  486 486 GLN GLN X . n 
A 1 93  CYS 93  487 487 CYS CYS X . n 
A 1 94  CYS 94  488 488 CYS CYS X . n 
A 1 95  LEU 95  489 489 LEU LEU X . n 
A 1 96  TYR 96  490 490 TYR TYR X . n 
A 1 97  GLU 97  491 491 GLU GLU X . n 
A 1 98  GLU 98  492 492 GLU GLU X . n 
A 1 99  PRO 99  493 493 PRO PRO X . n 
A 1 100 GLY 100 494 494 GLY GLY X . n 
A 1 101 GLY 101 495 495 GLY GLY X . n 
A 1 102 ARG 102 496 496 ARG ARG X . n 
A 1 103 GLY 103 497 497 GLY GLY X . n 
A 1 104 ARG 104 498 498 ARG ARG X . n 
A 1 105 TYR 105 499 499 TYR TYR X . n 
A 1 106 LYS 106 500 500 LYS LYS X . n 
A 1 107 LYS 107 501 501 LYS LYS X . n 
A 1 108 LEU 108 502 502 LEU LEU X . n 
A 1 109 THR 109 503 503 THR THR X . n 
A 1 110 GLY 110 504 504 GLY GLY X . n 
A 1 111 TYR 111 505 505 TYR TYR X . n 
A 1 112 LEU 112 506 506 LEU LEU X . n 
A 1 113 ILE 113 507 507 ILE ILE X . n 
A 1 114 LYS 114 508 508 LYS LYS X . n 
A 1 115 MSE 115 509 509 MSE MSE X . n 
A 1 116 SER 116 510 510 SER SER X . n 
A 1 117 GLU 117 511 511 GLU GLU X . n 
A 1 118 ILE 118 512 512 ILE ILE X . n 
A 1 119 TYR 119 513 513 TYR TYR X . n 
A 1 120 ALA 120 514 ?   ?   ?   X . n 
A 1 121 ASN 121 515 515 ASN ALA X . n 
A 1 122 GLY 122 516 516 GLY GLY X . n 
A 1 123 ASN 123 517 517 ASN ASN X . n 
A 1 124 PHE 124 518 518 PHE PHE X . n 
A 1 125 PRO 125 519 519 PRO PRO X . n 
A 1 126 ASP 126 520 520 ASP ASP X . n 
A 1 127 ASP 127 521 521 ASP ASP X . n 
A 1 128 SER 128 522 522 SER SER X . n 
A 1 129 LEU 129 523 523 LEU LEU X . n 
A 1 130 PHE 130 524 524 PHE PHE X . n 
A 1 131 LEU 131 525 525 LEU LEU X . n 
A 1 132 LYS 132 526 526 LYS LYS X . n 
A 1 133 VAL 133 527 527 VAL VAL X . n 
A 1 134 ILE 134 528 528 ILE ILE X . n 
A 1 135 ASN 135 529 ?   ?   ?   X . n 
# 
loop_
_pdbx_nonpoly_scheme.asym_id 
_pdbx_nonpoly_scheme.entity_id 
_pdbx_nonpoly_scheme.mon_id 
_pdbx_nonpoly_scheme.ndb_seq_num 
_pdbx_nonpoly_scheme.pdb_seq_num 
_pdbx_nonpoly_scheme.auth_seq_num 
_pdbx_nonpoly_scheme.pdb_mon_id 
_pdbx_nonpoly_scheme.auth_mon_id 
_pdbx_nonpoly_scheme.pdb_strand_id 
_pdbx_nonpoly_scheme.pdb_ins_code 
B 2 HOH 1  2  2  HOH HOH X . 
B 2 HOH 2  3  3  HOH HOH X . 
B 2 HOH 3  4  4  HOH HOH X . 
B 2 HOH 4  6  6  HOH HOH X . 
B 2 HOH 5  8  8  HOH HOH X . 
B 2 HOH 6  9  9  HOH HOH X . 
B 2 HOH 7  10 10 HOH HOH X . 
B 2 HOH 8  11 11 HOH HOH X . 
B 2 HOH 9  12 12 HOH HOH X . 
B 2 HOH 10 13 13 HOH HOH X . 
B 2 HOH 11 15 15 HOH HOH X . 
B 2 HOH 12 16 16 HOH HOH X . 
B 2 HOH 13 17 17 HOH HOH X . 
B 2 HOH 14 18 18 HOH HOH X . 
B 2 HOH 15 19 19 HOH HOH X . 
B 2 HOH 16 20 20 HOH HOH X . 
B 2 HOH 17 21 21 HOH HOH X . 
B 2 HOH 18 23 23 HOH HOH X . 
B 2 HOH 19 25 25 HOH HOH X . 
B 2 HOH 20 26 26 HOH HOH X . 
B 2 HOH 21 27 27 HOH HOH X . 
B 2 HOH 22 28 28 HOH HOH X . 
B 2 HOH 23 29 29 HOH HOH X . 
B 2 HOH 24 30 30 HOH HOH X . 
B 2 HOH 25 31 31 HOH HOH X . 
B 2 HOH 26 34 34 HOH HOH X . 
B 2 HOH 27 35 35 HOH HOH X . 
B 2 HOH 28 36 36 HOH HOH X . 
B 2 HOH 29 37 37 HOH HOH X . 
B 2 HOH 30 38 38 HOH HOH X . 
B 2 HOH 31 39 39 HOH HOH X . 
B 2 HOH 32 40 40 HOH HOH X . 
B 2 HOH 33 41 41 HOH HOH X . 
# 
loop_
_pdbx_unobs_or_zero_occ_atoms.id 
_pdbx_unobs_or_zero_occ_atoms.PDB_model_num 
_pdbx_unobs_or_zero_occ_atoms.polymer_flag 
_pdbx_unobs_or_zero_occ_atoms.occupancy_flag 
_pdbx_unobs_or_zero_occ_atoms.auth_asym_id 
_pdbx_unobs_or_zero_occ_atoms.auth_comp_id 
_pdbx_unobs_or_zero_occ_atoms.auth_seq_id 
_pdbx_unobs_or_zero_occ_atoms.PDB_ins_code 
_pdbx_unobs_or_zero_occ_atoms.auth_atom_id 
_pdbx_unobs_or_zero_occ_atoms.label_alt_id 
_pdbx_unobs_or_zero_occ_atoms.label_asym_id 
_pdbx_unobs_or_zero_occ_atoms.label_comp_id 
_pdbx_unobs_or_zero_occ_atoms.label_seq_id 
_pdbx_unobs_or_zero_occ_atoms.label_atom_id 
1 1 Y 1 X GLU 400 ? CG  ? A GLU 6   CG  
2 1 Y 1 X GLU 400 ? CD  ? A GLU 6   CD  
3 1 Y 1 X GLU 400 ? OE1 ? A GLU 6   OE1 
4 1 Y 1 X GLU 400 ? OE2 ? A GLU 6   OE2 
5 1 Y 1 X ASN 515 ? CG  ? A ASN 121 CG  
6 1 Y 1 X ASN 515 ? OD1 ? A ASN 121 OD1 
7 1 Y 1 X ASN 515 ? ND2 ? A ASN 121 ND2 
# 
loop_
_software.name 
_software.version 
_software.date 
_software.type 
_software.contact_author 
_software.contact_author_email 
_software.classification 
_software.location 
_software.language 
_software.citation_id 
_software.pdbx_ordinal 
DENZO       .        ?                package 'Zbyszek Otwinowski' zbyszek@mix.swmed.edu    'data reduction'  
http://www.lnls.br/infra/linhasluz/denzo-hkl.htm ?          ? 1  
SCALEPACK   .        ?                package 'Zbyszek Otwinowski' zbyszek@mix.swmed.edu    'data scaling'    
http://www.lnls.br/infra/linhasluz/denzo-hkl.htm ?          ? 2  
REFMAC      5.2.0005 ?                program 'Murshudov, G.N.'    ccp4@dl.ac.uk            refinement        
http://www.ccp4.ac.uk/main.html                  Fortran_77 ? 3  
PDB_EXTRACT 2.000    'April. 3, 2006' package PDB                  sw-help@rcsb.rutgers.edu 'data extraction' 
http://pdb.rutgers.edu/software/                 C++        ? 4  
CBASS       .        ?                ?       ?                    ?                        'data collection' ? ?          ? 5  
HKL-2000    .        ?                ?       ?                    ?                        'data reduction'  ? ?          ? 6  
SOLVE       .        ?                ?       ?                    ?                        phasing           ? ?          ? 7  
RESOLVE     .        ?                ?       ?                    ?                        phasing           ? ?          ? 8  
PHENIX      .        ?                ?       ?                    ?                        phasing           ? ?          ? 9  
CCP4        .        ?                ?       ?                    ?                        phasing           ? ?          ? 10 
# 
_cell.length_a           36.281 
_cell.length_b           55.039 
_cell.length_c           66.729 
_cell.angle_alpha        90.000 
_cell.angle_beta         90.000 
_cell.angle_gamma        90.000 
_cell.entry_id           2IPQ 
_cell.pdbx_unique_axis   ? 
_cell.Z_PDB              4 
_cell.length_a_esd       ? 
_cell.length_b_esd       ? 
_cell.length_c_esd       ? 
_cell.angle_alpha_esd    ? 
_cell.angle_beta_esd     ? 
_cell.angle_gamma_esd    ? 
# 
_symmetry.space_group_name_H-M             'P 21 21 21' 
_symmetry.entry_id                         2IPQ 
_symmetry.Int_Tables_number                19 
_symmetry.pdbx_full_space_group_name_H-M   ? 
_symmetry.cell_setting                     ? 
_symmetry.space_group_name_Hall            ? 
# 
_exptl.crystals_number   1 
_exptl.entry_id          2IPQ 
_exptl.method            'X-RAY DIFFRACTION' 
# 
_exptl_crystal.id                    1 
_exptl_crystal.density_meas          ? 
_exptl_crystal.density_Matthews      2.15 
_exptl_crystal.density_percent_sol   42.81 
_exptl_crystal.description           ? 
_exptl_crystal.F_000                 ? 
_exptl_crystal.preparation           ? 
# 
_exptl_crystal_grow.crystal_id      1 
_exptl_crystal_grow.method          'VAPOR DIFFUSION, SITTING DROP' 
_exptl_crystal_grow.pH              6.5 
_exptl_crystal_grow.temp            298 
_exptl_crystal_grow.pdbx_details    
;(NH4)2SO4 0.2 M, Bis-Tris pH 6.5 0.1 M, PEG 3350 50 %, Vapor diffusion, Sitting drop, temperature 298K, VAPOR DIFFUSION, SITTING DROP
;
_exptl_crystal_grow.temp_details    ? 
_exptl_crystal_grow.pdbx_pH_range   . 
# 
_diffrn.id                     1 
_diffrn.ambient_temp           100 
_diffrn.ambient_temp_details   ? 
_diffrn.crystal_id             1 
# 
_diffrn_detector.diffrn_id              1 
_diffrn_detector.detector               CCD 
_diffrn_detector.type                   'ADSC QUANTUM 315' 
_diffrn_detector.pdbx_collection_date   2006-09-28 
_diffrn_detector.details                mirror 
# 
_diffrn_radiation.diffrn_id                        1 
_diffrn_radiation.pdbx_diffrn_protocol             'SINGLE WAVELENGTH' 
_diffrn_radiation.monochromator                    ? 
_diffrn_radiation.wavelength_id                    1 
_diffrn_radiation.pdbx_monochromatic_or_laue_m_l   ? 
_diffrn_radiation.pdbx_scattering_type             x-ray 
# 
_diffrn_radiation_wavelength.id           1 
_diffrn_radiation_wavelength.wavelength   0.9793 
_diffrn_radiation_wavelength.wt           1.0 
# 
_diffrn_source.diffrn_id                   1 
_diffrn_source.source                      SYNCHROTRON 
_diffrn_source.type                        'NSLS BEAMLINE X29A' 
_diffrn_source.pdbx_wavelength_list        0.9793 
_diffrn_source.pdbx_wavelength             ? 
_diffrn_source.pdbx_synchrotron_site       NSLS 
_diffrn_source.pdbx_synchrotron_beamline   X29A 
# 
_reflns.entry_id                     2IPQ 
_reflns.d_resolution_high            2.200 
_reflns.d_resolution_low             30.000 
_reflns.number_obs                   7182 
_reflns.pdbx_Rmerge_I_obs            0.066 
_reflns.pdbx_netI_over_sigmaI        10.100 
_reflns.pdbx_chi_squared             1.016 
_reflns.pdbx_redundancy              3.000 
_reflns.percent_possible_obs         99.500 
_reflns.observed_criterion_sigma_F   0 
_reflns.observed_criterion_sigma_I   0 
_reflns.number_all                   ? 
_reflns.pdbx_Rsym_value              0.05 
_reflns.B_iso_Wilson_estimate        ? 
_reflns.R_free_details               ? 
_reflns.limit_h_max                  ? 
_reflns.limit_h_min                  ? 
_reflns.limit_k_max                  ? 
_reflns.limit_k_min                  ? 
_reflns.limit_l_max                  ? 
_reflns.limit_l_min                  ? 
_reflns.observed_criterion_F_max     ? 
_reflns.observed_criterion_F_min     ? 
_reflns.pdbx_scaling_rejects         ? 
_reflns.pdbx_ordinal                 1 
_reflns.pdbx_diffrn_id               1 
# 
_reflns_shell.d_res_high             2.20 
_reflns_shell.d_res_low              2.28 
_reflns_shell.number_measured_obs    ? 
_reflns_shell.number_measured_all    ? 
_reflns_shell.number_unique_obs      ? 
_reflns_shell.Rmerge_I_obs           0.491 
_reflns_shell.meanI_over_sigI_obs    1.5 
_reflns_shell.pdbx_Rsym_value        0.419 
_reflns_shell.pdbx_chi_squared       0.428 
_reflns_shell.pdbx_redundancy        2.30 
_reflns_shell.percent_possible_obs   ? 
_reflns_shell.number_unique_all      1288 
_reflns_shell.percent_possible_all   98.50 
_reflns_shell.pdbx_ordinal           1 
_reflns_shell.pdbx_diffrn_id         1 
# 
_refine.entry_id                                 2IPQ 
_refine.ls_d_res_high                            2.200 
_refine.ls_d_res_low                             25.000 
_refine.pdbx_ls_sigma_F                          0.00 
_refine.ls_percent_reflns_obs                    99.540 
_refine.ls_number_reflns_obs                     7150 
_refine.pdbx_ls_cross_valid_method               THROUGHOUT 
_refine.pdbx_R_Free_selection_details            RANDOM 
_refine.details                                  'HYDROGENS HAVE BEEN ADDED IN THE RIDING POSITIONS' 
_refine.ls_R_factor_obs                          0.206 
_refine.ls_R_factor_R_work                       0.203 
_refine.ls_R_factor_R_free                       0.27 
_refine.ls_percent_reflns_R_free                 4.700 
_refine.ls_number_reflns_R_free                  336 
_refine.B_iso_mean                               51.887 
_refine.aniso_B[1][1]                            0.710 
_refine.aniso_B[2][2]                            -1.590 
_refine.aniso_B[3][3]                            0.880 
_refine.aniso_B[1][2]                            0.000 
_refine.aniso_B[1][3]                            0.000 
_refine.aniso_B[2][3]                            0.000 
_refine.correlation_coeff_Fo_to_Fc               0.949 
_refine.correlation_coeff_Fo_to_Fc_free          0.926 
_refine.pdbx_overall_ESU_R                       0.282 
_refine.pdbx_overall_ESU_R_Free                  0.236 
_refine.overall_SU_ML                            0.183 
_refine.overall_SU_B                             14.574 
_refine.solvent_model_details                    MASK 
_refine.pdbx_solvent_vdw_probe_radii             1.200 
_refine.pdbx_solvent_ion_probe_radii             0.800 
_refine.pdbx_solvent_shrinkage_radii             0.800 
_refine.pdbx_stereochemistry_target_values       'MAXIMUM LIKELIHOOD' 
_refine.pdbx_ls_sigma_I                          0 
_refine.ls_number_reflns_all                     7150 
_refine.ls_R_factor_all                          0.206 
_refine.ls_redundancy_reflns_obs                 ? 
_refine.pdbx_data_cutoff_high_absF               ? 
_refine.pdbx_data_cutoff_low_absF                ? 
_refine.ls_number_parameters                     ? 
_refine.ls_number_restraints                     ? 
_refine.ls_R_factor_R_free_error                 ? 
_refine.ls_R_factor_R_free_error_details         ? 
_refine.pdbx_method_to_determine_struct          SAD 
_refine.pdbx_starting_model                      ? 
_refine.pdbx_stereochem_target_val_spec_case     ? 
_refine.solvent_model_param_bsol                 ? 
_refine.solvent_model_param_ksol                 ? 
_refine.occupancy_max                            ? 
_refine.occupancy_min                            ? 
_refine.pdbx_isotropic_thermal_model             ? 
_refine.B_iso_min                                ? 
_refine.B_iso_max                                ? 
_refine.overall_SU_R_Cruickshank_DPI             ? 
_refine.overall_SU_R_free                        ? 
_refine.pdbx_data_cutoff_high_rms_absF           ? 
_refine.ls_wR_factor_R_free                      ? 
_refine.ls_wR_factor_R_work                      ? 
_refine.overall_FOM_free_R_set                   ? 
_refine.overall_FOM_work_R_set                   ? 
_refine.pdbx_refine_id                           'X-RAY DIFFRACTION' 
_refine.pdbx_TLS_residual_ADP_flag               'LIKELY RESIDUAL' 
_refine.pdbx_diffrn_id                           1 
_refine.pdbx_overall_phase_error                 ? 
_refine.pdbx_overall_SU_R_free_Cruickshank_DPI   ? 
_refine.pdbx_overall_SU_R_Blow_DPI               ? 
_refine.pdbx_overall_SU_R_free_Blow_DPI          ? 
# 
_refine_hist.pdbx_refine_id                   'X-RAY DIFFRACTION' 
_refine_hist.cycle_id                         LAST 
_refine_hist.pdbx_number_atoms_protein        978 
_refine_hist.pdbx_number_atoms_nucleic_acid   0 
_refine_hist.pdbx_number_atoms_ligand         0 
_refine_hist.number_atoms_solvent             33 
_refine_hist.number_atoms_total               1011 
_refine_hist.d_res_high                       2.200 
_refine_hist.d_res_low                        25.000 
# 
loop_
_refine_ls_restr.type 
_refine_ls_restr.number 
_refine_ls_restr.dev_ideal 
_refine_ls_restr.dev_ideal_target 
_refine_ls_restr.weight 
_refine_ls_restr.pdbx_refine_id 
_refine_ls_restr.pdbx_restraint_function 
r_bond_refined_d         1026 0.014  0.022  ? 'X-RAY DIFFRACTION' ? 
r_angle_refined_deg      1382 1.344  1.945  ? 'X-RAY DIFFRACTION' ? 
r_dihedral_angle_1_deg   124  7.711  5.000  ? 'X-RAY DIFFRACTION' ? 
r_dihedral_angle_2_deg   48   27.801 22.083 ? 'X-RAY DIFFRACTION' ? 
r_dihedral_angle_3_deg   177  23.137 15.000 ? 'X-RAY DIFFRACTION' ? 
r_dihedral_angle_4_deg   9    25.401 15.000 ? 'X-RAY DIFFRACTION' ? 
r_chiral_restr           143  0.112  0.200  ? 'X-RAY DIFFRACTION' ? 
r_gen_planes_refined     783  0.002  0.020  ? 'X-RAY DIFFRACTION' ? 
r_nbd_refined            394  0.248  0.200  ? 'X-RAY DIFFRACTION' ? 
r_nbtor_refined          691  0.328  0.200  ? 'X-RAY DIFFRACTION' ? 
r_xyhbond_nbd_refined    45   0.214  0.200  ? 'X-RAY DIFFRACTION' ? 
r_symmetry_vdw_refined   37   0.299  0.200  ? 'X-RAY DIFFRACTION' ? 
r_symmetry_hbond_refined 7    0.156  0.200  ? 'X-RAY DIFFRACTION' ? 
r_mcbond_it              625  2.133  1.500  ? 'X-RAY DIFFRACTION' ? 
r_mcangle_it             982  2.759  2.000  ? 'X-RAY DIFFRACTION' ? 
r_scbond_it              457  4.491  3.000  ? 'X-RAY DIFFRACTION' ? 
r_scangle_it             400  6.108  4.500  ? 'X-RAY DIFFRACTION' ? 
# 
_refine_ls_shell.d_res_high                       2.200 
_refine_ls_shell.d_res_low                        2.257 
_refine_ls_shell.pdbx_total_number_of_bins_used   20 
_refine_ls_shell.percent_reflns_obs               94.380 
_refine_ls_shell.number_reflns_R_work             462 
_refine_ls_shell.R_factor_all                     ? 
_refine_ls_shell.R_factor_R_work                  0.232 
_refine_ls_shell.R_factor_R_free                  0.235 
_refine_ls_shell.percent_reflns_R_free            ? 
_refine_ls_shell.number_reflns_R_free             25 
_refine_ls_shell.R_factor_R_free_error            ? 
_refine_ls_shell.number_reflns_all                ? 
_refine_ls_shell.number_reflns_obs                487 
_refine_ls_shell.redundancy_reflns_obs            ? 
_refine_ls_shell.pdbx_refine_id                   'X-RAY DIFFRACTION' 
# 
_struct.entry_id                  2IPQ 
_struct.title                     'Crystal structure of C-terminal domain of Salmonella Enterica protein STY4665, PFAM DUF1528' 
_struct.pdbx_model_details        ? 
_struct.pdbx_CASP_flag            ? 
_struct.pdbx_model_type_details   ? 
# 
_struct_keywords.entry_id        2IPQ 
_struct_keywords.text            
;structural genomics, UNKNOWN FUNCTION, PSI, Protein Structure Initiative, New York SGX Research Center for Structural Genomics, NYSGXRC
;
_struct_keywords.pdbx_keywords   'STRUCTURAL GENOMICS, UNKNOWN FUNCTION' 
# 
loop_
_struct_asym.id 
_struct_asym.pdbx_blank_PDB_chainid_flag 
_struct_asym.pdbx_modified 
_struct_asym.entity_id 
_struct_asym.details 
A N N 1 ? 
B N N 2 ? 
# 
_struct_ref.id                         1 
_struct_ref.db_name                    UNP 
_struct_ref.db_code                    Q8Z1C5_SALTI 
_struct_ref.pdbx_db_accession          Q8Z1C5 
_struct_ref.entity_id                  1 
_struct_ref.pdbx_seq_one_letter_code   
;SLSSTELGDLFWSWLRDGLREGDIPVNTADACVHLTCGFVFISVPGVFFLFLKSHSRSCSSGLKESGRKEQVQAAFEKMR
KHRVSDSRRFWQCCLYEEPGGRGRYKKLTGYLIKMSEIYANGNFPDDSLFLKVIN
;
_struct_ref.pdbx_align_begin           395 
_struct_ref.pdbx_db_isoform            ? 
# 
_struct_ref_seq.align_id                      1 
_struct_ref_seq.ref_id                        1 
_struct_ref_seq.pdbx_PDB_id_code              2IPQ 
_struct_ref_seq.pdbx_strand_id                X 
_struct_ref_seq.seq_align_beg                 1 
_struct_ref_seq.pdbx_seq_align_beg_ins_code   ? 
_struct_ref_seq.seq_align_end                 135 
_struct_ref_seq.pdbx_seq_align_end_ins_code   ? 
_struct_ref_seq.pdbx_db_accession             Q8Z1C5 
_struct_ref_seq.db_align_beg                  395 
_struct_ref_seq.pdbx_db_align_beg_ins_code    ? 
_struct_ref_seq.db_align_end                  529 
_struct_ref_seq.pdbx_db_align_end_ins_code    ? 
_struct_ref_seq.pdbx_auth_seq_align_beg       395 
_struct_ref_seq.pdbx_auth_seq_align_end       529 
# 
loop_
_struct_ref_seq_dif.align_id 
_struct_ref_seq_dif.pdbx_pdb_id_code 
_struct_ref_seq_dif.mon_id 
_struct_ref_seq_dif.pdbx_pdb_strand_id 
_struct_ref_seq_dif.seq_num 
_struct_ref_seq_dif.pdbx_pdb_ins_code 
_struct_ref_seq_dif.pdbx_seq_db_name 
_struct_ref_seq_dif.pdbx_seq_db_accession_code 
_struct_ref_seq_dif.db_mon_id 
_struct_ref_seq_dif.pdbx_seq_db_seq_num 
_struct_ref_seq_dif.details 
_struct_ref_seq_dif.pdbx_auth_seq_num 
_struct_ref_seq_dif.pdbx_ordinal 
1 2IPQ MSE X 79  ? UNP Q8Z1C5 MET 473 'modified residue' 473 1 
1 2IPQ MSE X 115 ? UNP Q8Z1C5 MET 509 'modified residue' 509 2 
# 
_pdbx_struct_assembly.id                   1 
_pdbx_struct_assembly.details              author_defined_assembly 
_pdbx_struct_assembly.method_details       ? 
_pdbx_struct_assembly.oligomeric_details   monomeric 
_pdbx_struct_assembly.oligomeric_count     1 
# 
_pdbx_struct_assembly_gen.assembly_id       1 
_pdbx_struct_assembly_gen.oper_expression   1 
_pdbx_struct_assembly_gen.asym_id_list      A,B 
# 
_pdbx_struct_oper_list.id                   1 
_pdbx_struct_oper_list.type                 'identity operation' 
_pdbx_struct_oper_list.name                 1_555 
_pdbx_struct_oper_list.symmetry_operation   x,y,z 
_pdbx_struct_oper_list.matrix[1][1]         1.0000000000 
_pdbx_struct_oper_list.matrix[1][2]         0.0000000000 
_pdbx_struct_oper_list.matrix[1][3]         0.0000000000 
_pdbx_struct_oper_list.vector[1]            0.0000000000 
_pdbx_struct_oper_list.matrix[2][1]         0.0000000000 
_pdbx_struct_oper_list.matrix[2][2]         1.0000000000 
_pdbx_struct_oper_list.matrix[2][3]         0.0000000000 
_pdbx_struct_oper_list.vector[2]            0.0000000000 
_pdbx_struct_oper_list.matrix[3][1]         0.0000000000 
_pdbx_struct_oper_list.matrix[3][2]         0.0000000000 
_pdbx_struct_oper_list.matrix[3][3]         1.0000000000 
_pdbx_struct_oper_list.vector[3]            0.0000000000 
# 
_struct_biol.id   1 
# 
loop_
_struct_conf.conf_type_id 
_struct_conf.id 
_struct_conf.pdbx_PDB_helix_id 
_struct_conf.beg_label_comp_id 
_struct_conf.beg_label_asym_id 
_struct_conf.beg_label_seq_id 
_struct_conf.pdbx_beg_PDB_ins_code 
_struct_conf.end_label_comp_id 
_struct_conf.end_label_asym_id 
_struct_conf.end_label_seq_id 
_struct_conf.pdbx_end_PDB_ins_code 
_struct_conf.beg_auth_comp_id 
_struct_conf.beg_auth_asym_id 
_struct_conf.beg_auth_seq_id 
_struct_conf.end_auth_comp_id 
_struct_conf.end_auth_asym_id 
_struct_conf.end_auth_seq_id 
_struct_conf.pdbx_PDB_helix_class 
_struct_conf.details 
_struct_conf.pdbx_PDB_helix_length 
HELX_P HELX_P1 1 SER A 3   ? GLU A 21  ? SER X 397 GLU X 415 1 ? 19 
HELX_P HELX_P2 2 PRO A 45  ? HIS A 55  ? PRO X 439 HIS X 449 1 ? 11 
HELX_P HELX_P3 3 GLY A 67  ? LYS A 78  ? GLY X 461 LYS X 472 1 ? 12 
HELX_P HELX_P4 4 MSE A 115 ? TYR A 119 ? MSE X 509 TYR X 513 1 ? 5  
# 
_struct_conf_type.id          HELX_P 
_struct_conf_type.criteria    ? 
_struct_conf_type.reference   ? 
# 
loop_
_struct_conn.id 
_struct_conn.conn_type_id 
_struct_conn.pdbx_leaving_atom_flag 
_struct_conn.pdbx_PDB_id 
_struct_conn.ptnr1_label_asym_id 
_struct_conn.ptnr1_label_comp_id 
_struct_conn.ptnr1_label_seq_id 
_struct_conn.ptnr1_label_atom_id 
_struct_conn.pdbx_ptnr1_label_alt_id 
_struct_conn.pdbx_ptnr1_PDB_ins_code 
_struct_conn.pdbx_ptnr1_standard_comp_id 
_struct_conn.ptnr1_symmetry 
_struct_conn.ptnr2_label_asym_id 
_struct_conn.ptnr2_label_comp_id 
_struct_conn.ptnr2_label_seq_id 
_struct_conn.ptnr2_label_atom_id 
_struct_conn.pdbx_ptnr2_label_alt_id 
_struct_conn.pdbx_ptnr2_PDB_ins_code 
_struct_conn.ptnr1_auth_asym_id 
_struct_conn.ptnr1_auth_comp_id 
_struct_conn.ptnr1_auth_seq_id 
_struct_conn.ptnr2_auth_asym_id 
_struct_conn.ptnr2_auth_comp_id 
_struct_conn.ptnr2_auth_seq_id 
_struct_conn.ptnr2_symmetry 
_struct_conn.pdbx_ptnr3_label_atom_id 
_struct_conn.pdbx_ptnr3_label_seq_id 
_struct_conn.pdbx_ptnr3_label_comp_id 
_struct_conn.pdbx_ptnr3_label_asym_id 
_struct_conn.pdbx_ptnr3_label_alt_id 
_struct_conn.pdbx_ptnr3_PDB_ins_code 
_struct_conn.details 
_struct_conn.pdbx_dist_value 
_struct_conn.pdbx_value_order 
_struct_conn.pdbx_role 
covale1 covale both ? A LYS 78  C ? ? ? 1_555 A MSE 79  N ? ? X LYS 472 X MSE 473 1_555 ? ? ? ? ? ? ? 1.329 ? ? 
covale2 covale both ? A MSE 79  C ? ? ? 1_555 A ARG 80  N ? ? X MSE 473 X ARG 474 1_555 ? ? ? ? ? ? ? 1.328 ? ? 
covale3 covale both ? A LYS 114 C ? ? ? 1_555 A MSE 115 N ? ? X LYS 508 X MSE 509 1_555 ? ? ? ? ? ? ? 1.336 ? ? 
covale4 covale both ? A MSE 115 C ? ? ? 1_555 A SER 116 N ? ? X MSE 509 X SER 510 1_555 ? ? ? ? ? ? ? 1.331 ? ? 
# 
_struct_conn_type.id          covale 
_struct_conn_type.criteria    ? 
_struct_conn_type.reference   ? 
# 
loop_
_pdbx_modification_feature.ordinal 
_pdbx_modification_feature.label_comp_id 
_pdbx_modification_feature.label_asym_id 
_pdbx_modification_feature.label_seq_id 
_pdbx_modification_feature.label_alt_id 
_pdbx_modification_feature.modified_residue_label_comp_id 
_pdbx_modification_feature.modified_residue_label_asym_id 
_pdbx_modification_feature.modified_residue_label_seq_id 
_pdbx_modification_feature.modified_residue_label_alt_id 
_pdbx_modification_feature.auth_comp_id 
_pdbx_modification_feature.auth_asym_id 
_pdbx_modification_feature.auth_seq_id 
_pdbx_modification_feature.PDB_ins_code 
_pdbx_modification_feature.symmetry 
_pdbx_modification_feature.modified_residue_auth_comp_id 
_pdbx_modification_feature.modified_residue_auth_asym_id 
_pdbx_modification_feature.modified_residue_auth_seq_id 
_pdbx_modification_feature.modified_residue_PDB_ins_code 
_pdbx_modification_feature.modified_residue_symmetry 
_pdbx_modification_feature.comp_id_linking_atom 
_pdbx_modification_feature.modified_residue_id_linking_atom 
_pdbx_modification_feature.modified_residue_id 
_pdbx_modification_feature.ref_pcm_id 
_pdbx_modification_feature.ref_comp_id 
_pdbx_modification_feature.type 
_pdbx_modification_feature.category 
1 MSE A 79  ? . . . . MSE X 473 ? 1_555 . . . . . . . MET 1 MSE Selenomethionine 'Named protein modification' 
2 MSE A 115 ? . . . . MSE X 509 ? 1_555 . . . . . . . MET 1 MSE Selenomethionine 'Named protein modification' 
# 
_struct_mon_prot_cis.pdbx_id                1 
_struct_mon_prot_cis.label_comp_id          VAL 
_struct_mon_prot_cis.label_seq_id           44 
_struct_mon_prot_cis.label_asym_id          A 
_struct_mon_prot_cis.label_alt_id           . 
_struct_mon_prot_cis.pdbx_PDB_ins_code      ? 
_struct_mon_prot_cis.auth_comp_id           VAL 
_struct_mon_prot_cis.auth_seq_id            438 
_struct_mon_prot_cis.auth_asym_id           X 
_struct_mon_prot_cis.pdbx_label_comp_id_2   PRO 
_struct_mon_prot_cis.pdbx_label_seq_id_2    45 
_struct_mon_prot_cis.pdbx_label_asym_id_2   A 
_struct_mon_prot_cis.pdbx_PDB_ins_code_2    ? 
_struct_mon_prot_cis.pdbx_auth_comp_id_2    PRO 
_struct_mon_prot_cis.pdbx_auth_seq_id_2     439 
_struct_mon_prot_cis.pdbx_auth_asym_id_2    X 
_struct_mon_prot_cis.pdbx_PDB_model_num     1 
_struct_mon_prot_cis.pdbx_omega_angle       6.51 
# 
_struct_sheet.id               A 
_struct_sheet.type             ? 
_struct_sheet.number_strands   5 
_struct_sheet.details          ? 
# 
loop_
_struct_sheet_order.sheet_id 
_struct_sheet_order.range_id_1 
_struct_sheet_order.range_id_2 
_struct_sheet_order.offset 
_struct_sheet_order.sense 
A 1 2 ? anti-parallel 
A 2 3 ? anti-parallel 
A 3 4 ? anti-parallel 
A 4 5 ? anti-parallel 
# 
loop_
_struct_sheet_range.sheet_id 
_struct_sheet_range.id 
_struct_sheet_range.beg_label_comp_id 
_struct_sheet_range.beg_label_asym_id 
_struct_sheet_range.beg_label_seq_id 
_struct_sheet_range.pdbx_beg_PDB_ins_code 
_struct_sheet_range.end_label_comp_id 
_struct_sheet_range.end_label_asym_id 
_struct_sheet_range.end_label_seq_id 
_struct_sheet_range.pdbx_end_PDB_ins_code 
_struct_sheet_range.beg_auth_comp_id 
_struct_sheet_range.beg_auth_asym_id 
_struct_sheet_range.beg_auth_seq_id 
_struct_sheet_range.end_auth_comp_id 
_struct_sheet_range.end_auth_asym_id 
_struct_sheet_range.end_auth_seq_id 
A 1 VAL A 33  ? THR A 36  ? VAL X 427 THR X 430 
A 2 PHE A 39  ? SER A 43  ? PHE X 433 SER X 437 
A 3 ARG A 102 ? LYS A 114 ? ARG X 496 LYS X 508 
A 4 TRP A 91  ? GLU A 98  ? TRP X 485 GLU X 492 
A 5 LEU A 131 ? VAL A 133 ? LEU X 525 VAL X 527 
# 
loop_
_pdbx_struct_sheet_hbond.sheet_id 
_pdbx_struct_sheet_hbond.range_id_1 
_pdbx_struct_sheet_hbond.range_id_2 
_pdbx_struct_sheet_hbond.range_1_label_atom_id 
_pdbx_struct_sheet_hbond.range_1_label_comp_id 
_pdbx_struct_sheet_hbond.range_1_label_asym_id 
_pdbx_struct_sheet_hbond.range_1_label_seq_id 
_pdbx_struct_sheet_hbond.range_1_PDB_ins_code 
_pdbx_struct_sheet_hbond.range_1_auth_atom_id 
_pdbx_struct_sheet_hbond.range_1_auth_comp_id 
_pdbx_struct_sheet_hbond.range_1_auth_asym_id 
_pdbx_struct_sheet_hbond.range_1_auth_seq_id 
_pdbx_struct_sheet_hbond.range_2_label_atom_id 
_pdbx_struct_sheet_hbond.range_2_label_comp_id 
_pdbx_struct_sheet_hbond.range_2_label_asym_id 
_pdbx_struct_sheet_hbond.range_2_label_seq_id 
_pdbx_struct_sheet_hbond.range_2_PDB_ins_code 
_pdbx_struct_sheet_hbond.range_2_auth_atom_id 
_pdbx_struct_sheet_hbond.range_2_auth_comp_id 
_pdbx_struct_sheet_hbond.range_2_auth_asym_id 
_pdbx_struct_sheet_hbond.range_2_auth_seq_id 
A 1 2 N HIS A 34  ? N HIS X 428 O PHE A 41  ? O PHE X 435 
A 2 3 N VAL A 40  ? N VAL X 434 O ILE A 113 ? O ILE X 507 
A 3 4 O LYS A 106 ? O LYS X 500 N LEU A 95  ? N LEU X 489 
A 4 5 N CYS A 94  ? N CYS X 488 O LYS A 132 ? O LYS X 526 
# 
_pdbx_entry_details.entry_id                   2IPQ 
_pdbx_entry_details.compound_details           ? 
_pdbx_entry_details.source_details             ? 
_pdbx_entry_details.nonpolymer_details         ? 
_pdbx_entry_details.sequence_details           ? 
_pdbx_entry_details.has_ligand_of_interest     ? 
_pdbx_entry_details.has_protein_modification   Y 
# 
_pdbx_validate_rmsd_bond.id                        1 
_pdbx_validate_rmsd_bond.PDB_model_num             1 
_pdbx_validate_rmsd_bond.auth_atom_id_1            CZ 
_pdbx_validate_rmsd_bond.auth_asym_id_1            X 
_pdbx_validate_rmsd_bond.auth_comp_id_1            ARG 
_pdbx_validate_rmsd_bond.auth_seq_id_1             474 
_pdbx_validate_rmsd_bond.PDB_ins_code_1            ? 
_pdbx_validate_rmsd_bond.label_alt_id_1            ? 
_pdbx_validate_rmsd_bond.auth_atom_id_2            NH2 
_pdbx_validate_rmsd_bond.auth_asym_id_2            X 
_pdbx_validate_rmsd_bond.auth_comp_id_2            ARG 
_pdbx_validate_rmsd_bond.auth_seq_id_2             474 
_pdbx_validate_rmsd_bond.PDB_ins_code_2            ? 
_pdbx_validate_rmsd_bond.label_alt_id_2            ? 
_pdbx_validate_rmsd_bond.bond_value                1.408 
_pdbx_validate_rmsd_bond.bond_target_value         1.326 
_pdbx_validate_rmsd_bond.bond_deviation            0.082 
_pdbx_validate_rmsd_bond.bond_standard_deviation   0.013 
_pdbx_validate_rmsd_bond.linker_flag               N 
# 
loop_
_pdbx_validate_torsion.id 
_pdbx_validate_torsion.PDB_model_num 
_pdbx_validate_torsion.auth_comp_id 
_pdbx_validate_torsion.auth_asym_id 
_pdbx_validate_torsion.auth_seq_id 
_pdbx_validate_torsion.PDB_ins_code 
_pdbx_validate_torsion.label_alt_id 
_pdbx_validate_torsion.phi 
_pdbx_validate_torsion.psi 
1 1 CYS X 431 ? B 33.20   60.59  
2 1 SER X 481 ? ? 81.12   -10.06 
3 1 ILE X 512 ? ? -104.67 -60.03 
# 
_pdbx_SG_project.id                    1 
_pdbx_SG_project.project_name          'PSI, Protein Structure Initiative' 
_pdbx_SG_project.full_name_of_center   'New York SGX Research Center for Structural Genomics' 
_pdbx_SG_project.initial_of_center     NYSGXRC 
# 
loop_
_pdbx_struct_mod_residue.id 
_pdbx_struct_mod_residue.label_asym_id 
_pdbx_struct_mod_residue.label_comp_id 
_pdbx_struct_mod_residue.label_seq_id 
_pdbx_struct_mod_residue.auth_asym_id 
_pdbx_struct_mod_residue.auth_comp_id 
_pdbx_struct_mod_residue.auth_seq_id 
_pdbx_struct_mod_residue.PDB_ins_code 
_pdbx_struct_mod_residue.parent_comp_id 
_pdbx_struct_mod_residue.details 
1 A MSE 79  X MSE 473 ? MET SELENOMETHIONINE 
2 A MSE 115 X MSE 509 ? MET SELENOMETHIONINE 
# 
_diffrn_reflns.diffrn_id                   1 
_diffrn_reflns.pdbx_d_res_high             2.200 
_diffrn_reflns.pdbx_d_res_low              30.000 
_diffrn_reflns.pdbx_number_obs             13020 
_diffrn_reflns.pdbx_Rmerge_I_obs           0.066 
_diffrn_reflns.pdbx_Rsym_value             ? 
_diffrn_reflns.pdbx_chi_squared            1.02 
_diffrn_reflns.av_sigmaI_over_netI         10.10 
_diffrn_reflns.pdbx_redundancy             3.00 
_diffrn_reflns.pdbx_percent_possible_obs   99.50 
_diffrn_reflns.number                      38459 
_diffrn_reflns.pdbx_observed_criterion     ? 
_diffrn_reflns.limit_h_max                 ? 
_diffrn_reflns.limit_h_min                 ? 
_diffrn_reflns.limit_k_max                 ? 
_diffrn_reflns.limit_k_min                 ? 
_diffrn_reflns.limit_l_max                 ? 
_diffrn_reflns.limit_l_min                 ? 
# 
loop_
_pdbx_diffrn_reflns_shell.diffrn_id 
_pdbx_diffrn_reflns_shell.d_res_high 
_pdbx_diffrn_reflns_shell.d_res_low 
_pdbx_diffrn_reflns_shell.number_obs 
_pdbx_diffrn_reflns_shell.rejects 
_pdbx_diffrn_reflns_shell.Rmerge_I_obs 
_pdbx_diffrn_reflns_shell.Rsym_value 
_pdbx_diffrn_reflns_shell.chi_squared 
_pdbx_diffrn_reflns_shell.redundancy 
_pdbx_diffrn_reflns_shell.percent_possible_obs 
1 4.73 30.00 ? ? 0.037 ? 1.527 2.90 98.00  
1 3.76 4.73  ? ? 0.048 ? 1.736 3.00 99.20  
1 3.29 3.76  ? ? 0.057 ? 1.772 3.00 99.50  
1 2.99 3.29  ? ? 0.083 ? 1.375 3.10 99.80  
1 2.77 2.99  ? ? 0.113 ? 0.897 3.10 100.00 
1 2.61 2.77  ? ? 0.181 ? 0.680 3.10 100.00 
1 2.48 2.61  ? ? 0.236 ? 0.581 3.10 100.00 
1 2.37 2.48  ? ? 0.366 ? 0.527 3.10 100.00 
1 2.28 2.37  ? ? 0.419 ? 0.496 2.90 99.90  
1 2.20 2.28  ? ? 0.491 ? 0.428 2.30 98.50  
# 
loop_
_pdbx_refine_tls.id 
_pdbx_refine_tls.details 
_pdbx_refine_tls.method 
_pdbx_refine_tls.origin_x 
_pdbx_refine_tls.origin_y 
_pdbx_refine_tls.origin_z 
_pdbx_refine_tls.T[1][1] 
_pdbx_refine_tls.T[2][2] 
_pdbx_refine_tls.T[3][3] 
_pdbx_refine_tls.T[1][2] 
_pdbx_refine_tls.T[1][3] 
_pdbx_refine_tls.T[2][3] 
_pdbx_refine_tls.L[1][1] 
_pdbx_refine_tls.L[2][2] 
_pdbx_refine_tls.L[3][3] 
_pdbx_refine_tls.L[1][2] 
_pdbx_refine_tls.L[1][3] 
_pdbx_refine_tls.L[2][3] 
_pdbx_refine_tls.S[1][1] 
_pdbx_refine_tls.S[2][2] 
_pdbx_refine_tls.S[3][3] 
_pdbx_refine_tls.S[1][2] 
_pdbx_refine_tls.S[1][3] 
_pdbx_refine_tls.S[2][3] 
_pdbx_refine_tls.S[2][1] 
_pdbx_refine_tls.S[3][1] 
_pdbx_refine_tls.S[3][2] 
_pdbx_refine_tls.pdbx_refine_id 
1 ? refined 1.2045  3.1748  -3.1272 -0.4458 -0.1809 -0.2012 0.0296 0.0325 0.0239  4.4315 8.5918 6.6665 -3.0168 -0.0842 -2.1162 0.1084  0.0073 -0.1157 0.1865 0.4745  -0.3230 -0.1966 -0.2997 0.1317  'X-RAY DIFFRACTION' 
2 ? refined -1.3605 -3.1024 2.1399  -0.3746 -0.1418 -0.1428 0.0442 0.0166 -0.0180 4.5107 7.3740 4.7072 -3.2759 -0.2817 -0.0363 -0.0586 0.1434 -0.0848 0.1165 -0.1935 0.2256  -0.0813 0.0517  -0.2732 'X-RAY DIFFRACTION' 
# 
loop_
_pdbx_refine_tls_group.id 
_pdbx_refine_tls_group.refine_tls_id 
_pdbx_refine_tls_group.beg_label_asym_id 
_pdbx_refine_tls_group.beg_label_seq_id 
_pdbx_refine_tls_group.end_label_asym_id 
_pdbx_refine_tls_group.end_label_seq_id 
_pdbx_refine_tls_group.selection 
_pdbx_refine_tls_group.beg_auth_asym_id 
_pdbx_refine_tls_group.beg_auth_seq_id 
_pdbx_refine_tls_group.end_auth_asym_id 
_pdbx_refine_tls_group.end_auth_seq_id 
_pdbx_refine_tls_group.pdbx_refine_id 
_pdbx_refine_tls_group.selection_details 
1 1 A 5  A 54  ALL X 399 X 448 'X-RAY DIFFRACTION' ? 
2 2 A 67 A 134 ALL X 461 X 528 'X-RAY DIFFRACTION' ? 
# 
_pdbx_database_remark.id     300 
_pdbx_database_remark.text   
;BIOMOLECULE: 1  
THIS ENTRY CONTAINS THE CRYSTALLOGRAPHIC ASYMMETRIC   
UNIT WHICH CONSISTS OF 1 CHAIN. THE AUTHOR STATES   
THAT THE BIOLOGICAL UNIT OF THIS PROTEIN IS UNKNOWN.
;
# 
loop_
_pdbx_unobs_or_zero_occ_residues.id 
_pdbx_unobs_or_zero_occ_residues.PDB_model_num 
_pdbx_unobs_or_zero_occ_residues.polymer_flag 
_pdbx_unobs_or_zero_occ_residues.occupancy_flag 
_pdbx_unobs_or_zero_occ_residues.auth_asym_id 
_pdbx_unobs_or_zero_occ_residues.auth_comp_id 
_pdbx_unobs_or_zero_occ_residues.auth_seq_id 
_pdbx_unobs_or_zero_occ_residues.PDB_ins_code 
_pdbx_unobs_or_zero_occ_residues.label_asym_id 
_pdbx_unobs_or_zero_occ_residues.label_comp_id 
_pdbx_unobs_or_zero_occ_residues.label_seq_id 
1  1 Y 1 X SER 395 ? A SER 1   
2  1 Y 1 X SER 450 ? A SER 56  
3  1 Y 1 X ARG 451 ? A ARG 57  
4  1 Y 1 X SER 452 ? A SER 58  
5  1 Y 1 X CYS 453 ? A CYS 59  
6  1 Y 1 X SER 454 ? A SER 60  
7  1 Y 1 X SER 455 ? A SER 61  
8  1 Y 1 X GLY 456 ? A GLY 62  
9  1 Y 1 X LEU 457 ? A LEU 63  
10 1 Y 1 X LYS 458 ? A LYS 64  
11 1 Y 1 X GLU 459 ? A GLU 65  
12 1 Y 1 X SER 460 ? A SER 66  
13 1 Y 1 X ALA 514 ? A ALA 120 
14 1 Y 1 X ASN 529 ? A ASN 135 
# 
loop_
_chem_comp_atom.comp_id 
_chem_comp_atom.atom_id 
_chem_comp_atom.type_symbol 
_chem_comp_atom.pdbx_aromatic_flag 
_chem_comp_atom.pdbx_stereo_config 
_chem_comp_atom.pdbx_ordinal 
ALA N    N  N N 1   
ALA CA   C  N S 2   
ALA C    C  N N 3   
ALA O    O  N N 4   
ALA CB   C  N N 5   
ALA OXT  O  N N 6   
ALA H    H  N N 7   
ALA H2   H  N N 8   
ALA HA   H  N N 9   
ALA HB1  H  N N 10  
ALA HB2  H  N N 11  
ALA HB3  H  N N 12  
ALA HXT  H  N N 13  
ARG N    N  N N 14  
ARG CA   C  N S 15  
ARG C    C  N N 16  
ARG O    O  N N 17  
ARG CB   C  N N 18  
ARG CG   C  N N 19  
ARG CD   C  N N 20  
ARG NE   N  N N 21  
ARG CZ   C  N N 22  
ARG NH1  N  N N 23  
ARG NH2  N  N N 24  
ARG OXT  O  N N 25  
ARG H    H  N N 26  
ARG H2   H  N N 27  
ARG HA   H  N N 28  
ARG HB2  H  N N 29  
ARG HB3  H  N N 30  
ARG HG2  H  N N 31  
ARG HG3  H  N N 32  
ARG HD2  H  N N 33  
ARG HD3  H  N N 34  
ARG HE   H  N N 35  
ARG HH11 H  N N 36  
ARG HH12 H  N N 37  
ARG HH21 H  N N 38  
ARG HH22 H  N N 39  
ARG HXT  H  N N 40  
ASN N    N  N N 41  
ASN CA   C  N S 42  
ASN C    C  N N 43  
ASN O    O  N N 44  
ASN CB   C  N N 45  
ASN CG   C  N N 46  
ASN OD1  O  N N 47  
ASN ND2  N  N N 48  
ASN OXT  O  N N 49  
ASN H    H  N N 50  
ASN H2   H  N N 51  
ASN HA   H  N N 52  
ASN HB2  H  N N 53  
ASN HB3  H  N N 54  
ASN HD21 H  N N 55  
ASN HD22 H  N N 56  
ASN HXT  H  N N 57  
ASP N    N  N N 58  
ASP CA   C  N S 59  
ASP C    C  N N 60  
ASP O    O  N N 61  
ASP CB   C  N N 62  
ASP CG   C  N N 63  
ASP OD1  O  N N 64  
ASP OD2  O  N N 65  
ASP OXT  O  N N 66  
ASP H    H  N N 67  
ASP H2   H  N N 68  
ASP HA   H  N N 69  
ASP HB2  H  N N 70  
ASP HB3  H  N N 71  
ASP HD2  H  N N 72  
ASP HXT  H  N N 73  
CYS N    N  N N 74  
CYS CA   C  N R 75  
CYS C    C  N N 76  
CYS O    O  N N 77  
CYS CB   C  N N 78  
CYS SG   S  N N 79  
CYS OXT  O  N N 80  
CYS H    H  N N 81  
CYS H2   H  N N 82  
CYS HA   H  N N 83  
CYS HB2  H  N N 84  
CYS HB3  H  N N 85  
CYS HG   H  N N 86  
CYS HXT  H  N N 87  
GLN N    N  N N 88  
GLN CA   C  N S 89  
GLN C    C  N N 90  
GLN O    O  N N 91  
GLN CB   C  N N 92  
GLN CG   C  N N 93  
GLN CD   C  N N 94  
GLN OE1  O  N N 95  
GLN NE2  N  N N 96  
GLN OXT  O  N N 97  
GLN H    H  N N 98  
GLN H2   H  N N 99  
GLN HA   H  N N 100 
GLN HB2  H  N N 101 
GLN HB3  H  N N 102 
GLN HG2  H  N N 103 
GLN HG3  H  N N 104 
GLN HE21 H  N N 105 
GLN HE22 H  N N 106 
GLN HXT  H  N N 107 
GLU N    N  N N 108 
GLU CA   C  N S 109 
GLU C    C  N N 110 
GLU O    O  N N 111 
GLU CB   C  N N 112 
GLU CG   C  N N 113 
GLU CD   C  N N 114 
GLU OE1  O  N N 115 
GLU OE2  O  N N 116 
GLU OXT  O  N N 117 
GLU H    H  N N 118 
GLU H2   H  N N 119 
GLU HA   H  N N 120 
GLU HB2  H  N N 121 
GLU HB3  H  N N 122 
GLU HG2  H  N N 123 
GLU HG3  H  N N 124 
GLU HE2  H  N N 125 
GLU HXT  H  N N 126 
GLY N    N  N N 127 
GLY CA   C  N N 128 
GLY C    C  N N 129 
GLY O    O  N N 130 
GLY OXT  O  N N 131 
GLY H    H  N N 132 
GLY H2   H  N N 133 
GLY HA2  H  N N 134 
GLY HA3  H  N N 135 
GLY HXT  H  N N 136 
HIS N    N  N N 137 
HIS CA   C  N S 138 
HIS C    C  N N 139 
HIS O    O  N N 140 
HIS CB   C  N N 141 
HIS CG   C  Y N 142 
HIS ND1  N  Y N 143 
HIS CD2  C  Y N 144 
HIS CE1  C  Y N 145 
HIS NE2  N  Y N 146 
HIS OXT  O  N N 147 
HIS H    H  N N 148 
HIS H2   H  N N 149 
HIS HA   H  N N 150 
HIS HB2  H  N N 151 
HIS HB3  H  N N 152 
HIS HD1  H  N N 153 
HIS HD2  H  N N 154 
HIS HE1  H  N N 155 
HIS HE2  H  N N 156 
HIS HXT  H  N N 157 
HOH O    O  N N 158 
HOH H1   H  N N 159 
HOH H2   H  N N 160 
ILE N    N  N N 161 
ILE CA   C  N S 162 
ILE C    C  N N 163 
ILE O    O  N N 164 
ILE CB   C  N S 165 
ILE CG1  C  N N 166 
ILE CG2  C  N N 167 
ILE CD1  C  N N 168 
ILE OXT  O  N N 169 
ILE H    H  N N 170 
ILE H2   H  N N 171 
ILE HA   H  N N 172 
ILE HB   H  N N 173 
ILE HG12 H  N N 174 
ILE HG13 H  N N 175 
ILE HG21 H  N N 176 
ILE HG22 H  N N 177 
ILE HG23 H  N N 178 
ILE HD11 H  N N 179 
ILE HD12 H  N N 180 
ILE HD13 H  N N 181 
ILE HXT  H  N N 182 
LEU N    N  N N 183 
LEU CA   C  N S 184 
LEU C    C  N N 185 
LEU O    O  N N 186 
LEU CB   C  N N 187 
LEU CG   C  N N 188 
LEU CD1  C  N N 189 
LEU CD2  C  N N 190 
LEU OXT  O  N N 191 
LEU H    H  N N 192 
LEU H2   H  N N 193 
LEU HA   H  N N 194 
LEU HB2  H  N N 195 
LEU HB3  H  N N 196 
LEU HG   H  N N 197 
LEU HD11 H  N N 198 
LEU HD12 H  N N 199 
LEU HD13 H  N N 200 
LEU HD21 H  N N 201 
LEU HD22 H  N N 202 
LEU HD23 H  N N 203 
LEU HXT  H  N N 204 
LYS N    N  N N 205 
LYS CA   C  N S 206 
LYS C    C  N N 207 
LYS O    O  N N 208 
LYS CB   C  N N 209 
LYS CG   C  N N 210 
LYS CD   C  N N 211 
LYS CE   C  N N 212 
LYS NZ   N  N N 213 
LYS OXT  O  N N 214 
LYS H    H  N N 215 
LYS H2   H  N N 216 
LYS HA   H  N N 217 
LYS HB2  H  N N 218 
LYS HB3  H  N N 219 
LYS HG2  H  N N 220 
LYS HG3  H  N N 221 
LYS HD2  H  N N 222 
LYS HD3  H  N N 223 
LYS HE2  H  N N 224 
LYS HE3  H  N N 225 
LYS HZ1  H  N N 226 
LYS HZ2  H  N N 227 
LYS HZ3  H  N N 228 
LYS HXT  H  N N 229 
MET N    N  N N 230 
MET CA   C  N S 231 
MET C    C  N N 232 
MET O    O  N N 233 
MET CB   C  N N 234 
MET CG   C  N N 235 
MET SD   S  N N 236 
MET CE   C  N N 237 
MET OXT  O  N N 238 
MET H    H  N N 239 
MET H2   H  N N 240 
MET HA   H  N N 241 
MET HB2  H  N N 242 
MET HB3  H  N N 243 
MET HG2  H  N N 244 
MET HG3  H  N N 245 
MET HE1  H  N N 246 
MET HE2  H  N N 247 
MET HE3  H  N N 248 
MET HXT  H  N N 249 
MSE N    N  N N 250 
MSE CA   C  N S 251 
MSE C    C  N N 252 
MSE O    O  N N 253 
MSE OXT  O  N N 254 
MSE CB   C  N N 255 
MSE CG   C  N N 256 
MSE SE   SE N N 257 
MSE CE   C  N N 258 
MSE H    H  N N 259 
MSE H2   H  N N 260 
MSE HA   H  N N 261 
MSE HXT  H  N N 262 
MSE HB2  H  N N 263 
MSE HB3  H  N N 264 
MSE HG2  H  N N 265 
MSE HG3  H  N N 266 
MSE HE1  H  N N 267 
MSE HE2  H  N N 268 
MSE HE3  H  N N 269 
PHE N    N  N N 270 
PHE CA   C  N S 271 
PHE C    C  N N 272 
PHE O    O  N N 273 
PHE CB   C  N N 274 
PHE CG   C  Y N 275 
PHE CD1  C  Y N 276 
PHE CD2  C  Y N 277 
PHE CE1  C  Y N 278 
PHE CE2  C  Y N 279 
PHE CZ   C  Y N 280 
PHE OXT  O  N N 281 
PHE H    H  N N 282 
PHE H2   H  N N 283 
PHE HA   H  N N 284 
PHE HB2  H  N N 285 
PHE HB3  H  N N 286 
PHE HD1  H  N N 287 
PHE HD2  H  N N 288 
PHE HE1  H  N N 289 
PHE HE2  H  N N 290 
PHE HZ   H  N N 291 
PHE HXT  H  N N 292 
PRO N    N  N N 293 
PRO CA   C  N S 294 
PRO C    C  N N 295 
PRO O    O  N N 296 
PRO CB   C  N N 297 
PRO CG   C  N N 298 
PRO CD   C  N N 299 
PRO OXT  O  N N 300 
PRO H    H  N N 301 
PRO HA   H  N N 302 
PRO HB2  H  N N 303 
PRO HB3  H  N N 304 
PRO HG2  H  N N 305 
PRO HG3  H  N N 306 
PRO HD2  H  N N 307 
PRO HD3  H  N N 308 
PRO HXT  H  N N 309 
SER N    N  N N 310 
SER CA   C  N S 311 
SER C    C  N N 312 
SER O    O  N N 313 
SER CB   C  N N 314 
SER OG   O  N N 315 
SER OXT  O  N N 316 
SER H    H  N N 317 
SER H2   H  N N 318 
SER HA   H  N N 319 
SER HB2  H  N N 320 
SER HB3  H  N N 321 
SER HG   H  N N 322 
SER HXT  H  N N 323 
THR N    N  N N 324 
THR CA   C  N S 325 
THR C    C  N N 326 
THR O    O  N N 327 
THR CB   C  N R 328 
THR OG1  O  N N 329 
THR CG2  C  N N 330 
THR OXT  O  N N 331 
THR H    H  N N 332 
THR H2   H  N N 333 
THR HA   H  N N 334 
THR HB   H  N N 335 
THR HG1  H  N N 336 
THR HG21 H  N N 337 
THR HG22 H  N N 338 
THR HG23 H  N N 339 
THR HXT  H  N N 340 
TRP N    N  N N 341 
TRP CA   C  N S 342 
TRP C    C  N N 343 
TRP O    O  N N 344 
TRP CB   C  N N 345 
TRP CG   C  Y N 346 
TRP CD1  C  Y N 347 
TRP CD2  C  Y N 348 
TRP NE1  N  Y N 349 
TRP CE2  C  Y N 350 
TRP CE3  C  Y N 351 
TRP CZ2  C  Y N 352 
TRP CZ3  C  Y N 353 
TRP CH2  C  Y N 354 
TRP OXT  O  N N 355 
TRP H    H  N N 356 
TRP H2   H  N N 357 
TRP HA   H  N N 358 
TRP HB2  H  N N 359 
TRP HB3  H  N N 360 
TRP HD1  H  N N 361 
TRP HE1  H  N N 362 
TRP HE3  H  N N 363 
TRP HZ2  H  N N 364 
TRP HZ3  H  N N 365 
TRP HH2  H  N N 366 
TRP HXT  H  N N 367 
TYR N    N  N N 368 
TYR CA   C  N S 369 
TYR C    C  N N 370 
TYR O    O  N N 371 
TYR CB   C  N N 372 
TYR CG   C  Y N 373 
TYR CD1  C  Y N 374 
TYR CD2  C  Y N 375 
TYR CE1  C  Y N 376 
TYR CE2  C  Y N 377 
TYR CZ   C  Y N 378 
TYR OH   O  N N 379 
TYR OXT  O  N N 380 
TYR H    H  N N 381 
TYR H2   H  N N 382 
TYR HA   H  N N 383 
TYR HB2  H  N N 384 
TYR HB3  H  N N 385 
TYR HD1  H  N N 386 
TYR HD2  H  N N 387 
TYR HE1  H  N N 388 
TYR HE2  H  N N 389 
TYR HH   H  N N 390 
TYR HXT  H  N N 391 
VAL N    N  N N 392 
VAL CA   C  N S 393 
VAL C    C  N N 394 
VAL O    O  N N 395 
VAL CB   C  N N 396 
VAL CG1  C  N N 397 
VAL CG2  C  N N 398 
VAL OXT  O  N N 399 
VAL H    H  N N 400 
VAL H2   H  N N 401 
VAL HA   H  N N 402 
VAL HB   H  N N 403 
VAL HG11 H  N N 404 
VAL HG12 H  N N 405 
VAL HG13 H  N N 406 
VAL HG21 H  N N 407 
VAL HG22 H  N N 408 
VAL HG23 H  N N 409 
VAL HXT  H  N N 410 
# 
loop_
_chem_comp_bond.comp_id 
_chem_comp_bond.atom_id_1 
_chem_comp_bond.atom_id_2 
_chem_comp_bond.value_order 
_chem_comp_bond.pdbx_aromatic_flag 
_chem_comp_bond.pdbx_stereo_config 
_chem_comp_bond.pdbx_ordinal 
ALA N   CA   sing N N 1   
ALA N   H    sing N N 2   
ALA N   H2   sing N N 3   
ALA CA  C    sing N N 4   
ALA CA  CB   sing N N 5   
ALA CA  HA   sing N N 6   
ALA C   O    doub N N 7   
ALA C   OXT  sing N N 8   
ALA CB  HB1  sing N N 9   
ALA CB  HB2  sing N N 10  
ALA CB  HB3  sing N N 11  
ALA OXT HXT  sing N N 12  
ARG N   CA   sing N N 13  
ARG N   H    sing N N 14  
ARG N   H2   sing N N 15  
ARG CA  C    sing N N 16  
ARG CA  CB   sing N N 17  
ARG CA  HA   sing N N 18  
ARG C   O    doub N N 19  
ARG C   OXT  sing N N 20  
ARG CB  CG   sing N N 21  
ARG CB  HB2  sing N N 22  
ARG CB  HB3  sing N N 23  
ARG CG  CD   sing N N 24  
ARG CG  HG2  sing N N 25  
ARG CG  HG3  sing N N 26  
ARG CD  NE   sing N N 27  
ARG CD  HD2  sing N N 28  
ARG CD  HD3  sing N N 29  
ARG NE  CZ   sing N N 30  
ARG NE  HE   sing N N 31  
ARG CZ  NH1  sing N N 32  
ARG CZ  NH2  doub N N 33  
ARG NH1 HH11 sing N N 34  
ARG NH1 HH12 sing N N 35  
ARG NH2 HH21 sing N N 36  
ARG NH2 HH22 sing N N 37  
ARG OXT HXT  sing N N 38  
ASN N   CA   sing N N 39  
ASN N   H    sing N N 40  
ASN N   H2   sing N N 41  
ASN CA  C    sing N N 42  
ASN CA  CB   sing N N 43  
ASN CA  HA   sing N N 44  
ASN C   O    doub N N 45  
ASN C   OXT  sing N N 46  
ASN CB  CG   sing N N 47  
ASN CB  HB2  sing N N 48  
ASN CB  HB3  sing N N 49  
ASN CG  OD1  doub N N 50  
ASN CG  ND2  sing N N 51  
ASN ND2 HD21 sing N N 52  
ASN ND2 HD22 sing N N 53  
ASN OXT HXT  sing N N 54  
ASP N   CA   sing N N 55  
ASP N   H    sing N N 56  
ASP N   H2   sing N N 57  
ASP CA  C    sing N N 58  
ASP CA  CB   sing N N 59  
ASP CA  HA   sing N N 60  
ASP C   O    doub N N 61  
ASP C   OXT  sing N N 62  
ASP CB  CG   sing N N 63  
ASP CB  HB2  sing N N 64  
ASP CB  HB3  sing N N 65  
ASP CG  OD1  doub N N 66  
ASP CG  OD2  sing N N 67  
ASP OD2 HD2  sing N N 68  
ASP OXT HXT  sing N N 69  
CYS N   CA   sing N N 70  
CYS N   H    sing N N 71  
CYS N   H2   sing N N 72  
CYS CA  C    sing N N 73  
CYS CA  CB   sing N N 74  
CYS CA  HA   sing N N 75  
CYS C   O    doub N N 76  
CYS C   OXT  sing N N 77  
CYS CB  SG   sing N N 78  
CYS CB  HB2  sing N N 79  
CYS CB  HB3  sing N N 80  
CYS SG  HG   sing N N 81  
CYS OXT HXT  sing N N 82  
GLN N   CA   sing N N 83  
GLN N   H    sing N N 84  
GLN N   H2   sing N N 85  
GLN CA  C    sing N N 86  
GLN CA  CB   sing N N 87  
GLN CA  HA   sing N N 88  
GLN C   O    doub N N 89  
GLN C   OXT  sing N N 90  
GLN CB  CG   sing N N 91  
GLN CB  HB2  sing N N 92  
GLN CB  HB3  sing N N 93  
GLN CG  CD   sing N N 94  
GLN CG  HG2  sing N N 95  
GLN CG  HG3  sing N N 96  
GLN CD  OE1  doub N N 97  
GLN CD  NE2  sing N N 98  
GLN NE2 HE21 sing N N 99  
GLN NE2 HE22 sing N N 100 
GLN OXT HXT  sing N N 101 
GLU N   CA   sing N N 102 
GLU N   H    sing N N 103 
GLU N   H2   sing N N 104 
GLU CA  C    sing N N 105 
GLU CA  CB   sing N N 106 
GLU CA  HA   sing N N 107 
GLU C   O    doub N N 108 
GLU C   OXT  sing N N 109 
GLU CB  CG   sing N N 110 
GLU CB  HB2  sing N N 111 
GLU CB  HB3  sing N N 112 
GLU CG  CD   sing N N 113 
GLU CG  HG2  sing N N 114 
GLU CG  HG3  sing N N 115 
GLU CD  OE1  doub N N 116 
GLU CD  OE2  sing N N 117 
GLU OE2 HE2  sing N N 118 
GLU OXT HXT  sing N N 119 
GLY N   CA   sing N N 120 
GLY N   H    sing N N 121 
GLY N   H2   sing N N 122 
GLY CA  C    sing N N 123 
GLY CA  HA2  sing N N 124 
GLY CA  HA3  sing N N 125 
GLY C   O    doub N N 126 
GLY C   OXT  sing N N 127 
GLY OXT HXT  sing N N 128 
HIS N   CA   sing N N 129 
HIS N   H    sing N N 130 
HIS N   H2   sing N N 131 
HIS CA  C    sing N N 132 
HIS CA  CB   sing N N 133 
HIS CA  HA   sing N N 134 
HIS C   O    doub N N 135 
HIS C   OXT  sing N N 136 
HIS CB  CG   sing N N 137 
HIS CB  HB2  sing N N 138 
HIS CB  HB3  sing N N 139 
HIS CG  ND1  sing Y N 140 
HIS CG  CD2  doub Y N 141 
HIS ND1 CE1  doub Y N 142 
HIS ND1 HD1  sing N N 143 
HIS CD2 NE2  sing Y N 144 
HIS CD2 HD2  sing N N 145 
HIS CE1 NE2  sing Y N 146 
HIS CE1 HE1  sing N N 147 
HIS NE2 HE2  sing N N 148 
HIS OXT HXT  sing N N 149 
HOH O   H1   sing N N 150 
HOH O   H2   sing N N 151 
ILE N   CA   sing N N 152 
ILE N   H    sing N N 153 
ILE N   H2   sing N N 154 
ILE CA  C    sing N N 155 
ILE CA  CB   sing N N 156 
ILE CA  HA   sing N N 157 
ILE C   O    doub N N 158 
ILE C   OXT  sing N N 159 
ILE CB  CG1  sing N N 160 
ILE CB  CG2  sing N N 161 
ILE CB  HB   sing N N 162 
ILE CG1 CD1  sing N N 163 
ILE CG1 HG12 sing N N 164 
ILE CG1 HG13 sing N N 165 
ILE CG2 HG21 sing N N 166 
ILE CG2 HG22 sing N N 167 
ILE CG2 HG23 sing N N 168 
ILE CD1 HD11 sing N N 169 
ILE CD1 HD12 sing N N 170 
ILE CD1 HD13 sing N N 171 
ILE OXT HXT  sing N N 172 
LEU N   CA   sing N N 173 
LEU N   H    sing N N 174 
LEU N   H2   sing N N 175 
LEU CA  C    sing N N 176 
LEU CA  CB   sing N N 177 
LEU CA  HA   sing N N 178 
LEU C   O    doub N N 179 
LEU C   OXT  sing N N 180 
LEU CB  CG   sing N N 181 
LEU CB  HB2  sing N N 182 
LEU CB  HB3  sing N N 183 
LEU CG  CD1  sing N N 184 
LEU CG  CD2  sing N N 185 
LEU CG  HG   sing N N 186 
LEU CD1 HD11 sing N N 187 
LEU CD1 HD12 sing N N 188 
LEU CD1 HD13 sing N N 189 
LEU CD2 HD21 sing N N 190 
LEU CD2 HD22 sing N N 191 
LEU CD2 HD23 sing N N 192 
LEU OXT HXT  sing N N 193 
LYS N   CA   sing N N 194 
LYS N   H    sing N N 195 
LYS N   H2   sing N N 196 
LYS CA  C    sing N N 197 
LYS CA  CB   sing N N 198 
LYS CA  HA   sing N N 199 
LYS C   O    doub N N 200 
LYS C   OXT  sing N N 201 
LYS CB  CG   sing N N 202 
LYS CB  HB2  sing N N 203 
LYS CB  HB3  sing N N 204 
LYS CG  CD   sing N N 205 
LYS CG  HG2  sing N N 206 
LYS CG  HG3  sing N N 207 
LYS CD  CE   sing N N 208 
LYS CD  HD2  sing N N 209 
LYS CD  HD3  sing N N 210 
LYS CE  NZ   sing N N 211 
LYS CE  HE2  sing N N 212 
LYS CE  HE3  sing N N 213 
LYS NZ  HZ1  sing N N 214 
LYS NZ  HZ2  sing N N 215 
LYS NZ  HZ3  sing N N 216 
LYS OXT HXT  sing N N 217 
MET N   CA   sing N N 218 
MET N   H    sing N N 219 
MET N   H2   sing N N 220 
MET CA  C    sing N N 221 
MET CA  CB   sing N N 222 
MET CA  HA   sing N N 223 
MET C   O    doub N N 224 
MET C   OXT  sing N N 225 
MET CB  CG   sing N N 226 
MET CB  HB2  sing N N 227 
MET CB  HB3  sing N N 228 
MET CG  SD   sing N N 229 
MET CG  HG2  sing N N 230 
MET CG  HG3  sing N N 231 
MET SD  CE   sing N N 232 
MET CE  HE1  sing N N 233 
MET CE  HE2  sing N N 234 
MET CE  HE3  sing N N 235 
MET OXT HXT  sing N N 236 
MSE N   CA   sing N N 237 
MSE N   H    sing N N 238 
MSE N   H2   sing N N 239 
MSE CA  C    sing N N 240 
MSE CA  CB   sing N N 241 
MSE CA  HA   sing N N 242 
MSE C   O    doub N N 243 
MSE C   OXT  sing N N 244 
MSE OXT HXT  sing N N 245 
MSE CB  CG   sing N N 246 
MSE CB  HB2  sing N N 247 
MSE CB  HB3  sing N N 248 
MSE CG  SE   sing N N 249 
MSE CG  HG2  sing N N 250 
MSE CG  HG3  sing N N 251 
MSE SE  CE   sing N N 252 
MSE CE  HE1  sing N N 253 
MSE CE  HE2  sing N N 254 
MSE CE  HE3  sing N N 255 
PHE N   CA   sing N N 256 
PHE N   H    sing N N 257 
PHE N   H2   sing N N 258 
PHE CA  C    sing N N 259 
PHE CA  CB   sing N N 260 
PHE CA  HA   sing N N 261 
PHE C   O    doub N N 262 
PHE C   OXT  sing N N 263 
PHE CB  CG   sing N N 264 
PHE CB  HB2  sing N N 265 
PHE CB  HB3  sing N N 266 
PHE CG  CD1  doub Y N 267 
PHE CG  CD2  sing Y N 268 
PHE CD1 CE1  sing Y N 269 
PHE CD1 HD1  sing N N 270 
PHE CD2 CE2  doub Y N 271 
PHE CD2 HD2  sing N N 272 
PHE CE1 CZ   doub Y N 273 
PHE CE1 HE1  sing N N 274 
PHE CE2 CZ   sing Y N 275 
PHE CE2 HE2  sing N N 276 
PHE CZ  HZ   sing N N 277 
PHE OXT HXT  sing N N 278 
PRO N   CA   sing N N 279 
PRO N   CD   sing N N 280 
PRO N   H    sing N N 281 
PRO CA  C    sing N N 282 
PRO CA  CB   sing N N 283 
PRO CA  HA   sing N N 284 
PRO C   O    doub N N 285 
PRO C   OXT  sing N N 286 
PRO CB  CG   sing N N 287 
PRO CB  HB2  sing N N 288 
PRO CB  HB3  sing N N 289 
PRO CG  CD   sing N N 290 
PRO CG  HG2  sing N N 291 
PRO CG  HG3  sing N N 292 
PRO CD  HD2  sing N N 293 
PRO CD  HD3  sing N N 294 
PRO OXT HXT  sing N N 295 
SER N   CA   sing N N 296 
SER N   H    sing N N 297 
SER N   H2   sing N N 298 
SER CA  C    sing N N 299 
SER CA  CB   sing N N 300 
SER CA  HA   sing N N 301 
SER C   O    doub N N 302 
SER C   OXT  sing N N 303 
SER CB  OG   sing N N 304 
SER CB  HB2  sing N N 305 
SER CB  HB3  sing N N 306 
SER OG  HG   sing N N 307 
SER OXT HXT  sing N N 308 
THR N   CA   sing N N 309 
THR N   H    sing N N 310 
THR N   H2   sing N N 311 
THR CA  C    sing N N 312 
THR CA  CB   sing N N 313 
THR CA  HA   sing N N 314 
THR C   O    doub N N 315 
THR C   OXT  sing N N 316 
THR CB  OG1  sing N N 317 
THR CB  CG2  sing N N 318 
THR CB  HB   sing N N 319 
THR OG1 HG1  sing N N 320 
THR CG2 HG21 sing N N 321 
THR CG2 HG22 sing N N 322 
THR CG2 HG23 sing N N 323 
THR OXT HXT  sing N N 324 
TRP N   CA   sing N N 325 
TRP N   H    sing N N 326 
TRP N   H2   sing N N 327 
TRP CA  C    sing N N 328 
TRP CA  CB   sing N N 329 
TRP CA  HA   sing N N 330 
TRP C   O    doub N N 331 
TRP C   OXT  sing N N 332 
TRP CB  CG   sing N N 333 
TRP CB  HB2  sing N N 334 
TRP CB  HB3  sing N N 335 
TRP CG  CD1  doub Y N 336 
TRP CG  CD2  sing Y N 337 
TRP CD1 NE1  sing Y N 338 
TRP CD1 HD1  sing N N 339 
TRP CD2 CE2  doub Y N 340 
TRP CD2 CE3  sing Y N 341 
TRP NE1 CE2  sing Y N 342 
TRP NE1 HE1  sing N N 343 
TRP CE2 CZ2  sing Y N 344 
TRP CE3 CZ3  doub Y N 345 
TRP CE3 HE3  sing N N 346 
TRP CZ2 CH2  doub Y N 347 
TRP CZ2 HZ2  sing N N 348 
TRP CZ3 CH2  sing Y N 349 
TRP CZ3 HZ3  sing N N 350 
TRP CH2 HH2  sing N N 351 
TRP OXT HXT  sing N N 352 
TYR N   CA   sing N N 353 
TYR N   H    sing N N 354 
TYR N   H2   sing N N 355 
TYR CA  C    sing N N 356 
TYR CA  CB   sing N N 357 
TYR CA  HA   sing N N 358 
TYR C   O    doub N N 359 
TYR C   OXT  sing N N 360 
TYR CB  CG   sing N N 361 
TYR CB  HB2  sing N N 362 
TYR CB  HB3  sing N N 363 
TYR CG  CD1  doub Y N 364 
TYR CG  CD2  sing Y N 365 
TYR CD1 CE1  sing Y N 366 
TYR CD1 HD1  sing N N 367 
TYR CD2 CE2  doub Y N 368 
TYR CD2 HD2  sing N N 369 
TYR CE1 CZ   doub Y N 370 
TYR CE1 HE1  sing N N 371 
TYR CE2 CZ   sing Y N 372 
TYR CE2 HE2  sing N N 373 
TYR CZ  OH   sing N N 374 
TYR OH  HH   sing N N 375 
TYR OXT HXT  sing N N 376 
VAL N   CA   sing N N 377 
VAL N   H    sing N N 378 
VAL N   H2   sing N N 379 
VAL CA  C    sing N N 380 
VAL CA  CB   sing N N 381 
VAL CA  HA   sing N N 382 
VAL C   O    doub N N 383 
VAL C   OXT  sing N N 384 
VAL CB  CG1  sing N N 385 
VAL CB  CG2  sing N N 386 
VAL CB  HB   sing N N 387 
VAL CG1 HG11 sing N N 388 
VAL CG1 HG12 sing N N 389 
VAL CG1 HG13 sing N N 390 
VAL CG2 HG21 sing N N 391 
VAL CG2 HG22 sing N N 392 
VAL CG2 HG23 sing N N 393 
VAL OXT HXT  sing N N 394 
# 
_atom_sites.entry_id                    2IPQ 
_atom_sites.fract_transf_matrix[1][1]   -0.02575732 
_atom_sites.fract_transf_matrix[1][2]   0.00981150 
_atom_sites.fract_transf_matrix[1][3]   0.00011803 
_atom_sites.fract_transf_matrix[2][1]   0.00182244 
_atom_sites.fract_transf_matrix[2][2]   0.00499331 
_atom_sites.fract_transf_matrix[2][3]   -0.01737406 
_atom_sites.fract_transf_matrix[3][1]   -0.00511875 
_atom_sites.fract_transf_matrix[3][2]   -0.01338510 
_atom_sites.fract_transf_matrix[3][3]   -0.00438381 
_atom_sites.fract_transf_vector[1]      -0.033934 
_atom_sites.fract_transf_vector[2]      0.256589 
_atom_sites.fract_transf_vector[3]      -0.200508 
# 
loop_
_atom_type.symbol 
C  
N  
O  
S  
SE 
# 
loop_
_atom_site.group_PDB 
_atom_site.id 
_atom_site.type_symbol 
_atom_site.label_atom_id 
_atom_site.label_alt_id 
_atom_site.label_comp_id 
_atom_site.label_asym_id 
_atom_site.label_entity_id 
_atom_site.label_seq_id 
_atom_site.pdbx_PDB_ins_code 
_atom_site.Cartn_x 
_atom_site.Cartn_y 
_atom_site.Cartn_z 
_atom_site.occupancy 
_atom_site.B_iso_or_equiv 
_atom_site.pdbx_formal_charge 
_atom_site.auth_seq_id 
_atom_site.auth_comp_id 
_atom_site.auth_asym_id 
_atom_site.auth_atom_id 
_atom_site.pdbx_PDB_model_num 
ATOM   1    N  N   . LEU A 1 2   ? -3.571  23.363  -1.093  1.00 78.45 ? 396 LEU X N   1 
ATOM   2    C  CA  . LEU A 1 2   ? -4.453  22.203  -1.456  1.00 78.18 ? 396 LEU X CA  1 
ATOM   3    C  C   . LEU A 1 2   ? -5.610  21.997  -0.477  1.00 77.31 ? 396 LEU X C   1 
ATOM   4    O  O   . LEU A 1 2   ? -5.702  22.676  0.544   1.00 78.31 ? 396 LEU X O   1 
ATOM   5    C  CB  . LEU A 1 2   ? -3.629  20.914  -1.559  1.00 78.36 ? 396 LEU X CB  1 
ATOM   6    C  CG  . LEU A 1 2   ? -2.710  20.773  -2.777  1.00 79.45 ? 396 LEU X CG  1 
ATOM   7    C  CD1 . LEU A 1 2   ? -1.361  20.178  -2.367  1.00 82.56 ? 396 LEU X CD1 1 
ATOM   8    C  CD2 . LEU A 1 2   ? -3.372  19.933  -3.857  1.00 77.65 ? 396 LEU X CD2 1 
ATOM   9    N  N   . SER A 1 3   ? -6.488  21.052  -0.799  1.00 75.00 ? 397 SER X N   1 
ATOM   10   C  CA  . SER A 1 3   ? -7.657  20.777  0.025   1.00 72.19 ? 397 SER X CA  1 
ATOM   11   C  C   . SER A 1 3   ? -7.850  19.268  0.148   1.00 70.53 ? 397 SER X C   1 
ATOM   12   O  O   . SER A 1 3   ? -7.348  18.499  -0.669  1.00 69.11 ? 397 SER X O   1 
ATOM   13   C  CB  . SER A 1 3   ? -8.911  21.417  -0.583  1.00 72.00 ? 397 SER X CB  1 
ATOM   14   O  OG  . SER A 1 3   ? -9.325  20.749  -1.771  1.00 70.60 ? 397 SER X OG  1 
ATOM   15   N  N   . SER A 1 4   ? -8.586  18.854  1.171   1.00 68.79 ? 398 SER X N   1 
ATOM   16   C  CA  . SER A 1 4   ? -8.828  17.441  1.422   1.00 67.21 ? 398 SER X CA  1 
ATOM   17   C  C   . SER A 1 4   ? -9.198  16.664  0.151   1.00 64.15 ? 398 SER X C   1 
ATOM   18   O  O   . SER A 1 4   ? -8.742  15.540  -0.053  1.00 64.00 ? 398 SER X O   1 
ATOM   19   C  CB  . SER A 1 4   ? -9.894  17.265  2.518   1.00 68.03 ? 398 SER X CB  1 
ATOM   20   O  OG  . SER A 1 4   ? -10.052 15.901  2.894   1.00 70.28 ? 398 SER X OG  1 
ATOM   21   N  N   . THR A 1 5   ? -10.021 17.259  -0.707  1.00 60.73 ? 399 THR X N   1 
ATOM   22   C  CA  . THR A 1 5   ? -10.365 16.618  -1.973  1.00 58.95 ? 399 THR X CA  1 
ATOM   23   C  C   . THR A 1 5   ? -9.173  16.536  -2.928  1.00 56.88 ? 399 THR X C   1 
ATOM   24   O  O   . THR A 1 5   ? -8.907  15.482  -3.496  1.00 56.59 ? 399 THR X O   1 
ATOM   25   C  CB  . THR A 1 5   ? -11.555 17.290  -2.639  1.00 59.43 ? 399 THR X CB  1 
ATOM   26   O  OG1 . THR A 1 5   ? -12.661 17.234  -1.734  1.00 64.35 ? 399 THR X OG1 1 
ATOM   27   C  CG2 . THR A 1 5   ? -11.934 16.560  -3.929  1.00 59.36 ? 399 THR X CG2 1 
ATOM   28   N  N   . GLU A 1 6   ? -8.459  17.647  -3.084  1.00 54.15 ? 400 GLU X N   1 
ATOM   29   C  CA  . GLU A 1 6   ? -7.356  17.746  -4.027  1.00 52.75 ? 400 GLU X CA  1 
ATOM   30   C  C   . GLU A 1 6   ? -6.183  16.874  -3.592  1.00 51.46 ? 400 GLU X C   1 
ATOM   31   O  O   . GLU A 1 6   ? -5.595  16.142  -4.390  1.00 51.07 ? 400 GLU X O   1 
ATOM   32   C  CB  . GLU A 1 6   ? -6.911  19.206  -4.165  1.00 52.47 ? 400 GLU X CB  1 
ATOM   33   N  N   . LEU A 1 7   ? -5.855  16.966  -2.313  1.00 49.89 ? 401 LEU X N   1 
ATOM   34   C  CA  . LEU A 1 7   ? -4.807  16.178  -1.701  1.00 48.69 ? 401 LEU X CA  1 
ATOM   35   C  C   . LEU A 1 7   ? -5.067  14.660  -1.798  1.00 47.92 ? 401 LEU X C   1 
ATOM   36   O  O   . LEU A 1 7   ? -4.186  13.889  -2.152  1.00 48.52 ? 401 LEU X O   1 
ATOM   37   C  CB  . LEU A 1 7   ? -4.643  16.612  -0.244  1.00 48.92 ? 401 LEU X CB  1 
ATOM   38   C  CG  . LEU A 1 7   ? -3.502  15.989  0.553   1.00 50.58 ? 401 LEU X CG  1 
ATOM   39   C  CD1 . LEU A 1 7   ? -2.210  16.139  -0.241  1.00 52.63 ? 401 LEU X CD1 1 
ATOM   40   C  CD2 . LEU A 1 7   ? -3.389  16.651  1.903   1.00 47.86 ? 401 LEU X CD2 1 
ATOM   41   N  N   . GLY A 1 8   ? -6.283  14.244  -1.475  1.00 48.80 ? 402 GLY X N   1 
ATOM   42   C  CA  . GLY A 1 8   ? -6.743  12.885  -1.745  1.00 48.17 ? 402 GLY X CA  1 
ATOM   43   C  C   . GLY A 1 8   ? -6.466  12.430  -3.171  1.00 48.25 ? 402 GLY X C   1 
ATOM   44   O  O   . GLY A 1 8   ? -5.773  11.416  -3.370  1.00 47.82 ? 402 GLY X O   1 
ATOM   45   N  N   . ASP A 1 9   ? -7.008  13.181  -4.145  1.00 45.53 ? 403 ASP X N   1 
ATOM   46   C  CA  . ASP A 1 9   ? -6.826  12.892  -5.573  1.00 46.74 ? 403 ASP X CA  1 
ATOM   47   C  C   . ASP A 1 9   ? -5.341  12.865  -6.005  1.00 46.59 ? 403 ASP X C   1 
ATOM   48   O  O   . ASP A 1 9   ? -4.944  12.038  -6.819  1.00 44.56 ? 403 ASP X O   1 
ATOM   49   C  CB  . ASP A 1 9   ? -7.618  13.861  -6.447  1.00 44.85 ? 403 ASP X CB  1 
ATOM   50   C  CG  . ASP A 1 9   ? -9.133  13.558  -6.459  1.00 50.56 ? 403 ASP X CG  1 
ATOM   51   O  OD1 . ASP A 1 9   ? -9.505  12.372  -6.320  1.00 52.05 ? 403 ASP X OD1 1 
ATOM   52   O  OD2 . ASP A 1 9   ? -9.952  14.510  -6.609  1.00 43.71 ? 403 ASP X OD2 1 
ATOM   53   N  N   . LEU A 1 10  ? -4.535  13.761  -5.444  1.00 46.03 ? 404 LEU X N   1 
ATOM   54   C  CA  . LEU A 1 10  ? -3.107  13.800  -5.714  1.00 45.83 ? 404 LEU X CA  1 
ATOM   55   C  C   . LEU A 1 10  ? -2.455  12.525  -5.219  1.00 47.88 ? 404 LEU X C   1 
ATOM   56   O  O   . LEU A 1 10  ? -1.694  11.877  -5.943  1.00 47.63 ? 404 LEU X O   1 
ATOM   57   C  CB  . LEU A 1 10  ? -2.479  14.971  -4.976  1.00 46.95 ? 404 LEU X CB  1 
ATOM   58   C  CG  . LEU A 1 10  ? -1.430  15.811  -5.700  1.00 51.37 ? 404 LEU X CG  1 
ATOM   59   C  CD1 . LEU A 1 10  ? -0.704  16.678  -4.689  1.00 57.87 ? 404 LEU X CD1 1 
ATOM   60   C  CD2 . LEU A 1 10  ? -0.449  14.950  -6.494  1.00 56.68 ? 404 LEU X CD2 1 
ATOM   61   N  N   . PHE A 1 11  ? -2.739  12.158  -3.973  1.00 47.04 ? 405 PHE X N   1 
ATOM   62   C  CA  . PHE A 1 11  ? -2.089  11.002  -3.417  1.00 46.30 ? 405 PHE X CA  1 
ATOM   63   C  C   . PHE A 1 11  ? -2.506  9.735   -4.169  1.00 48.36 ? 405 PHE X C   1 
ATOM   64   O  O   . PHE A 1 11  ? -1.682  8.864   -4.454  1.00 47.91 ? 405 PHE X O   1 
ATOM   65   C  CB  . PHE A 1 11  ? -2.398  10.828  -1.934  1.00 45.35 ? 405 PHE X CB  1 
ATOM   66   C  CG  . PHE A 1 11  ? -2.083  9.444   -1.441  1.00 47.67 ? 405 PHE X CG  1 
ATOM   67   C  CD1 . PHE A 1 11  ? -3.037  8.444   -1.481  1.00 50.52 ? 405 PHE X CD1 1 
ATOM   68   C  CD2 . PHE A 1 11  ? -0.831  9.141   -0.966  1.00 45.64 ? 405 PHE X CD2 1 
ATOM   69   C  CE1 . PHE A 1 11  ? -2.724  7.147   -1.036  1.00 52.36 ? 405 PHE X CE1 1 
ATOM   70   C  CE2 . PHE A 1 11  ? -0.509  7.850   -0.523  1.00 49.19 ? 405 PHE X CE2 1 
ATOM   71   C  CZ  . PHE A 1 11  ? -1.476  6.856   -0.559  1.00 45.66 ? 405 PHE X CZ  1 
ATOM   72   N  N   . TRP A 1 12  ? -3.789  9.622   -4.488  1.00 48.39 ? 406 TRP X N   1 
ATOM   73   C  CA  . TRP A 1 12  ? -4.297  8.403   -5.108  1.00 47.35 ? 406 TRP X CA  1 
ATOM   74   C  C   . TRP A 1 12  ? -3.821  8.325   -6.576  1.00 49.12 ? 406 TRP X C   1 
ATOM   75   O  O   . TRP A 1 12  ? -3.443  7.254   -7.085  1.00 47.85 ? 406 TRP X O   1 
ATOM   76   C  CB  . TRP A 1 12  ? -5.824  8.408   -5.028  1.00 49.55 ? 406 TRP X CB  1 
ATOM   77   C  CG  . TRP A 1 12  ? -6.462  7.366   -5.875  1.00 51.68 ? 406 TRP X CG  1 
ATOM   78   C  CD1 . TRP A 1 12  ? -7.194  7.565   -6.999  1.00 52.48 ? 406 TRP X CD1 1 
ATOM   79   C  CD2 . TRP A 1 12  ? -6.430  5.947   -5.656  1.00 50.42 ? 406 TRP X CD2 1 
ATOM   80   N  NE1 . TRP A 1 12  ? -7.623  6.361   -7.500  1.00 54.13 ? 406 TRP X NE1 1 
ATOM   81   C  CE2 . TRP A 1 12  ? -7.160  5.351   -6.696  1.00 52.08 ? 406 TRP X CE2 1 
ATOM   82   C  CE3 . TRP A 1 12  ? -5.839  5.126   -4.683  1.00 55.71 ? 406 TRP X CE3 1 
ATOM   83   C  CZ2 . TRP A 1 12  ? -7.328  3.969   -6.797  1.00 52.79 ? 406 TRP X CZ2 1 
ATOM   84   C  CZ3 . TRP A 1 12  ? -6.004  3.754   -4.776  1.00 56.57 ? 406 TRP X CZ3 1 
ATOM   85   C  CH2 . TRP A 1 12  ? -6.743  3.188   -5.830  1.00 55.96 ? 406 TRP X CH2 1 
ATOM   86   N  N   . SER A 1 13  ? -3.839  9.475   -7.247  1.00 44.28 ? 407 SER X N   1 
ATOM   87   C  CA  . SER A 1 13  ? -3.279  9.600   -8.578  1.00 46.36 ? 407 SER X CA  1 
ATOM   88   C  C   . SER A 1 13  ? -1.795  9.211   -8.629  1.00 46.09 ? 407 SER X C   1 
ATOM   89   O  O   . SER A 1 13  ? -1.351  8.514   -9.543  1.00 45.94 ? 407 SER X O   1 
ATOM   90   C  CB  . SER A 1 13  ? -3.467  11.042  -9.076  1.00 43.84 ? 407 SER X CB  1 
ATOM   91   O  OG  . SER A 1 13  ? -2.754  11.230  -10.277 1.00 60.02 ? 407 SER X OG  1 
ATOM   92   N  N   . TRP A 1 14  ? -1.023  9.664   -7.639  1.00 47.75 ? 408 TRP X N   1 
ATOM   93   C  CA  . TRP A 1 14  ? 0.398   9.314   -7.534  1.00 48.10 ? 408 TRP X CA  1 
ATOM   94   C  C   . TRP A 1 14  ? 0.617   7.813   -7.300  1.00 48.66 ? 408 TRP X C   1 
ATOM   95   O  O   . TRP A 1 14  ? 1.476   7.184   -7.930  1.00 50.20 ? 408 TRP X O   1 
ATOM   96   C  CB  . TRP A 1 14  ? 1.057   10.146  -6.418  1.00 48.57 ? 408 TRP X CB  1 
ATOM   97   C  CG  . TRP A 1 14  ? 2.423   9.631   -5.944  1.00 46.49 ? 408 TRP X CG  1 
ATOM   98   C  CD1 . TRP A 1 14  ? 3.655   9.975   -6.435  1.00 49.85 ? 408 TRP X CD1 1 
ATOM   99   C  CD2 . TRP A 1 14  ? 2.660   8.691   -4.889  1.00 50.03 ? 408 TRP X CD2 1 
ATOM   100  N  NE1 . TRP A 1 14  ? 4.646   9.297   -5.753  1.00 52.83 ? 408 TRP X NE1 1 
ATOM   101  C  CE2 . TRP A 1 14  ? 4.059   8.506   -4.796  1.00 53.99 ? 408 TRP X CE2 1 
ATOM   102  C  CE3 . TRP A 1 14  ? 1.820   7.986   -4.007  1.00 50.43 ? 408 TRP X CE3 1 
ATOM   103  C  CZ2 . TRP A 1 14  ? 4.642   7.646   -3.853  1.00 50.92 ? 408 TRP X CZ2 1 
ATOM   104  C  CZ3 . TRP A 1 14  ? 2.398   7.131   -3.079  1.00 52.19 ? 408 TRP X CZ3 1 
ATOM   105  C  CH2 . TRP A 1 14  ? 3.804   6.972   -3.009  1.00 50.05 ? 408 TRP X CH2 1 
ATOM   106  N  N   . LEU A 1 15  ? -0.143  7.241   -6.378  1.00 49.67 ? 409 LEU X N   1 
ATOM   107  C  CA  . LEU A 1 15  ? -0.003  5.817   -6.013  1.00 50.34 ? 409 LEU X CA  1 
ATOM   108  C  C   . LEU A 1 15  ? -0.421  4.938   -7.190  1.00 49.72 ? 409 LEU X C   1 
ATOM   109  O  O   . LEU A 1 15  ? 0.273   3.989   -7.586  1.00 51.50 ? 409 LEU X O   1 
ATOM   110  C  CB  . LEU A 1 15  ? -0.944  5.485   -4.837  1.00 53.88 ? 409 LEU X CB  1 
ATOM   111  C  CG  . LEU A 1 15  ? -0.824  4.184   -4.016  1.00 53.62 ? 409 LEU X CG  1 
ATOM   112  C  CD1 . LEU A 1 15  ? -1.897  3.214   -4.350  1.00 60.13 ? 409 LEU X CD1 1 
ATOM   113  C  CD2 . LEU A 1 15  ? 0.572   3.527   -4.032  1.00 55.23 ? 409 LEU X CD2 1 
ATOM   114  N  N   . ARG A 1 16  ? -1.576  5.246   -7.735  1.00 48.42 ? 410 ARG X N   1 
ATOM   115  C  CA  . ARG A 1 16  ? -2.174  4.407   -8.757  1.00 51.52 ? 410 ARG X CA  1 
ATOM   116  C  C   . ARG A 1 16  ? -1.375  4.454   -10.070 1.00 51.06 ? 410 ARG X C   1 
ATOM   117  O  O   . ARG A 1 16  ? -1.034  3.410   -10.645 1.00 49.30 ? 410 ARG X O   1 
ATOM   118  C  CB  . ARG A 1 16  ? -3.614  4.831   -8.972  1.00 47.21 ? 410 ARG X CB  1 
ATOM   119  C  CG  . ARG A 1 16  ? -4.443  3.851   -9.714  1.00 54.98 ? 410 ARG X CG  1 
ATOM   120  C  CD  . ARG A 1 16  ? -4.912  4.465   -10.993 1.00 64.39 ? 410 ARG X CD  1 
ATOM   121  N  NE  . ARG A 1 16  ? -5.962  5.471   -10.832 1.00 68.01 ? 410 ARG X NE  1 
ATOM   122  C  CZ  . ARG A 1 16  ? -5.877  6.726   -11.283 1.00 70.12 ? 410 ARG X CZ  1 
ATOM   123  N  NH1 . ARG A 1 16  ? -6.885  7.591   -11.107 1.00 63.90 ? 410 ARG X NH1 1 
ATOM   124  N  NH2 . ARG A 1 16  ? -4.783  7.123   -11.909 1.00 64.41 ? 410 ARG X NH2 1 
ATOM   125  N  N   . ASP A 1 17  ? -1.070  5.660   -10.537 1.00 49.97 ? 411 ASP X N   1 
ATOM   126  C  CA  . ASP A 1 17  ? -0.305  5.797   -11.763 1.00 51.15 ? 411 ASP X CA  1 
ATOM   127  C  C   . ASP A 1 17  ? 1.157   5.401   -11.559 1.00 50.80 ? 411 ASP X C   1 
ATOM   128  O  O   . ASP A 1 17  ? 1.831   5.002   -12.492 1.00 51.03 ? 411 ASP X O   1 
ATOM   129  C  CB  . ASP A 1 17  ? -0.450  7.215   -12.341 1.00 51.18 ? 411 ASP X CB  1 
ATOM   130  C  CG  . ASP A 1 17  ? -1.909  7.552   -12.751 1.00 53.26 ? 411 ASP X CG  1 
ATOM   131  O  OD1 . ASP A 1 17  ? -2.782  6.657   -12.708 1.00 55.99 ? 411 ASP X OD1 1 
ATOM   132  O  OD2 . ASP A 1 17  ? -2.196  8.714   -13.129 1.00 60.19 ? 411 ASP X OD2 1 
ATOM   133  N  N   . GLY A 1 18  ? 1.646   5.499   -10.329 1.00 49.84 ? 412 GLY X N   1 
ATOM   134  C  CA  . GLY A 1 18  ? 2.998   5.049   -10.035 1.00 50.15 ? 412 GLY X CA  1 
ATOM   135  C  C   . GLY A 1 18  ? 3.165   3.536   -10.055 1.00 50.86 ? 412 GLY X C   1 
ATOM   136  O  O   . GLY A 1 18  ? 4.183   3.031   -10.526 1.00 50.30 ? 412 GLY X O   1 
ATOM   137  N  N   . LEU A 1 19  ? 2.169   2.815   -9.539  1.00 50.06 ? 413 LEU X N   1 
ATOM   138  C  CA  . LEU A 1 19  ? 2.179   1.358   -9.571  1.00 51.12 ? 413 LEU X CA  1 
ATOM   139  C  C   . LEU A 1 19  ? 1.943   0.838   -10.970 1.00 51.41 ? 413 LEU X C   1 
ATOM   140  O  O   . LEU A 1 19  ? 2.604   -0.102  -11.398 1.00 53.02 ? 413 LEU X O   1 
ATOM   141  C  CB  . LEU A 1 19  ? 1.098   0.801   -8.642  1.00 51.12 ? 413 LEU X CB  1 
ATOM   142  C  CG  . LEU A 1 19  ? 1.442   0.973   -7.165  1.00 52.97 ? 413 LEU X CG  1 
ATOM   143  C  CD1 . LEU A 1 19  ? 0.315   0.478   -6.280  1.00 44.41 ? 413 LEU X CD1 1 
ATOM   144  C  CD2 . LEU A 1 19  ? 2.739   0.217   -6.904  1.00 50.22 ? 413 LEU X CD2 1 
ATOM   145  N  N   . ARG A 1 20  ? 0.993   1.456   -11.676 1.00 50.96 ? 414 ARG X N   1 
ATOM   146  C  CA  . ARG A 1 20  ? 0.751   1.202   -13.110 1.00 51.06 ? 414 ARG X CA  1 
ATOM   147  C  C   . ARG A 1 20  ? 1.935   1.422   -14.067 1.00 50.27 ? 414 ARG X C   1 
ATOM   148  O  O   . ARG A 1 20  ? 2.041   0.737   -15.090 1.00 50.89 ? 414 ARG X O   1 
ATOM   149  C  CB  . ARG A 1 20  ? -0.412  2.045   -13.610 0.50 49.43 ? 414 ARG X CB  1 
ATOM   150  C  CG  . ARG A 1 20  ? -1.732  1.540   -13.174 1.00 50.01 ? 414 ARG X CG  1 
ATOM   151  C  CD  . ARG A 1 20  ? -2.828  1.993   -14.115 1.00 52.46 ? 414 ARG X CD  1 
ATOM   152  N  NE  . ARG A 1 20  ? -4.038  2.284   -13.358 1.00 62.13 ? 414 ARG X NE  1 
ATOM   153  C  CZ  . ARG A 1 20  ? -5.255  2.334   -13.888 1.00 67.42 ? 414 ARG X CZ  1 
ATOM   154  N  NH1 . ARG A 1 20  ? -5.401  2.105   -15.184 1.00 68.06 ? 414 ARG X NH1 1 
ATOM   155  N  NH2 . ARG A 1 20  ? -6.319  2.607   -13.127 1.00 63.39 ? 414 ARG X NH2 1 
ATOM   156  N  N   . GLU A 1 21  ? 2.801   2.382   -13.765 1.00 49.80 ? 415 GLU X N   1 
ATOM   157  C  CA  . GLU A 1 21  ? 3.954   2.632   -14.622 1.00 50.12 ? 415 GLU X CA  1 
ATOM   158  C  C   . GLU A 1 21  ? 5.205   1.973   -14.084 1.00 51.83 ? 415 GLU X C   1 
ATOM   159  O  O   . GLU A 1 21  ? 6.299   2.181   -14.612 1.00 52.06 ? 415 GLU X O   1 
ATOM   160  C  CB  . GLU A 1 21  ? 4.186   4.123   -14.805 1.00 51.47 ? 415 GLU X CB  1 
ATOM   161  C  CG  . GLU A 1 21  ? 2.995   4.876   -15.424 1.00 53.82 ? 415 GLU X CG  1 
ATOM   162  C  CD  . GLU A 1 21  ? 2.635   4.383   -16.830 1.00 57.49 ? 415 GLU X CD  1 
ATOM   163  O  OE1 . GLU A 1 21  ? 3.524   4.358   -17.715 1.00 50.89 ? 415 GLU X OE1 1 
ATOM   164  O  OE2 . GLU A 1 21  ? 1.450   4.023   -17.040 1.00 58.80 ? 415 GLU X OE2 1 
ATOM   165  N  N   . GLY A 1 22  ? 5.049   1.170   -13.033 1.00 53.60 ? 416 GLY X N   1 
ATOM   166  C  CA  . GLY A 1 22  ? 6.203   0.515   -12.405 1.00 54.40 ? 416 GLY X CA  1 
ATOM   167  C  C   . GLY A 1 22  ? 7.187   1.531   -11.856 1.00 54.85 ? 416 GLY X C   1 
ATOM   168  O  O   . GLY A 1 22  ? 8.377   1.330   -11.926 1.00 56.80 ? 416 GLY X O   1 
ATOM   169  N  N   . ASP A 1 23  ? 6.673   2.626   -11.305 1.00 56.62 ? 417 ASP X N   1 
ATOM   170  C  CA  . ASP A 1 23  ? 7.487   3.756   -10.869 1.00 57.41 ? 417 ASP X CA  1 
ATOM   171  C  C   . ASP A 1 23  ? 7.659   3.776   -9.333  1.00 57.89 ? 417 ASP X C   1 
ATOM   172  O  O   . ASP A 1 23  ? 8.525   4.468   -8.811  1.00 57.92 ? 417 ASP X O   1 
ATOM   173  C  CB  . ASP A 1 23  ? 6.798   5.044   -11.311 1.00 58.59 ? 417 ASP X CB  1 
ATOM   174  C  CG  . ASP A 1 23  ? 7.777   6.164   -11.628 1.00 64.97 ? 417 ASP X CG  1 
ATOM   175  O  OD1 . ASP A 1 23  ? 8.876   5.889   -12.198 1.00 66.63 ? 417 ASP X OD1 1 
ATOM   176  O  OD2 . ASP A 1 23  ? 7.428   7.330   -11.312 1.00 67.34 ? 417 ASP X OD2 1 
ATOM   177  N  N   . ILE A 1 24  ? 6.821   3.024   -8.621  1.00 55.47 ? 418 ILE X N   1 
ATOM   178  C  CA  . ILE A 1 24  ? 6.911   2.898   -7.157  1.00 54.48 ? 418 ILE X CA  1 
ATOM   179  C  C   . ILE A 1 24  ? 7.352   1.453   -6.874  1.00 52.97 ? 418 ILE X C   1 
ATOM   180  O  O   . ILE A 1 24  ? 6.717   0.533   -7.368  1.00 53.71 ? 418 ILE X O   1 
ATOM   181  C  CB  . ILE A 1 24  ? 5.511   3.183   -6.515  1.00 52.62 ? 418 ILE X CB  1 
ATOM   182  C  CG1 . ILE A 1 24  ? 5.140   4.667   -6.623  1.00 51.78 ? 418 ILE X CG1 1 
ATOM   183  C  CG2 . ILE A 1 24  ? 5.418   2.749   -5.053  1.00 56.69 ? 418 ILE X CG2 1 
ATOM   184  C  CD1 . ILE A 1 24  ? 3.618   4.896   -6.559  1.00 50.73 ? 418 ILE X CD1 1 
ATOM   185  N  N   . PRO A 1 25  ? 8.452   1.251   -6.104  1.00 52.79 ? 419 PRO X N   1 
ATOM   186  C  CA  . PRO A 1 25  ? 8.905   -0.109  -5.760  1.00 52.17 ? 419 PRO X CA  1 
ATOM   187  C  C   . PRO A 1 25  ? 7.860   -0.997  -5.059  1.00 52.22 ? 419 PRO X C   1 
ATOM   188  O  O   . PRO A 1 25  ? 7.143   -0.561  -4.169  1.00 47.88 ? 419 PRO X O   1 
ATOM   189  C  CB  . PRO A 1 25  ? 10.094  0.139   -4.833  1.00 52.82 ? 419 PRO X CB  1 
ATOM   190  C  CG  . PRO A 1 25  ? 10.632  1.503   -5.312  1.00 55.65 ? 419 PRO X CG  1 
ATOM   191  C  CD  . PRO A 1 25  ? 9.343   2.278   -5.534  1.00 51.58 ? 419 PRO X CD  1 
ATOM   192  N  N   . VAL A 1 26  ? 7.799   -2.258  -5.463  1.00 53.48 ? 420 VAL X N   1 
ATOM   193  C  CA  . VAL A 1 26  ? 6.730   -3.139  -5.008  1.00 54.87 ? 420 VAL X CA  1 
ATOM   194  C  C   . VAL A 1 26  ? 7.451   -4.495  -4.795  1.00 54.87 ? 420 VAL X C   1 
ATOM   195  O  O   . VAL A 1 26  ? 8.357   -4.813  -5.552  1.00 51.76 ? 420 VAL X O   1 
ATOM   196  C  CB  . VAL A 1 26  ? 5.604   -3.144  -6.118  1.00 57.24 ? 420 VAL X CB  1 
ATOM   197  C  CG1 . VAL A 1 26  ? 6.096   -3.815  -7.413  1.00 55.73 ? 420 VAL X CG1 1 
ATOM   198  C  CG2 . VAL A 1 26  ? 4.327   -3.734  -5.641  1.00 58.72 ? 420 VAL X CG2 1 
ATOM   199  N  N   . ASN A 1 27  ? 7.084   -5.273  -3.766  1.00 52.92 ? 421 ASN X N   1 
ATOM   200  C  CA  . ASN A 1 27  ? 7.404   -6.700  -3.727  1.00 49.76 ? 421 ASN X CA  1 
ATOM   201  C  C   . ASN A 1 27  ? 8.850   -6.975  -3.421  1.00 51.50 ? 421 ASN X C   1 
ATOM   202  O  O   . ASN A 1 27  ? 9.426   -7.989  -3.845  1.00 53.76 ? 421 ASN X O   1 
ATOM   203  C  CB  . ASN A 1 27  ? 7.021   -7.374  -5.042  1.00 47.49 ? 421 ASN X CB  1 
ATOM   204  C  CG  . ASN A 1 27  ? 5.545   -7.559  -5.180  1.00 50.09 ? 421 ASN X CG  1 
ATOM   205  O  OD1 . ASN A 1 27  ? 4.777   -7.261  -4.252  1.00 44.20 ? 421 ASN X OD1 1 
ATOM   206  N  ND2 . ASN A 1 27  ? 5.119   -8.038  -6.343  1.00 46.36 ? 421 ASN X ND2 1 
ATOM   207  N  N   . THR A 1 28  ? 9.448   -6.058  -2.677  1.00 54.14 ? 422 THR X N   1 
ATOM   208  C  CA  . THR A 1 28  ? 10.868  -6.089  -2.390  1.00 54.26 ? 422 THR X CA  1 
ATOM   209  C  C   . THR A 1 28  ? 10.964  -6.079  -0.876  1.00 54.62 ? 422 THR X C   1 
ATOM   210  O  O   . THR A 1 28  ? 10.026  -5.657  -0.209  1.00 53.86 ? 422 THR X O   1 
ATOM   211  C  CB  . THR A 1 28  ? 11.542  -4.842  -2.979  1.00 56.80 ? 422 THR X CB  1 
ATOM   212  O  OG1 . THR A 1 28  ? 12.083  -5.164  -4.270  1.00 59.21 ? 422 THR X OG1 1 
ATOM   213  C  CG2 . THR A 1 28  ? 12.672  -4.352  -2.101  1.00 62.11 ? 422 THR X CG2 1 
ATOM   214  N  N   . ALA A 1 29  ? 12.083  -6.556  -0.341  1.00 54.47 ? 423 ALA X N   1 
ATOM   215  C  CA  . ALA A 1 29  ? 12.331  -6.564  1.090   1.00 54.15 ? 423 ALA X CA  1 
ATOM   216  C  C   . ALA A 1 29  ? 12.184  -5.158  1.675   1.00 54.80 ? 423 ALA X C   1 
ATOM   217  O  O   . ALA A 1 29  ? 11.939  -5.012  2.863   1.00 57.38 ? 423 ALA X O   1 
ATOM   218  C  CB  . ALA A 1 29  ? 13.747  -7.126  1.378   1.00 54.44 ? 423 ALA X CB  1 
ATOM   219  N  N   . ASP A 1 30  ? 12.336  -4.129  0.842   1.00 54.83 ? 424 ASP X N   1 
ATOM   220  C  CA  . ASP A 1 30  ? 12.416  -2.753  1.337   1.00 56.21 ? 424 ASP X CA  1 
ATOM   221  C  C   . ASP A 1 30  ? 11.204  -1.916  0.878   1.00 56.66 ? 424 ASP X C   1 
ATOM   222  O  O   . ASP A 1 30  ? 11.093  -0.737  1.204   1.00 58.81 ? 424 ASP X O   1 
ATOM   223  C  CB  . ASP A 1 30  ? 13.730  -2.097  0.892   1.00 57.05 ? 424 ASP X CB  1 
ATOM   224  C  CG  . ASP A 1 30  ? 14.958  -2.669  1.637   1.00 61.51 ? 424 ASP X CG  1 
ATOM   225  O  OD1 . ASP A 1 30  ? 15.014  -2.538  2.881   1.00 66.52 ? 424 ASP X OD1 1 
ATOM   226  O  OD2 . ASP A 1 30  ? 15.872  -3.245  0.988   1.00 66.28 ? 424 ASP X OD2 1 
ATOM   227  N  N   . ALA A 1 31  ? 10.288  -2.528  0.133   1.00 54.49 ? 425 ALA X N   1 
ATOM   228  C  CA  . ALA A 1 31  ? 9.187   -1.777  -0.475  1.00 52.91 ? 425 ALA X CA  1 
ATOM   229  C  C   . ALA A 1 31  ? 8.073   -1.534  0.553   1.00 53.76 ? 425 ALA X C   1 
ATOM   230  O  O   . ALA A 1 31  ? 7.921   -2.296  1.511   1.00 56.75 ? 425 ALA X O   1 
ATOM   231  C  CB  . ALA A 1 31  ? 8.654   -2.544  -1.680  1.00 48.56 ? 425 ALA X CB  1 
ATOM   232  N  N   A CYS A 1 32  ? 7.294   -0.479  0.348   0.70 54.97 ? 426 CYS X N   1 
ATOM   233  N  N   B CYS A 1 32  ? 7.287   -0.481  0.362   0.30 53.64 ? 426 CYS X N   1 
ATOM   234  C  CA  A CYS A 1 32  ? 6.111   -0.243  1.166   0.70 55.92 ? 426 CYS X CA  1 
ATOM   235  C  CA  B CYS A 1 32  ? 6.104   -0.284  1.198   0.30 52.99 ? 426 CYS X CA  1 
ATOM   236  C  C   A CYS A 1 32  ? 4.852   -0.864  0.562   0.70 54.63 ? 426 CYS X C   1 
ATOM   237  C  C   B CYS A 1 32  ? 4.808   -0.655  0.473   0.30 52.89 ? 426 CYS X C   1 
ATOM   238  O  O   A CYS A 1 32  ? 3.819   -0.974  1.237   0.70 53.97 ? 426 CYS X O   1 
ATOM   239  O  O   B CYS A 1 32  ? 3.709   -0.399  0.973   0.30 52.07 ? 426 CYS X O   1 
ATOM   240  C  CB  A CYS A 1 32  ? 5.899   1.257   1.405   0.70 56.16 ? 426 CYS X CB  1 
ATOM   241  C  CB  B CYS A 1 32  ? 6.033   1.146   1.743   0.30 53.05 ? 426 CYS X CB  1 
ATOM   242  S  SG  A CYS A 1 32  ? 7.150   1.947   2.487   0.70 60.69 ? 426 CYS X SG  1 
ATOM   243  S  SG  B CYS A 1 32  ? 5.719   2.407   0.502   0.30 49.62 ? 426 CYS X SG  1 
ATOM   244  N  N   . VAL A 1 33  ? 4.949   -1.256  -0.706  1.00 52.57 ? 427 VAL X N   1 
ATOM   245  C  CA  . VAL A 1 33  ? 3.827   -1.807  -1.432  1.00 50.87 ? 427 VAL X CA  1 
ATOM   246  C  C   . VAL A 1 33  ? 4.111   -3.262  -1.750  1.00 52.61 ? 427 VAL X C   1 
ATOM   247  O  O   . VAL A 1 33  ? 5.206   -3.608  -2.240  1.00 50.02 ? 427 VAL X O   1 
ATOM   248  C  CB  . VAL A 1 33  ? 3.504   -1.000  -2.734  1.00 53.05 ? 427 VAL X CB  1 
ATOM   249  C  CG1 . VAL A 1 33  ? 2.190   -1.529  -3.387  1.00 49.43 ? 427 VAL X CG1 1 
ATOM   250  C  CG2 . VAL A 1 33  ? 3.333   0.527   -2.415  1.00 50.20 ? 427 VAL X CG2 1 
ATOM   251  N  N   . HIS A 1 34  ? 3.128   -4.115  -1.454  1.00 51.53 ? 428 HIS X N   1 
ATOM   252  C  CA  . HIS A 1 34  ? 3.232   -5.544  -1.694  1.00 48.43 ? 428 HIS X CA  1 
ATOM   253  C  C   . HIS A 1 34  ? 1.932   -6.116  -2.226  1.00 50.42 ? 428 HIS X C   1 
ATOM   254  O  O   . HIS A 1 34  ? 0.853   -5.886  -1.667  1.00 53.40 ? 428 HIS X O   1 
ATOM   255  C  CB  . HIS A 1 34  ? 3.621   -6.239  -0.404  1.00 48.04 ? 428 HIS X CB  1 
ATOM   256  C  CG  . HIS A 1 34  ? 5.041   -5.986  -0.017  1.00 52.53 ? 428 HIS X CG  1 
ATOM   257  N  ND1 . HIS A 1 34  ? 6.076   -6.836  -0.376  1.00 50.38 ? 428 HIS X ND1 1 
ATOM   258  C  CD2 . HIS A 1 34  ? 5.607   -4.967  0.678   1.00 49.17 ? 428 HIS X CD2 1 
ATOM   259  C  CE1 . HIS A 1 34  ? 7.216   -6.349  0.084   1.00 48.10 ? 428 HIS X CE1 1 
ATOM   260  N  NE2 . HIS A 1 34  ? 6.958   -5.218  0.725   1.00 56.97 ? 428 HIS X NE2 1 
ATOM   261  N  N   . LEU A 1 35  ? 2.017   -6.863  -3.313  1.00 50.66 ? 429 LEU X N   1 
ATOM   262  C  CA  . LEU A 1 35  ? 0.851   -7.576  -3.849  1.00 50.48 ? 429 LEU X CA  1 
ATOM   263  C  C   . LEU A 1 35  ? 0.617   -8.877  -3.098  1.00 52.80 ? 429 LEU X C   1 
ATOM   264  O  O   . LEU A 1 35  ? 1.579   -9.611  -2.807  1.00 52.70 ? 429 LEU X O   1 
ATOM   265  C  CB  . LEU A 1 35  ? 1.072   -7.883  -5.324  1.00 48.04 ? 429 LEU X CB  1 
ATOM   266  C  CG  . LEU A 1 35  ? 0.666   -6.711  -6.222  1.00 53.85 ? 429 LEU X CG  1 
ATOM   267  C  CD1 . LEU A 1 35  ? 1.740   -5.645  -6.223  1.00 50.54 ? 429 LEU X CD1 1 
ATOM   268  C  CD2 . LEU A 1 35  ? 0.307   -7.167  -7.636  1.00 54.20 ? 429 LEU X CD2 1 
ATOM   269  N  N   . THR A 1 36  ? -0.646  -9.175  -2.793  1.00 53.91 ? 430 THR X N   1 
ATOM   270  C  CA  . THR A 1 36  ? -0.983  -10.397 -2.064  1.00 55.50 ? 430 THR X CA  1 
ATOM   271  C  C   . THR A 1 36  ? -2.408  -10.871 -2.259  1.00 52.80 ? 430 THR X C   1 
ATOM   272  O  O   . THR A 1 36  ? -3.338  -10.189 -1.884  1.00 54.77 ? 430 THR X O   1 
ATOM   273  C  CB  . THR A 1 36  ? -0.790  -10.232 -0.549  1.00 57.87 ? 430 THR X CB  1 
ATOM   274  O  OG1 . THR A 1 36  ? 0.455   -9.558  -0.292  1.00 68.24 ? 430 THR X OG1 1 
ATOM   275  C  CG2 . THR A 1 36  ? -0.766  -11.605 0.133   1.00 60.07 ? 430 THR X CG2 1 
ATOM   276  N  N   A CYS A 1 37  ? -2.559  -12.041 -2.866  0.50 51.90 ? 431 CYS X N   1 
ATOM   277  N  N   B CYS A 1 37  ? -2.549  -12.068 -2.819  0.50 54.08 ? 431 CYS X N   1 
ATOM   278  C  CA  A CYS A 1 37  ? -3.837  -12.768 -2.924  0.50 50.59 ? 431 CYS X CA  1 
ATOM   279  C  CA  B CYS A 1 37  ? -3.842  -12.751 -2.972  0.50 52.78 ? 431 CYS X CA  1 
ATOM   280  C  C   A CYS A 1 37  ? -5.046  -11.914 -3.296  0.50 49.42 ? 431 CYS X C   1 
ATOM   281  C  C   B CYS A 1 37  ? -4.994  -11.792 -3.206  0.50 50.71 ? 431 CYS X C   1 
ATOM   282  O  O   A CYS A 1 37  ? -6.100  -12.048 -2.673  0.50 48.26 ? 431 CYS X O   1 
ATOM   283  O  O   B CYS A 1 37  ? -5.938  -11.731 -2.413  0.50 48.94 ? 431 CYS X O   1 
ATOM   284  C  CB  A CYS A 1 37  ? -4.102  -13.483 -1.601  0.50 50.12 ? 431 CYS X CB  1 
ATOM   285  C  CB  B CYS A 1 37  ? -4.147  -13.654 -1.782  0.50 52.91 ? 431 CYS X CB  1 
ATOM   286  S  SG  A CYS A 1 37  ? -2.912  -14.779 -1.221  0.50 50.18 ? 431 CYS X SG  1 
ATOM   287  S  SG  B CYS A 1 37  ? -5.572  -14.729 -2.072  0.50 58.84 ? 431 CYS X SG  1 
ATOM   288  N  N   . GLY A 1 38  ? -4.888  -11.044 -4.299  1.00 47.27 ? 432 GLY X N   1 
ATOM   289  C  CA  . GLY A 1 38  ? -6.001  -10.289 -4.847  1.00 45.21 ? 432 GLY X CA  1 
ATOM   290  C  C   . GLY A 1 38  ? -5.965  -8.843  -4.421  1.00 45.15 ? 432 GLY X C   1 
ATOM   291  O  O   . GLY A 1 38  ? -6.822  -8.060  -4.813  1.00 44.35 ? 432 GLY X O   1 
ATOM   292  N  N   . PHE A 1 39  ? -4.969  -8.486  -3.617  1.00 44.66 ? 433 PHE X N   1 
ATOM   293  C  CA  . PHE A 1 39  ? -4.930  -7.179  -2.977  1.00 47.53 ? 433 PHE X CA  1 
ATOM   294  C  C   . PHE A 1 39  ? -3.566  -6.526  -3.100  1.00 49.70 ? 433 PHE X C   1 
ATOM   295  O  O   . PHE A 1 39  ? -2.531  -7.212  -3.250  1.00 49.68 ? 433 PHE X O   1 
ATOM   296  C  CB  . PHE A 1 39  ? -5.319  -7.300  -1.497  1.00 47.84 ? 433 PHE X CB  1 
ATOM   297  C  CG  . PHE A 1 39  ? -6.778  -7.581  -1.289  1.00 48.64 ? 433 PHE X CG  1 
ATOM   298  C  CD1 . PHE A 1 39  ? -7.713  -6.569  -1.425  1.00 52.71 ? 433 PHE X CD1 1 
ATOM   299  C  CD2 . PHE A 1 39  ? -7.217  -8.860  -0.976  1.00 49.99 ? 433 PHE X CD2 1 
ATOM   300  C  CE1 . PHE A 1 39  ? -9.074  -6.821  -1.247  1.00 50.30 ? 433 PHE X CE1 1 
ATOM   301  C  CE2 . PHE A 1 39  ? -8.561  -9.128  -0.797  1.00 52.69 ? 433 PHE X CE2 1 
ATOM   302  C  CZ  . PHE A 1 39  ? -9.490  -8.110  -0.930  1.00 53.84 ? 433 PHE X CZ  1 
ATOM   303  N  N   . VAL A 1 40  ? -3.563  -5.199  -3.042  1.00 51.10 ? 434 VAL X N   1 
ATOM   304  C  CA  . VAL A 1 40  ? -2.332  -4.464  -2.864  1.00 51.50 ? 434 VAL X CA  1 
ATOM   305  C  C   . VAL A 1 40  ? -2.252  -4.020  -1.412  1.00 52.16 ? 434 VAL X C   1 
ATOM   306  O  O   . VAL A 1 40  ? -3.110  -3.321  -0.944  1.00 47.49 ? 434 VAL X O   1 
ATOM   307  C  CB  . VAL A 1 40  ? -2.273  -3.258  -3.799  1.00 55.30 ? 434 VAL X CB  1 
ATOM   308  C  CG1 . VAL A 1 40  ? -0.948  -2.447  -3.567  1.00 54.78 ? 434 VAL X CG1 1 
ATOM   309  C  CG2 . VAL A 1 40  ? -2.384  -3.737  -5.285  1.00 55.02 ? 434 VAL X CG2 1 
ATOM   310  N  N   . PHE A 1 41  ? -1.214  -4.435  -0.701  1.00 50.55 ? 435 PHE X N   1 
ATOM   311  C  CA  . PHE A 1 41  ? -1.002  -3.958  0.653   1.00 50.45 ? 435 PHE X CA  1 
ATOM   312  C  C   . PHE A 1 41  ? -0.111  -2.723  0.639   1.00 51.83 ? 435 PHE X C   1 
ATOM   313  O  O   . PHE A 1 41  ? 0.990   -2.742  0.107   1.00 51.27 ? 435 PHE X O   1 
ATOM   314  C  CB  . PHE A 1 41  ? -0.345  -5.059  1.496   1.00 48.67 ? 435 PHE X CB  1 
ATOM   315  C  CG  . PHE A 1 41  ? 0.054   -4.624  2.877   1.00 47.50 ? 435 PHE X CG  1 
ATOM   316  C  CD1 . PHE A 1 41  ? -0.867  -4.646  3.918   1.00 49.74 ? 435 PHE X CD1 1 
ATOM   317  C  CD2 . PHE A 1 41  ? 1.364   -4.219  3.149   1.00 51.79 ? 435 PHE X CD2 1 
ATOM   318  C  CE1 . PHE A 1 41  ? -0.504  -4.250  5.211   1.00 52.16 ? 435 PHE X CE1 1 
ATOM   319  C  CE2 . PHE A 1 41  ? 1.737   -3.820  4.447   1.00 50.95 ? 435 PHE X CE2 1 
ATOM   320  C  CZ  . PHE A 1 41  ? 0.804   -3.840  5.470   1.00 49.41 ? 435 PHE X CZ  1 
ATOM   321  N  N   . ILE A 1 42  ? -0.576  -1.637  1.245   1.00 53.78 ? 436 ILE X N   1 
ATOM   322  C  CA  . ILE A 1 42  ? 0.283   -0.470  1.363   1.00 52.92 ? 436 ILE X CA  1 
ATOM   323  C  C   . ILE A 1 42  ? 0.527   -0.167  2.844   1.00 52.59 ? 436 ILE X C   1 
ATOM   324  O  O   . ILE A 1 42  ? -0.404  0.053   3.660   1.00 49.60 ? 436 ILE X O   1 
ATOM   325  C  CB  . ILE A 1 42  ? -0.285  0.747   0.586   1.00 52.70 ? 436 ILE X CB  1 
ATOM   326  C  CG1 . ILE A 1 42  ? -1.525  1.267   1.290   1.00 49.41 ? 436 ILE X CG1 1 
ATOM   327  C  CG2 . ILE A 1 42  ? -0.657  0.362   -0.891  1.00 53.65 ? 436 ILE X CG2 1 
ATOM   328  C  CD1 . ILE A 1 42  ? -2.268  2.410   0.542   1.00 56.70 ? 436 ILE X CD1 1 
ATOM   329  N  N   . SER A 1 43  ? 1.787   -0.143  3.211   1.00 48.96 ? 437 SER X N   1 
ATOM   330  C  CA  . SER A 1 43  ? 2.061   -0.032  4.611   1.00 53.42 ? 437 SER X CA  1 
ATOM   331  C  C   . SER A 1 43  ? 2.028   1.426   5.043   1.00 51.22 ? 437 SER X C   1 
ATOM   332  O  O   . SER A 1 43  ? 2.371   2.313   4.275   1.00 54.27 ? 437 SER X O   1 
ATOM   333  C  CB  . SER A 1 43  ? 3.359   -0.742  4.984   1.00 53.07 ? 437 SER X CB  1 
ATOM   334  O  OG  . SER A 1 43  ? 4.420   0.078   4.645   1.00 61.63 ? 437 SER X OG  1 
ATOM   335  N  N   . VAL A 1 44  ? 1.581   1.659   6.265   1.00 48.91 ? 438 VAL X N   1 
ATOM   336  C  CA  . VAL A 1 44  ? 1.514   3.003   6.846   1.00 49.33 ? 438 VAL X CA  1 
ATOM   337  C  C   . VAL A 1 44  ? 2.313   3.040   8.144   1.00 48.51 ? 438 VAL X C   1 
ATOM   338  O  O   . VAL A 1 44  ? 2.288   2.089   8.926   1.00 47.75 ? 438 VAL X O   1 
ATOM   339  C  CB  . VAL A 1 44  ? 0.060   3.527   7.119   1.00 47.25 ? 438 VAL X CB  1 
ATOM   340  C  CG1 . VAL A 1 44  ? -0.960  3.001   6.101   1.00 48.18 ? 438 VAL X CG1 1 
ATOM   341  C  CG2 . VAL A 1 44  ? -0.365  3.200   8.463   1.00 50.81 ? 438 VAL X CG2 1 
ATOM   342  N  N   . PRO A 1 45  ? 3.035   4.142   8.380   1.00 48.09 ? 439 PRO X N   1 
ATOM   343  C  CA  . PRO A 1 45  ? 3.049   5.377   7.601   1.00 46.50 ? 439 PRO X CA  1 
ATOM   344  C  C   . PRO A 1 45  ? 3.930   5.364   6.330   1.00 45.80 ? 439 PRO X C   1 
ATOM   345  O  O   . PRO A 1 45  ? 3.929   6.337   5.602   1.00 44.77 ? 439 PRO X O   1 
ATOM   346  C  CB  . PRO A 1 45  ? 3.608   6.377   8.607   1.00 45.60 ? 439 PRO X CB  1 
ATOM   347  C  CG  . PRO A 1 45  ? 4.641   5.550   9.331   1.00 46.35 ? 439 PRO X CG  1 
ATOM   348  C  CD  . PRO A 1 45  ? 3.949   4.219   9.535   1.00 48.54 ? 439 PRO X CD  1 
ATOM   349  N  N   . GLY A 1 46  ? 4.672   4.288   6.063   1.00 49.34 ? 440 GLY X N   1 
ATOM   350  C  CA  . GLY A 1 46  ? 5.652   4.260   4.966   1.00 45.94 ? 440 GLY X CA  1 
ATOM   351  C  C   . GLY A 1 46  ? 5.155   4.807   3.622   1.00 47.83 ? 440 GLY X C   1 
ATOM   352  O  O   . GLY A 1 46  ? 5.853   5.573   2.970   1.00 48.65 ? 440 GLY X O   1 
ATOM   353  N  N   . VAL A 1 47  ? 3.956   4.437   3.187   1.00 47.40 ? 441 VAL X N   1 
ATOM   354  C  CA  . VAL A 1 47  ? 3.516   4.842   1.851   1.00 47.85 ? 441 VAL X CA  1 
ATOM   355  C  C   . VAL A 1 47  ? 3.222   6.354   1.775   1.00 48.59 ? 441 VAL X C   1 
ATOM   356  O  O   . VAL A 1 47  ? 3.367   6.979   0.736   1.00 48.30 ? 441 VAL X O   1 
ATOM   357  C  CB  . VAL A 1 47  ? 2.263   4.084   1.401   1.00 50.63 ? 441 VAL X CB  1 
ATOM   358  C  CG1 . VAL A 1 47  ? 1.084   4.473   2.288   1.00 50.83 ? 441 VAL X CG1 1 
ATOM   359  C  CG2 . VAL A 1 47  ? 1.914   4.479   -0.052  1.00 47.76 ? 441 VAL X CG2 1 
ATOM   360  N  N   . PHE A 1 48  ? 2.815   6.946   2.891   1.00 48.76 ? 442 PHE X N   1 
ATOM   361  C  CA  . PHE A 1 48  ? 2.550   8.376   2.939   1.00 46.89 ? 442 PHE X CA  1 
ATOM   362  C  C   . PHE A 1 48  ? 3.844   9.173   3.021   1.00 48.10 ? 442 PHE X C   1 
ATOM   363  O  O   . PHE A 1 48  ? 3.975   10.224  2.407   1.00 49.47 ? 442 PHE X O   1 
ATOM   364  C  CB  . PHE A 1 48  ? 1.645   8.693   4.111   1.00 45.65 ? 442 PHE X CB  1 
ATOM   365  C  CG  . PHE A 1 48  ? 0.264   8.101   3.978   1.00 48.87 ? 442 PHE X CG  1 
ATOM   366  C  CD1 . PHE A 1 48  ? -0.543  8.430   2.894   1.00 43.81 ? 442 PHE X CD1 1 
ATOM   367  C  CD2 . PHE A 1 48  ? -0.223  7.229   4.940   1.00 45.82 ? 442 PHE X CD2 1 
ATOM   368  C  CE1 . PHE A 1 48  ? -1.819  7.889   2.762   1.00 54.53 ? 442 PHE X CE1 1 
ATOM   369  C  CE2 . PHE A 1 48  ? -1.483  6.676   4.827   1.00 53.42 ? 442 PHE X CE2 1 
ATOM   370  C  CZ  . PHE A 1 48  ? -2.298  7.001   3.734   1.00 52.42 ? 442 PHE X CZ  1 
ATOM   371  N  N   . PHE A 1 49  ? 4.807   8.672   3.780   1.00 48.99 ? 443 PHE X N   1 
ATOM   372  C  CA  . PHE A 1 49  ? 6.129   9.290   3.827   1.00 48.62 ? 443 PHE X CA  1 
ATOM   373  C  C   . PHE A 1 49  ? 6.792   9.275   2.450   1.00 48.89 ? 443 PHE X C   1 
ATOM   374  O  O   . PHE A 1 49  ? 7.480   10.220  2.075   1.00 46.23 ? 443 PHE X O   1 
ATOM   375  C  CB  . PHE A 1 49  ? 7.018   8.553   4.825   1.00 49.55 ? 443 PHE X CB  1 
ATOM   376  C  CG  . PHE A 1 49  ? 6.716   8.871   6.249   1.00 49.50 ? 443 PHE X CG  1 
ATOM   377  C  CD1 . PHE A 1 49  ? 6.210   10.108  6.604   1.00 52.55 ? 443 PHE X CD1 1 
ATOM   378  C  CD2 . PHE A 1 49  ? 6.951   7.933   7.244   1.00 58.16 ? 443 PHE X CD2 1 
ATOM   379  C  CE1 . PHE A 1 49  ? 5.931   10.414  7.926   1.00 54.63 ? 443 PHE X CE1 1 
ATOM   380  C  CE2 . PHE A 1 49  ? 6.677   8.233   8.584   1.00 56.79 ? 443 PHE X CE2 1 
ATOM   381  C  CZ  . PHE A 1 49  ? 6.162   9.476   8.916   1.00 55.48 ? 443 PHE X CZ  1 
ATOM   382  N  N   . LEU A 1 50  ? 6.586   8.188   1.705   1.00 47.99 ? 444 LEU X N   1 
ATOM   383  C  CA  . LEU A 1 50  ? 7.118   8.087   0.352   1.00 49.48 ? 444 LEU X CA  1 
ATOM   384  C  C   . LEU A 1 50  ? 6.463   9.083   -0.621  1.00 48.25 ? 444 LEU X C   1 
ATOM   385  O  O   . LEU A 1 50  ? 7.154   9.682   -1.421  1.00 51.07 ? 444 LEU X O   1 
ATOM   386  C  CB  . LEU A 1 50  ? 6.989   6.646   -0.155  1.00 46.98 ? 444 LEU X CB  1 
ATOM   387  C  CG  . LEU A 1 50  ? 7.568   6.342   -1.538  1.00 54.15 ? 444 LEU X CG  1 
ATOM   388  C  CD1 . LEU A 1 50  ? 9.099   6.660   -1.680  1.00 49.59 ? 444 LEU X CD1 1 
ATOM   389  C  CD2 . LEU A 1 50  ? 7.238   4.891   -1.992  1.00 54.00 ? 444 LEU X CD2 1 
ATOM   390  N  N   . PHE A 1 51  ? 5.140   9.245   -0.543  1.00 48.85 ? 445 PHE X N   1 
ATOM   391  C  CA  . PHE A 1 51  ? 4.407   10.327  -1.236  1.00 48.15 ? 445 PHE X CA  1 
ATOM   392  C  C   . PHE A 1 51  ? 5.019   11.669  -0.911  1.00 48.34 ? 445 PHE X C   1 
ATOM   393  O  O   . PHE A 1 51  ? 5.421   12.414  -1.800  1.00 47.56 ? 445 PHE X O   1 
ATOM   394  C  CB  . PHE A 1 51  ? 2.921   10.350  -0.808  1.00 48.33 ? 445 PHE X CB  1 
ATOM   395  C  CG  . PHE A 1 51  ? 2.142   11.549  -1.331  1.00 46.94 ? 445 PHE X CG  1 
ATOM   396  C  CD1 . PHE A 1 51  ? 1.696   11.592  -2.652  1.00 41.21 ? 445 PHE X CD1 1 
ATOM   397  C  CD2 . PHE A 1 51  ? 1.872   12.639  -0.505  1.00 48.42 ? 445 PHE X CD2 1 
ATOM   398  C  CE1 . PHE A 1 51  ? 0.984   12.690  -3.132  1.00 42.43 ? 445 PHE X CE1 1 
ATOM   399  C  CE2 . PHE A 1 51  ? 1.156   13.760  -0.980  1.00 42.54 ? 445 PHE X CE2 1 
ATOM   400  C  CZ  . PHE A 1 51  ? 0.712   13.777  -2.293  1.00 42.62 ? 445 PHE X CZ  1 
ATOM   401  N  N   . LEU A 1 52  ? 5.078   11.963  0.383   1.00 49.40 ? 446 LEU X N   1 
ATOM   402  C  CA  . LEU A 1 52  ? 5.569   13.217  0.885   1.00 50.91 ? 446 LEU X CA  1 
ATOM   403  C  C   . LEU A 1 52  ? 6.957   13.533  0.324   1.00 52.75 ? 446 LEU X C   1 
ATOM   404  O  O   . LEU A 1 52  ? 7.305   14.678  0.094   1.00 52.18 ? 446 LEU X O   1 
ATOM   405  C  CB  . LEU A 1 52  ? 5.596   13.172  2.417   1.00 51.05 ? 446 LEU X CB  1 
ATOM   406  C  CG  . LEU A 1 52  ? 4.485   13.875  3.215   1.00 53.68 ? 446 LEU X CG  1 
ATOM   407  C  CD1 . LEU A 1 52  ? 3.347   14.433  2.349   1.00 50.16 ? 446 LEU X CD1 1 
ATOM   408  C  CD2 . LEU A 1 52  ? 3.959   13.041  4.383   1.00 48.28 ? 446 LEU X CD2 1 
ATOM   409  N  N   . LYS A 1 53  ? 7.748   12.497  0.108   1.00 57.06 ? 447 LYS X N   1 
ATOM   410  C  CA  . LYS A 1 53  ? 9.138   12.661  -0.279  1.00 61.05 ? 447 LYS X CA  1 
ATOM   411  C  C   . LYS A 1 53  ? 9.220   13.154  -1.723  1.00 61.59 ? 447 LYS X C   1 
ATOM   412  O  O   . LYS A 1 53  ? 10.187  13.812  -2.101  1.00 61.55 ? 447 LYS X O   1 
ATOM   413  C  CB  . LYS A 1 53  ? 9.900   11.338  -0.075  1.00 61.20 ? 447 LYS X CB  1 
ATOM   414  C  CG  . LYS A 1 53  ? 11.266  11.242  -0.748  1.00 64.08 ? 447 LYS X CG  1 
ATOM   415  C  CD  . LYS A 1 53  ? 12.163  10.197  -0.060  1.00 64.35 ? 447 LYS X CD  1 
ATOM   416  C  CE  . LYS A 1 53  ? 11.513  8.806   -0.025  1.00 73.84 ? 447 LYS X CE  1 
ATOM   417  N  NZ  . LYS A 1 53  ? 12.149  7.811   -0.960  1.00 74.16 ? 447 LYS X NZ  1 
ATOM   418  N  N   . SER A 1 54  ? 8.202   12.844  -2.528  1.00 62.77 ? 448 SER X N   1 
ATOM   419  C  CA  . SER A 1 54  ? 8.176   13.328  -3.911  1.00 64.09 ? 448 SER X CA  1 
ATOM   420  C  C   . SER A 1 54  ? 7.341   14.582  -4.092  1.00 63.98 ? 448 SER X C   1 
ATOM   421  O  O   . SER A 1 54  ? 7.444   15.236  -5.116  1.00 65.47 ? 448 SER X O   1 
ATOM   422  C  CB  . SER A 1 54  ? 7.710   12.245  -4.883  1.00 63.94 ? 448 SER X CB  1 
ATOM   423  O  OG  . SER A 1 54  ? 6.345   11.936  -4.694  1.00 67.06 ? 448 SER X OG  1 
ATOM   424  N  N   . HIS A 1 55  ? 6.517   14.905  -3.095  1.00 64.07 ? 449 HIS X N   1 
ATOM   425  C  CA  . HIS A 1 55  ? 5.582   16.030  -3.166  1.00 62.69 ? 449 HIS X CA  1 
ATOM   426  C  C   . HIS A 1 55  ? 5.751   16.937  -1.966  1.00 63.79 ? 449 HIS X C   1 
ATOM   427  O  O   . HIS A 1 55  ? 4.834   17.070  -1.156  1.00 63.40 ? 449 HIS X O   1 
ATOM   428  C  CB  . HIS A 1 55  ? 4.133   15.532  -3.217  1.00 62.71 ? 449 HIS X CB  1 
ATOM   429  C  CG  . HIS A 1 55  ? 3.745   14.955  -4.543  1.00 60.26 ? 449 HIS X CG  1 
ATOM   430  N  ND1 . HIS A 1 55  ? 3.643   13.600  -4.762  1.00 60.07 ? 449 HIS X ND1 1 
ATOM   431  C  CD2 . HIS A 1 55  ? 3.451   15.551  -5.723  1.00 63.00 ? 449 HIS X CD2 1 
ATOM   432  C  CE1 . HIS A 1 55  ? 3.293   13.382  -6.018  1.00 60.44 ? 449 HIS X CE1 1 
ATOM   433  N  NE2 . HIS A 1 55  ? 3.172   14.550  -6.625  1.00 64.24 ? 449 HIS X NE2 1 
ATOM   434  N  N   . GLY A 1 67  ? 1.109   14.478  10.657  1.00 56.63 ? 461 GLY X N   1 
ATOM   435  C  CA  . GLY A 1 67  ? 0.876   15.937  10.617  1.00 57.91 ? 461 GLY X CA  1 
ATOM   436  C  C   . GLY A 1 67  ? 0.543   16.431  9.209   1.00 58.04 ? 461 GLY X C   1 
ATOM   437  O  O   . GLY A 1 67  ? -0.616  16.715  8.890   1.00 57.66 ? 461 GLY X O   1 
ATOM   438  N  N   . ARG A 1 68  ? 1.563   16.532  8.358   1.00 58.05 ? 462 ARG X N   1 
ATOM   439  C  CA  . ARG A 1 68  ? 1.363   16.407  6.905   1.00 56.58 ? 462 ARG X CA  1 
ATOM   440  C  C   . ARG A 1 68  ? 0.893   14.989  6.565   1.00 54.09 ? 462 ARG X C   1 
ATOM   441  O  O   . ARG A 1 68  ? 0.022   14.807  5.718   1.00 53.77 ? 462 ARG X O   1 
ATOM   442  C  CB  . ARG A 1 68  ? 2.642   16.779  6.136   1.00 56.88 ? 462 ARG X CB  1 
ATOM   443  C  CG  . ARG A 1 68  ? 2.578   18.138  5.426   1.00 55.98 ? 462 ARG X CG  1 
ATOM   444  C  CD  . ARG A 1 68  ? 3.796   19.022  5.745   1.00 61.17 ? 462 ARG X CD  1 
ATOM   445  N  NE  . ARG A 1 68  ? 3.405   20.345  6.263   1.00 61.22 ? 462 ARG X NE  1 
ATOM   446  C  CZ  . ARG A 1 68  ? 4.253   21.273  6.707   1.00 59.63 ? 462 ARG X CZ  1 
ATOM   447  N  NH1 . ARG A 1 68  ? 5.561   21.055  6.704   1.00 59.15 ? 462 ARG X NH1 1 
ATOM   448  N  NH2 . ARG A 1 68  ? 3.791   22.428  7.155   1.00 60.17 ? 462 ARG X NH2 1 
ATOM   449  N  N   . LYS A 1 69  ? 1.456   13.998  7.248   1.00 51.53 ? 463 LYS X N   1 
ATOM   450  C  CA  . LYS A 1 69  ? 1.040   12.613  7.082   1.00 53.75 ? 463 LYS X CA  1 
ATOM   451  C  C   . LYS A 1 69  ? -0.415  12.415  7.471   1.00 54.05 ? 463 LYS X C   1 
ATOM   452  O  O   . LYS A 1 69  ? -1.165  11.724  6.775   1.00 55.03 ? 463 LYS X O   1 
ATOM   453  C  CB  . LYS A 1 69  ? 1.925   11.676  7.921   1.00 55.74 ? 463 LYS X CB  1 
ATOM   454  C  CG  . LYS A 1 69  ? 1.703   10.176  7.676   1.00 54.44 ? 463 LYS X CG  1 
ATOM   455  C  CD  . LYS A 1 69  ? 0.475   9.680   8.409   1.00 62.91 ? 463 LYS X CD  1 
ATOM   456  C  CE  . LYS A 1 69  ? 0.856   8.870   9.653   1.00 68.98 ? 463 LYS X CE  1 
ATOM   457  N  NZ  . LYS A 1 69  ? -0.038  7.669   9.837   1.00 68.44 ? 463 LYS X NZ  1 
ATOM   458  N  N   . GLU A 1 70  ? -0.803  13.016  8.591   1.00 52.57 ? 464 GLU X N   1 
ATOM   459  C  CA  . GLU A 1 70  ? -2.175  12.973  9.061   1.00 53.38 ? 464 GLU X CA  1 
ATOM   460  C  C   . GLU A 1 70  ? -3.158  13.498  7.992   1.00 51.17 ? 464 GLU X C   1 
ATOM   461  O  O   . GLU A 1 70  ? -4.189  12.873  7.753   1.00 49.20 ? 464 GLU X O   1 
ATOM   462  C  CB  . GLU A 1 70  ? -2.302  13.767  10.378  1.00 53.78 ? 464 GLU X CB  1 
ATOM   463  C  CG  . GLU A 1 70  ? -3.252  13.162  11.447  1.00 58.32 ? 464 GLU X CG  1 
ATOM   464  C  CD  . GLU A 1 70  ? -3.537  14.120  12.644  1.00 58.53 ? 464 GLU X CD  1 
ATOM   465  O  OE1 . GLU A 1 70  ? -3.230  13.757  13.810  1.00 63.90 ? 464 GLU X OE1 1 
ATOM   466  O  OE2 . GLU A 1 70  ? -4.072  15.234  12.425  1.00 63.57 ? 464 GLU X OE2 1 
ATOM   467  N  N   . GLN A 1 71  ? -2.829  14.641  7.365   1.00 50.84 ? 465 GLN X N   1 
ATOM   468  C  CA  . GLN A 1 71  ? -3.636  15.265  6.284   1.00 49.03 ? 465 GLN X CA  1 
ATOM   469  C  C   . GLN A 1 71  ? -3.867  14.328  5.096   1.00 47.45 ? 465 GLN X C   1 
ATOM   470  O  O   . GLN A 1 71  ? -4.998  14.025  4.742   1.00 47.53 ? 465 GLN X O   1 
ATOM   471  C  CB  . GLN A 1 71  ? -2.948  16.519  5.757   1.00 47.59 ? 465 GLN X CB  1 
ATOM   472  C  CG  . GLN A 1 71  ? -3.713  17.811  5.980   1.00 58.52 ? 465 GLN X CG  1 
ATOM   473  C  CD  . GLN A 1 71  ? -3.197  18.577  7.188   1.00 67.20 ? 465 GLN X CD  1 
ATOM   474  O  OE1 . GLN A 1 71  ? -3.279  19.806  7.241   1.00 68.34 ? 465 GLN X OE1 1 
ATOM   475  N  NE2 . GLN A 1 71  ? -2.658  17.848  8.171   1.00 69.18 ? 465 GLN X NE2 1 
ATOM   476  N  N   . VAL A 1 72  ? -2.781  13.875  4.487   1.00 46.78 ? 466 VAL X N   1 
ATOM   477  C  CA  . VAL A 1 72  ? -2.863  12.964  3.352   1.00 48.79 ? 466 VAL X CA  1 
ATOM   478  C  C   . VAL A 1 72  ? -3.641  11.683  3.663   1.00 47.72 ? 466 VAL X C   1 
ATOM   479  O  O   . VAL A 1 72  ? -4.498  11.289  2.883   1.00 47.96 ? 466 VAL X O   1 
ATOM   480  C  CB  . VAL A 1 72  ? -1.463  12.567  2.829   1.00 48.98 ? 466 VAL X CB  1 
ATOM   481  C  CG1 . VAL A 1 72  ? -1.600  11.833  1.512   1.00 51.51 ? 466 VAL X CG1 1 
ATOM   482  C  CG2 . VAL A 1 72  ? -0.622  13.801  2.637   1.00 48.31 ? 466 VAL X CG2 1 
ATOM   483  N  N   . GLN A 1 73  ? -3.338  11.045  4.792   1.00 44.68 ? 467 GLN X N   1 
ATOM   484  C  CA  . GLN A 1 73  ? -4.081  9.862   5.223   1.00 45.99 ? 467 GLN X CA  1 
ATOM   485  C  C   . GLN A 1 73  ? -5.588  10.089  5.392   1.00 46.16 ? 467 GLN X C   1 
ATOM   486  O  O   . GLN A 1 73  ? -6.401  9.320   4.866   1.00 45.42 ? 467 GLN X O   1 
ATOM   487  C  CB  . GLN A 1 73  ? -3.495  9.293   6.508   1.00 44.88 ? 467 GLN X CB  1 
ATOM   488  C  CG  . GLN A 1 73  ? -4.335  8.184   7.129   1.00 49.05 ? 467 GLN X CG  1 
ATOM   489  C  CD  . GLN A 1 73  ? -3.517  7.343   8.087   1.00 56.39 ? 467 GLN X CD  1 
ATOM   490  O  OE1 . GLN A 1 73  ? -2.519  7.817   8.624   1.00 60.21 ? 467 GLN X OE1 1 
ATOM   491  N  NE2 . GLN A 1 73  ? -3.922  6.094   8.296   1.00 55.27 ? 467 GLN X NE2 1 
ATOM   492  N  N   . ALA A 1 74  ? -5.961  11.145  6.117   1.00 44.91 ? 468 ALA X N   1 
ATOM   493  C  CA  . ALA A 1 74  ? -7.350  11.534  6.195   1.00 46.49 ? 468 ALA X CA  1 
ATOM   494  C  C   . ALA A 1 74  ? -7.952  11.778  4.796   1.00 47.26 ? 468 ALA X C   1 
ATOM   495  O  O   . ALA A 1 74  ? -9.086  11.346  4.492   1.00 47.21 ? 468 ALA X O   1 
ATOM   496  C  CB  . ALA A 1 74  ? -7.526  12.789  7.095   1.00 45.67 ? 468 ALA X CB  1 
ATOM   497  N  N   . ALA A 1 75  ? -7.212  12.482  3.948   1.00 44.58 ? 469 ALA X N   1 
ATOM   498  C  CA  . ALA A 1 75  ? -7.747  12.791  2.631   1.00 44.44 ? 469 ALA X CA  1 
ATOM   499  C  C   . ALA A 1 75  ? -7.879  11.474  1.856   1.00 43.79 ? 469 ALA X C   1 
ATOM   500  O  O   . ALA A 1 75  ? -8.881  11.219  1.189   1.00 46.71 ? 469 ALA X O   1 
ATOM   501  C  CB  . ALA A 1 75  ? -6.877  13.793  1.903   1.00 39.46 ? 469 ALA X CB  1 
ATOM   502  N  N   . PHE A 1 76  ? -6.878  10.628  1.949   1.00 44.03 ? 470 PHE X N   1 
ATOM   503  C  CA  . PHE A 1 76  ? -6.960  9.333   1.267   1.00 45.10 ? 470 PHE X CA  1 
ATOM   504  C  C   . PHE A 1 76  ? -8.172  8.510   1.719   1.00 46.04 ? 470 PHE X C   1 
ATOM   505  O  O   . PHE A 1 76  ? -8.886  7.972   0.889   1.00 43.96 ? 470 PHE X O   1 
ATOM   506  C  CB  . PHE A 1 76  ? -5.708  8.511   1.496   1.00 43.72 ? 470 PHE X CB  1 
ATOM   507  C  CG  . PHE A 1 76  ? -5.825  7.097   0.988   1.00 45.21 ? 470 PHE X CG  1 
ATOM   508  C  CD1 . PHE A 1 76  ? -6.045  6.851   -0.369  1.00 44.91 ? 470 PHE X CD1 1 
ATOM   509  C  CD2 . PHE A 1 76  ? -5.728  6.019   1.866   1.00 46.88 ? 470 PHE X CD2 1 
ATOM   510  C  CE1 . PHE A 1 76  ? -6.155  5.547   -0.848  1.00 45.89 ? 470 PHE X CE1 1 
ATOM   511  C  CE2 . PHE A 1 76  ? -5.849  4.696   1.400   1.00 43.63 ? 470 PHE X CE2 1 
ATOM   512  C  CZ  . PHE A 1 76  ? -6.054  4.472   0.042   1.00 45.19 ? 470 PHE X CZ  1 
ATOM   513  N  N   . GLU A 1 77  ? -8.388  8.392   3.026   1.00 46.54 ? 471 GLU X N   1 
ATOM   514  C  CA  . GLU A 1 77  ? -9.463  7.517   3.514   1.00 51.58 ? 471 GLU X CA  1 
ATOM   515  C  C   . GLU A 1 77  ? -10.844 7.964   3.087   1.00 51.62 ? 471 GLU X C   1 
ATOM   516  O  O   . GLU A 1 77  ? -11.752 7.139   2.930   1.00 52.81 ? 471 GLU X O   1 
ATOM   517  C  CB  . GLU A 1 77  ? -9.428  7.380   5.028   1.00 51.71 ? 471 GLU X CB  1 
ATOM   518  C  CG  . GLU A 1 77  ? -8.357  6.409   5.546   1.00 53.23 ? 471 GLU X CG  1 
ATOM   519  C  CD  . GLU A 1 77  ? -8.544  6.119   7.029   1.00 59.48 ? 471 GLU X CD  1 
ATOM   520  O  OE1 . GLU A 1 77  ? -9.470  6.724   7.630   1.00 65.20 ? 471 GLU X OE1 1 
ATOM   521  O  OE2 . GLU A 1 77  ? -7.787  5.301   7.588   1.00 59.19 ? 471 GLU X OE2 1 
ATOM   522  N  N   . LYS A 1 78  ? -11.004 9.272   2.901   1.00 53.63 ? 472 LYS X N   1 
ATOM   523  C  CA  . LYS A 1 78  ? -12.293 9.846   2.515   1.00 54.29 ? 472 LYS X CA  1 
ATOM   524  C  C   . LYS A 1 78  ? -12.720 9.370   1.129   1.00 54.93 ? 472 LYS X C   1 
ATOM   525  O  O   . LYS A 1 78  ? -13.869 9.504   0.748   1.00 53.87 ? 472 LYS X O   1 
ATOM   526  C  CB  . LYS A 1 78  ? -12.243 11.378  2.584   1.00 53.36 ? 472 LYS X CB  1 
ATOM   527  C  CG  . LYS A 1 78  ? -12.393 11.903  4.018   1.00 57.70 ? 472 LYS X CG  1 
ATOM   528  C  CD  . LYS A 1 78  ? -11.975 13.369  4.192   1.00 58.13 ? 472 LYS X CD  1 
ATOM   529  C  CE  . LYS A 1 78  ? -12.727 14.026  5.374   1.00 69.89 ? 472 LYS X CE  1 
ATOM   530  N  NZ  . LYS A 1 78  ? -12.164 13.623  6.716   1.00 71.24 ? 472 LYS X NZ  1 
HETATM 531  N  N   . MSE A 1 79  ? -11.789 8.796   0.375   1.00 56.08 ? 473 MSE X N   1 
HETATM 532  C  CA  . MSE A 1 79  ? -12.093 8.391   -0.981  1.00 58.81 ? 473 MSE X CA  1 
HETATM 533  C  C   . MSE A 1 79  ? -12.580 6.964   -1.073  1.00 53.98 ? 473 MSE X C   1 
HETATM 534  O  O   . MSE A 1 79  ? -13.173 6.565   -2.085  1.00 51.76 ? 473 MSE X O   1 
HETATM 535  C  CB  . MSE A 1 79  ? -10.878 8.560   -1.855  1.00 57.76 ? 473 MSE X CB  1 
HETATM 536  C  CG  . MSE A 1 79  ? -10.410 9.988   -1.951  1.00 65.10 ? 473 MSE X CG  1 
HETATM 537  SE SE  . MSE A 1 79  ? -8.707  9.877   -2.841  1.00 77.58 ? 473 MSE X SE  1 
HETATM 538  C  CE  . MSE A 1 79  ? -9.438  9.979   -4.714  1.00 69.63 ? 473 MSE X CE  1 
ATOM   539  N  N   . ARG A 1 80  ? -12.333 6.193   -0.020  1.00 50.02 ? 474 ARG X N   1 
ATOM   540  C  CA  . ARG A 1 80  ? -12.942 4.879   0.084   1.00 48.55 ? 474 ARG X CA  1 
ATOM   541  C  C   . ARG A 1 80  ? -12.465 3.961   -1.047  1.00 46.69 ? 474 ARG X C   1 
ATOM   542  O  O   . ARG A 1 80  ? -13.263 3.302   -1.686  1.00 46.91 ? 474 ARG X O   1 
ATOM   543  C  CB  . ARG A 1 80  ? -14.466 5.024   0.017   1.00 45.79 ? 474 ARG X CB  1 
ATOM   544  C  CG  . ARG A 1 80  ? -14.967 6.107   0.941   1.00 48.28 ? 474 ARG X CG  1 
ATOM   545  C  CD  . ARG A 1 80  ? -16.459 5.904   1.292   1.00 49.96 ? 474 ARG X CD  1 
ATOM   546  N  NE  . ARG A 1 80  ? -16.902 7.034   2.166   1.00 51.23 ? 474 ARG X NE  1 
ATOM   547  C  CZ  . ARG A 1 80  ? -17.289 6.816   3.430   1.00 50.73 ? 474 ARG X CZ  1 
ATOM   548  N  NH1 . ARG A 1 80  ? -17.691 7.891   4.160   1.00 52.80 ? 474 ARG X NH1 1 
ATOM   549  N  NH2 . ARG A 1 80  ? -17.288 5.513   3.962   1.00 48.45 ? 474 ARG X NH2 1 
ATOM   550  N  N   . LYS A 1 81  ? -11.165 3.918   -1.293  1.00 46.55 ? 475 LYS X N   1 
ATOM   551  C  CA  . LYS A 1 81  ? -10.614 2.928   -2.223  1.00 45.79 ? 475 LYS X CA  1 
ATOM   552  C  C   . LYS A 1 81  ? -10.130 1.679   -1.487  1.00 46.14 ? 475 LYS X C   1 
ATOM   553  O  O   . LYS A 1 81  ? -10.008 0.591   -2.085  1.00 48.28 ? 475 LYS X O   1 
ATOM   554  C  CB  . LYS A 1 81  ? -9.454  3.527   -3.032  1.00 45.49 ? 475 LYS X CB  1 
ATOM   555  C  CG  . LYS A 1 81  ? -9.717  4.905   -3.618  1.00 39.40 ? 475 LYS X CG  1 
ATOM   556  C  CD  . LYS A 1 81  ? -10.776 4.828   -4.700  1.00 44.48 ? 475 LYS X CD  1 
ATOM   557  C  CE  . LYS A 1 81  ? -10.407 5.692   -5.858  1.00 42.69 ? 475 LYS X CE  1 
ATOM   558  N  NZ  . LYS A 1 81  ? -11.606 6.006   -6.650  1.00 51.16 ? 475 LYS X NZ  1 
ATOM   559  N  N   . HIS A 1 82  ? -9.846  1.837   -0.197  1.00 44.60 ? 476 HIS X N   1 
ATOM   560  C  CA  . HIS A 1 82  ? -9.256  0.762   0.592   1.00 42.63 ? 476 HIS X CA  1 
ATOM   561  C  C   . HIS A 1 82  ? -10.327 -0.265  0.956   1.00 44.97 ? 476 HIS X C   1 
ATOM   562  O  O   . HIS A 1 82  ? -11.531 0.043   1.040   1.00 38.67 ? 476 HIS X O   1 
ATOM   563  C  CB  . HIS A 1 82  ? -8.534  1.300   1.837   1.00 42.84 ? 476 HIS X CB  1 
ATOM   564  C  CG  . HIS A 1 82  ? -9.399  2.112   2.757   1.00 42.20 ? 476 HIS X CG  1 
ATOM   565  N  ND1 . HIS A 1 82  ? -9.853  3.378   2.439   1.00 44.05 ? 476 HIS X ND1 1 
ATOM   566  C  CD2 . HIS A 1 82  ? -9.885  1.840   3.992   1.00 42.69 ? 476 HIS X CD2 1 
ATOM   567  C  CE1 . HIS A 1 82  ? -10.588 3.843   3.437   1.00 50.15 ? 476 HIS X CE1 1 
ATOM   568  N  NE2 . HIS A 1 82  ? -10.627 2.927   4.389   1.00 47.73 ? 476 HIS X NE2 1 
ATOM   569  N  N   . ARG A 1 83  ? -9.900  -1.501  1.172   1.00 43.65 ? 477 ARG X N   1 
ATOM   570  C  CA  . ARG A 1 83  ? -10.831 -2.496  1.669   1.00 43.75 ? 477 ARG X CA  1 
ATOM   571  C  C   . ARG A 1 83  ? -11.234 -2.213  3.135   1.00 43.49 ? 477 ARG X C   1 
ATOM   572  O  O   . ARG A 1 83  ? -10.403 -1.923  3.996   1.00 44.43 ? 477 ARG X O   1 
ATOM   573  C  CB  . ARG A 1 83  ? -10.233 -3.883  1.479   1.00 41.78 ? 477 ARG X CB  1 
ATOM   574  C  CG  . ARG A 1 83  ? -10.967 -5.006  2.145   1.00 44.35 ? 477 ARG X CG  1 
ATOM   575  C  CD  . ARG A 1 83  ? -10.110 -6.296  2.160   1.00 48.33 ? 477 ARG X CD  1 
ATOM   576  N  NE  . ARG A 1 83  ? -10.959 -7.489  2.286   1.00 49.95 ? 477 ARG X NE  1 
ATOM   577  C  CZ  . ARG A 1 83  ? -10.569 -8.637  2.841   1.00 50.26 ? 477 ARG X CZ  1 
ATOM   578  N  NH1 . ARG A 1 83  ? -9.351  -8.764  3.329   1.00 50.38 ? 477 ARG X NH1 1 
ATOM   579  N  NH2 . ARG A 1 83  ? -11.406 -9.663  2.918   1.00 55.40 ? 477 ARG X NH2 1 
ATOM   580  N  N   . VAL A 1 84  ? -12.522 -2.292  3.412   1.00 43.11 ? 478 VAL X N   1 
ATOM   581  C  CA  . VAL A 1 84  ? -13.000 -2.242  4.777   1.00 42.13 ? 478 VAL X CA  1 
ATOM   582  C  C   . VAL A 1 84  ? -13.860 -3.469  4.950   1.00 43.21 ? 478 VAL X C   1 
ATOM   583  O  O   . VAL A 1 84  ? -14.901 -3.632  4.308   1.00 41.76 ? 478 VAL X O   1 
ATOM   584  C  CB  . VAL A 1 84  ? -13.843 -0.965  5.083   1.00 41.66 ? 478 VAL X CB  1 
ATOM   585  C  CG1 . VAL A 1 84  ? -14.433 -1.041  6.502   1.00 40.76 ? 478 VAL X CG1 1 
ATOM   586  C  CG2 . VAL A 1 84  ? -13.009 0.296   4.933   1.00 42.34 ? 478 VAL X CG2 1 
ATOM   587  N  N   . SER A 1 85  ? -13.413 -4.347  5.823   1.00 44.94 ? 479 SER X N   1 
ATOM   588  C  CA  . SER A 1 85  ? -14.065 -5.623  5.961   1.00 49.29 ? 479 SER X CA  1 
ATOM   589  C  C   . SER A 1 85  ? -14.717 -5.741  7.343   1.00 49.74 ? 479 SER X C   1 
ATOM   590  O  O   . SER A 1 85  ? -14.049 -5.988  8.342   1.00 50.57 ? 479 SER X O   1 
ATOM   591  C  CB  . SER A 1 85  ? -13.069 -6.748  5.684   1.00 46.11 ? 479 SER X CB  1 
ATOM   592  O  OG  . SER A 1 85  ? -13.596 -7.981  6.104   1.00 52.96 ? 479 SER X OG  1 
ATOM   593  N  N   . ASP A 1 86  ? -16.029 -5.546  7.381   1.00 52.92 ? 480 ASP X N   1 
ATOM   594  C  CA  . ASP A 1 86  ? -16.776 -5.559  8.646   1.00 55.13 ? 480 ASP X CA  1 
ATOM   595  C  C   . ASP A 1 86  ? -16.115 -4.627  9.688   1.00 55.40 ? 480 ASP X C   1 
ATOM   596  O  O   . ASP A 1 86  ? -15.798 -5.047  10.820  1.00 55.73 ? 480 ASP X O   1 
ATOM   597  C  CB  . ASP A 1 86  ? -16.833 -6.993  9.166   1.00 55.55 ? 480 ASP X CB  1 
ATOM   598  C  CG  . ASP A 1 86  ? -17.938 -7.216  10.155  1.00 59.97 ? 480 ASP X CG  1 
ATOM   599  O  OD1 . ASP A 1 86  ? -18.841 -6.326  10.302  1.00 61.32 ? 480 ASP X OD1 1 
ATOM   600  O  OD2 . ASP A 1 86  ? -17.891 -8.312  10.797  1.00 66.66 ? 480 ASP X OD2 1 
ATOM   601  N  N   . SER A 1 87  ? -15.906 -3.370  9.276   1.00 55.04 ? 481 SER X N   1 
ATOM   602  C  CA  . SER A 1 87  ? -15.318 -2.303  10.103  1.00 55.89 ? 481 SER X CA  1 
ATOM   603  C  C   . SER A 1 87  ? -13.783 -2.267  10.235  1.00 55.47 ? 481 SER X C   1 
ATOM   604  O  O   . SER A 1 87  ? -13.214 -1.302  10.737  1.00 56.92 ? 481 SER X O   1 
ATOM   605  C  CB  . SER A 1 87  ? -16.041 -2.148  11.451  1.00 57.01 ? 481 SER X CB  1 
ATOM   606  O  OG  . SER A 1 87  ? -15.356 -2.823  12.483  1.00 61.31 ? 481 SER X OG  1 
ATOM   607  N  N   . ARG A 1 88  ? -13.104 -3.301  9.773   1.00 53.70 ? 482 ARG X N   1 
ATOM   608  C  CA  . ARG A 1 88  ? -11.650 -3.315  9.879   1.00 53.33 ? 482 ARG X CA  1 
ATOM   609  C  C   . ARG A 1 88  ? -10.992 -2.704  8.650   1.00 50.97 ? 482 ARG X C   1 
ATOM   610  O  O   . ARG A 1 88  ? -11.251 -3.142  7.531   1.00 50.54 ? 482 ARG X O   1 
ATOM   611  C  CB  . ARG A 1 88  ? -11.153 -4.741  10.097  1.00 53.81 ? 482 ARG X CB  1 
ATOM   612  C  CG  . ARG A 1 88  ? -9.767  -5.023  9.562   1.00 56.15 ? 482 ARG X CG  1 
ATOM   613  C  CD  . ARG A 1 88  ? -9.420  -6.463  9.848   1.00 61.71 ? 482 ARG X CD  1 
ATOM   614  N  NE  . ARG A 1 88  ? -8.109  -6.531  10.459  1.00 74.02 ? 482 ARG X NE  1 
ATOM   615  C  CZ  . ARG A 1 88  ? -7.748  -7.438  11.352  1.00 79.94 ? 482 ARG X CZ  1 
ATOM   616  N  NH1 . ARG A 1 88  ? -8.617  -8.365  11.740  1.00 78.51 ? 482 ARG X NH1 1 
ATOM   617  N  NH2 . ARG A 1 88  ? -6.515  -7.414  11.852  1.00 84.58 ? 482 ARG X NH2 1 
ATOM   618  N  N   . ARG A 1 89  ? -10.142 -1.699  8.862   1.00 48.17 ? 483 ARG X N   1 
ATOM   619  C  CA  . ARG A 1 89  ? -9.519  -0.975  7.738   1.00 48.97 ? 483 ARG X CA  1 
ATOM   620  C  C   . ARG A 1 89  ? -8.034  -1.209  7.662   1.00 44.45 ? 483 ARG X C   1 
ATOM   621  O  O   . ARG A 1 89  ? -7.422  -0.943  6.627   1.00 44.49 ? 483 ARG X O   1 
ATOM   622  C  CB  . ARG A 1 89  ? -9.823  0.533   7.788   1.00 48.58 ? 483 ARG X CB  1 
ATOM   623  C  CG  . ARG A 1 89  ? -9.393  1.212   9.067   1.00 55.32 ? 483 ARG X CG  1 
ATOM   624  C  CD  . ARG A 1 89  ? -10.036 2.579   9.216   1.00 67.17 ? 483 ARG X CD  1 
ATOM   625  N  NE  . ARG A 1 89  ? -9.071  3.610   9.600   1.00 75.62 ? 483 ARG X NE  1 
ATOM   626  C  CZ  . ARG A 1 89  ? -8.947  4.089   10.835  1.00 80.93 ? 483 ARG X CZ  1 
ATOM   627  N  NH1 . ARG A 1 89  ? -9.722  3.627   11.812  1.00 78.77 ? 483 ARG X NH1 1 
ATOM   628  N  NH2 . ARG A 1 89  ? -8.045  5.027   11.096  1.00 82.68 ? 483 ARG X NH2 1 
ATOM   629  N  N   . PHE A 1 90  ? -7.464  -1.724  8.759   1.00 44.45 ? 484 PHE X N   1 
ATOM   630  C  CA  . PHE A 1 90  ? -6.029  -2.034  8.850   1.00 45.68 ? 484 PHE X CA  1 
ATOM   631  C  C   . PHE A 1 90  ? -5.759  -3.523  8.999   1.00 45.81 ? 484 PHE X C   1 
ATOM   632  O  O   . PHE A 1 90  ? -6.367  -4.181  9.827   1.00 47.65 ? 484 PHE X O   1 
ATOM   633  C  CB  . PHE A 1 90  ? -5.377  -1.274  10.023  1.00 44.40 ? 484 PHE X CB  1 
ATOM   634  C  CG  . PHE A 1 90  ? -5.369  0.208   9.847   1.00 46.69 ? 484 PHE X CG  1 
ATOM   635  C  CD1 . PHE A 1 90  ? -4.594  0.789   8.865   1.00 47.59 ? 484 PHE X CD1 1 
ATOM   636  C  CD2 . PHE A 1 90  ? -6.154  1.035   10.656  1.00 48.97 ? 484 PHE X CD2 1 
ATOM   637  C  CE1 . PHE A 1 90  ? -4.590  2.172   8.680   1.00 49.62 ? 484 PHE X CE1 1 
ATOM   638  C  CE2 . PHE A 1 90  ? -6.153  2.422   10.476  1.00 49.57 ? 484 PHE X CE2 1 
ATOM   639  C  CZ  . PHE A 1 90  ? -5.359  2.988   9.480   1.00 47.39 ? 484 PHE X CZ  1 
ATOM   640  N  N   . TRP A 1 91  ? -4.822  -4.051  8.217   1.00 45.62 ? 485 TRP X N   1 
ATOM   641  C  CA  . TRP A 1 91  ? -4.336  -5.403  8.428   1.00 45.58 ? 485 TRP X CA  1 
ATOM   642  C  C   . TRP A 1 91  ? -2.869  -5.399  8.894   1.00 49.35 ? 485 TRP X C   1 
ATOM   643  O  O   . TRP A 1 91  ? -2.053  -4.542  8.482   1.00 48.01 ? 485 TRP X O   1 
ATOM   644  C  CB  . TRP A 1 91  ? -4.470  -6.220  7.133   1.00 46.70 ? 485 TRP X CB  1 
ATOM   645  C  CG  . TRP A 1 91  ? -5.849  -6.773  6.882   1.00 40.28 ? 485 TRP X CG  1 
ATOM   646  C  CD1 . TRP A 1 91  ? -6.268  -8.062  7.093   1.00 40.40 ? 485 TRP X CD1 1 
ATOM   647  C  CD2 . TRP A 1 91  ? -6.989  -6.057  6.368   1.00 44.56 ? 485 TRP X CD2 1 
ATOM   648  N  NE1 . TRP A 1 91  ? -7.601  -8.186  6.757   1.00 46.32 ? 485 TRP X NE1 1 
ATOM   649  C  CE2 . TRP A 1 91  ? -8.067  -6.975  6.308   1.00 45.34 ? 485 TRP X CE2 1 
ATOM   650  C  CE3 . TRP A 1 91  ? -7.205  -4.731  5.963   1.00 42.97 ? 485 TRP X CE3 1 
ATOM   651  C  CZ2 . TRP A 1 91  ? -9.344  -6.608  5.855   1.00 46.65 ? 485 TRP X CZ2 1 
ATOM   652  C  CZ3 . TRP A 1 91  ? -8.472  -4.368  5.523   1.00 46.20 ? 485 TRP X CZ3 1 
ATOM   653  C  CH2 . TRP A 1 91  ? -9.524  -5.306  5.465   1.00 44.24 ? 485 TRP X CH2 1 
ATOM   654  N  N   A GLN A 1 92  ? -2.526  -6.351  9.758   0.70 48.51 ? 486 GLN X N   1 
ATOM   655  N  N   B GLN A 1 92  ? -2.530  -6.371  9.738   0.30 47.71 ? 486 GLN X N   1 
ATOM   656  C  CA  A GLN A 1 92  ? -1.127  -6.591  10.066  0.70 48.94 ? 486 GLN X CA  1 
ATOM   657  C  CA  B GLN A 1 92  ? -1.145  -6.603  10.137  0.30 47.45 ? 486 GLN X CA  1 
ATOM   658  C  C   A GLN A 1 92  ? -0.498  -7.591  9.140   0.70 47.41 ? 486 GLN X C   1 
ATOM   659  C  C   B GLN A 1 92  ? -0.462  -7.661  9.269   0.30 46.90 ? 486 GLN X C   1 
ATOM   660  O  O   A GLN A 1 92  ? -1.151  -8.526  8.664   0.70 47.31 ? 486 GLN X O   1 
ATOM   661  O  O   B GLN A 1 92  ? -1.056  -8.694  8.946   0.30 46.63 ? 486 GLN X O   1 
ATOM   662  C  CB  A GLN A 1 92  ? -0.966  -7.098  11.484  0.70 49.74 ? 486 GLN X CB  1 
ATOM   663  C  CB  B GLN A 1 92  ? -1.089  -7.016  11.608  0.30 47.47 ? 486 GLN X CB  1 
ATOM   664  C  CG  A GLN A 1 92  ? -1.174  -6.027  12.499  0.70 56.93 ? 486 GLN X CG  1 
ATOM   665  C  CG  B GLN A 1 92  ? -1.810  -6.047  12.536  0.30 48.41 ? 486 GLN X CG  1 
ATOM   666  C  CD  A GLN A 1 92  ? -1.840  -6.576  13.713  0.70 61.22 ? 486 GLN X CD  1 
ATOM   667  C  CD  B GLN A 1 92  ? -0.918  -4.918  13.018  0.30 48.94 ? 486 GLN X CD  1 
ATOM   668  O  OE1 A GLN A 1 92  ? -1.239  -7.364  14.458  0.70 60.56 ? 486 GLN X OE1 1 
ATOM   669  O  OE1 B GLN A 1 92  ? 0.316   -5.014  12.978  0.30 48.45 ? 486 GLN X OE1 1 
ATOM   670  N  NE2 A GLN A 1 92  ? -3.100  -6.185  13.925  0.70 56.15 ? 486 GLN X NE2 1 
ATOM   671  N  NE2 B GLN A 1 92  ? -1.537  -3.840  13.481  0.30 43.03 ? 486 GLN X NE2 1 
ATOM   672  N  N   . CYS A 1 93  ? 0.790   -7.396  8.901   1.00 46.48 ? 487 CYS X N   1 
ATOM   673  C  CA  . CYS A 1 93  ? 1.541   -8.270  8.020   1.00 47.58 ? 487 CYS X CA  1 
ATOM   674  C  C   . CYS A 1 93  ? 2.897   -8.445  8.651   1.00 47.97 ? 487 CYS X C   1 
ATOM   675  O  O   . CYS A 1 93  ? 3.346   -7.573  9.406   1.00 48.07 ? 487 CYS X O   1 
ATOM   676  C  CB  . CYS A 1 93  ? 1.721   -7.606  6.661   1.00 48.67 ? 487 CYS X CB  1 
ATOM   677  S  SG  . CYS A 1 93  ? 0.143   -7.337  5.798   1.00 62.81 ? 487 CYS X SG  1 
ATOM   678  N  N   . CYS A 1 94  ? 3.530   -9.567  8.349   1.00 46.80 ? 488 CYS X N   1 
ATOM   679  C  CA  . CYS A 1 94  ? 4.917   -9.779  8.678   1.00 48.84 ? 488 CYS X CA  1 
ATOM   680  C  C   . CYS A 1 94  ? 5.695   -9.566  7.395   1.00 47.67 ? 488 CYS X C   1 
ATOM   681  O  O   . CYS A 1 94  ? 5.409   -10.200 6.381   1.00 45.02 ? 488 CYS X O   1 
ATOM   682  C  CB  . CYS A 1 94  ? 5.154   -11.230 9.143   1.00 49.58 ? 488 CYS X CB  1 
ATOM   683  S  SG  . CYS A 1 94  ? 4.267   -11.654 10.634  1.00 54.15 ? 488 CYS X SG  1 
ATOM   684  N  N   . LEU A 1 95  ? 6.685   -8.689  7.432   1.00 47.54 ? 489 LEU X N   1 
ATOM   685  C  CA  . LEU A 1 95  ? 7.583   -8.599  6.279   1.00 47.10 ? 489 LEU X CA  1 
ATOM   686  C  C   . LEU A 1 95  ? 8.886   -9.298  6.544   1.00 44.87 ? 489 LEU X C   1 
ATOM   687  O  O   . LEU A 1 95  ? 9.648   -8.854  7.394   1.00 46.40 ? 489 LEU X O   1 
ATOM   688  C  CB  . LEU A 1 95  ? 7.823   -7.140  5.898   1.00 45.24 ? 489 LEU X CB  1 
ATOM   689  C  CG  . LEU A 1 95  ? 8.834   -6.871  4.786   1.00 49.49 ? 489 LEU X CG  1 
ATOM   690  C  CD1 . LEU A 1 95  ? 8.221   -7.192  3.426   1.00 47.51 ? 489 LEU X CD1 1 
ATOM   691  C  CD2 . LEU A 1 95  ? 9.294   -5.428  4.860   1.00 51.50 ? 489 LEU X CD2 1 
ATOM   692  N  N   . TYR A 1 96  ? 9.153   -10.382 5.810   1.00 45.22 ? 490 TYR X N   1 
ATOM   693  C  CA  . TYR A 1 96  ? 10.399  -11.148 5.968   1.00 44.28 ? 490 TYR X CA  1 
ATOM   694  C  C   . TYR A 1 96  ? 11.507  -10.645 5.061   1.00 45.38 ? 490 TYR X C   1 
ATOM   695  O  O   . TYR A 1 96  ? 11.222  -10.067 4.029   1.00 46.77 ? 490 TYR X O   1 
ATOM   696  C  CB  . TYR A 1 96  ? 10.161  -12.625 5.692   1.00 43.30 ? 490 TYR X CB  1 
ATOM   697  C  CG  . TYR A 1 96  ? 9.268   -13.275 6.696   1.00 44.18 ? 490 TYR X CG  1 
ATOM   698  C  CD1 . TYR A 1 96  ? 7.887   -13.221 6.556   1.00 43.11 ? 490 TYR X CD1 1 
ATOM   699  C  CD2 . TYR A 1 96  ? 9.795   -13.941 7.795   1.00 40.11 ? 490 TYR X CD2 1 
ATOM   700  C  CE1 . TYR A 1 96  ? 7.044   -13.816 7.485   1.00 42.15 ? 490 TYR X CE1 1 
ATOM   701  C  CE2 . TYR A 1 96  ? 8.961   -14.539 8.733   1.00 44.86 ? 490 TYR X CE2 1 
ATOM   702  C  CZ  . TYR A 1 96  ? 7.581   -14.465 8.565   1.00 43.97 ? 490 TYR X CZ  1 
ATOM   703  O  OH  . TYR A 1 96  ? 6.733   -15.049 9.476   1.00 49.32 ? 490 TYR X OH  1 
ATOM   704  N  N   . GLU A 1 97  ? 12.762  -10.871 5.448   1.00 45.46 ? 491 GLU X N   1 
ATOM   705  C  CA  . GLU A 1 97  ? 13.928  -10.634 4.577   1.00 49.19 ? 491 GLU X CA  1 
ATOM   706  C  C   . GLU A 1 97  ? 14.199  -11.752 3.556   1.00 48.05 ? 491 GLU X C   1 
ATOM   707  O  O   . GLU A 1 97  ? 14.853  -11.515 2.530   1.00 48.44 ? 491 GLU X O   1 
ATOM   708  C  CB  . GLU A 1 97  ? 15.188  -10.473 5.432   1.00 48.38 ? 491 GLU X CB  1 
ATOM   709  C  CG  . GLU A 1 97  ? 15.279  -11.540 6.505   1.00 53.34 ? 491 GLU X CG  1 
ATOM   710  C  CD  . GLU A 1 97  ? 16.666  -11.687 7.162   1.00 54.01 ? 491 GLU X CD  1 
ATOM   711  O  OE1 . GLU A 1 97  ? 17.501  -10.739 7.095   1.00 53.47 ? 491 GLU X OE1 1 
ATOM   712  O  OE2 . GLU A 1 97  ? 16.894  -12.774 7.754   1.00 50.10 ? 491 GLU X OE2 1 
ATOM   713  N  N   . GLU A 1 98  ? 13.725  -12.965 3.854   1.00 47.69 ? 492 GLU X N   1 
ATOM   714  C  CA  . GLU A 1 98  ? 14.024  -14.157 3.040   1.00 49.81 ? 492 GLU X CA  1 
ATOM   715  C  C   . GLU A 1 98  ? 12.725  -14.562 2.338   1.00 50.26 ? 492 GLU X C   1 
ATOM   716  O  O   . GLU A 1 98  ? 11.662  -14.465 2.931   1.00 52.60 ? 492 GLU X O   1 
ATOM   717  C  CB  . GLU A 1 98  ? 14.539  -15.318 3.920   1.00 47.37 ? 492 GLU X CB  1 
ATOM   718  C  CG  . GLU A 1 98  ? 15.632  -14.904 4.897   1.00 46.82 ? 492 GLU X CG  1 
ATOM   719  C  CD  . GLU A 1 98  ? 16.190  -16.070 5.763   1.00 52.13 ? 492 GLU X CD  1 
ATOM   720  O  OE1 . GLU A 1 98  ? 16.239  -17.262 5.327   1.00 46.79 ? 492 GLU X OE1 1 
ATOM   721  O  OE2 . GLU A 1 98  ? 16.603  -15.779 6.906   1.00 55.62 ? 492 GLU X OE2 1 
ATOM   722  N  N   . PRO A 1 99  ? 12.803  -15.004 1.075   1.00 51.66 ? 493 PRO X N   1 
ATOM   723  C  CA  . PRO A 1 99  ? 11.558  -15.346 0.415   1.00 52.87 ? 493 PRO X CA  1 
ATOM   724  C  C   . PRO A 1 99  ? 11.067  -16.687 0.943   1.00 53.54 ? 493 PRO X C   1 
ATOM   725  O  O   . PRO A 1 99  ? 11.881  -17.545 1.291   1.00 56.76 ? 493 PRO X O   1 
ATOM   726  C  CB  . PRO A 1 99  ? 11.954  -15.459 -1.071  1.00 51.34 ? 493 PRO X CB  1 
ATOM   727  C  CG  . PRO A 1 99  ? 13.403  -15.039 -1.156  1.00 54.02 ? 493 PRO X CG  1 
ATOM   728  C  CD  . PRO A 1 99  ? 13.970  -15.242 0.207   1.00 52.44 ? 493 PRO X CD  1 
ATOM   729  N  N   . GLY A 1 100 ? 9.756   -16.873 1.001   1.00 53.41 ? 494 GLY X N   1 
ATOM   730  C  CA  . GLY A 1 100 ? 9.196   -18.072 1.606   1.00 55.50 ? 494 GLY X CA  1 
ATOM   731  C  C   . GLY A 1 100 ? 8.989   -17.904 3.097   1.00 58.18 ? 494 GLY X C   1 
ATOM   732  O  O   . GLY A 1 100 ? 8.944   -18.890 3.854   1.00 59.87 ? 494 GLY X O   1 
ATOM   733  N  N   . GLY A 1 101 ? 8.865   -16.647 3.521   1.00 57.86 ? 495 GLY X N   1 
ATOM   734  C  CA  . GLY A 1 101 ? 8.423   -16.317 4.864   1.00 57.34 ? 495 GLY X CA  1 
ATOM   735  C  C   . GLY A 1 101 ? 9.266   -16.913 5.977   1.00 56.62 ? 495 GLY X C   1 
ATOM   736  O  O   . GLY A 1 101 ? 8.757   -17.665 6.817   1.00 57.52 ? 495 GLY X O   1 
ATOM   737  N  N   . ARG A 1 102 ? 10.556  -16.582 6.014   1.00 54.52 ? 496 ARG X N   1 
ATOM   738  C  CA  . ARG A 1 102 ? 11.337  -16.964 7.184   1.00 51.68 ? 496 ARG X CA  1 
ATOM   739  C  C   . ARG A 1 102 ? 12.480  -16.020 7.560   1.00 50.32 ? 496 ARG X C   1 
ATOM   740  O  O   . ARG A 1 102 ? 12.829  -15.100 6.812   1.00 52.16 ? 496 ARG X O   1 
ATOM   741  C  CB  . ARG A 1 102 ? 11.820  -18.393 7.034   1.00 52.10 ? 496 ARG X CB  1 
ATOM   742  C  CG  . ARG A 1 102 ? 13.014  -18.518 6.152   1.00 51.95 ? 496 ARG X CG  1 
ATOM   743  C  CD  . ARG A 1 102 ? 13.846  -19.704 6.578   1.00 53.55 ? 496 ARG X CD  1 
ATOM   744  N  NE  . ARG A 1 102 ? 14.744  -20.136 5.511   1.00 50.95 ? 496 ARG X NE  1 
ATOM   745  C  CZ  . ARG A 1 102 ? 15.122  -21.391 5.324   1.00 49.24 ? 496 ARG X CZ  1 
ATOM   746  N  NH1 . ARG A 1 102 ? 14.673  -22.344 6.140   1.00 47.26 ? 496 ARG X NH1 1 
ATOM   747  N  NH2 . ARG A 1 102 ? 15.939  -21.692 4.324   1.00 46.16 ? 496 ARG X NH2 1 
ATOM   748  N  N   . GLY A 1 103 ? 13.053  -16.246 8.734   1.00 47.00 ? 497 GLY X N   1 
ATOM   749  C  CA  . GLY A 1 103 ? 14.123  -15.395 9.219   1.00 46.33 ? 497 GLY X CA  1 
ATOM   750  C  C   . GLY A 1 103 ? 13.608  -14.107 9.824   1.00 45.20 ? 497 GLY X C   1 
ATOM   751  O  O   . GLY A 1 103 ? 12.452  -14.028 10.248  1.00 47.13 ? 497 GLY X O   1 
ATOM   752  N  N   . ARG A 1 104 ? 14.469  -13.092 9.867   1.00 43.36 ? 498 ARG X N   1 
ATOM   753  C  CA  . ARG A 1 104 ? 14.112  -11.822 10.482  1.00 43.91 ? 498 ARG X CA  1 
ATOM   754  C  C   . ARG A 1 104 ? 12.911  -11.266 9.752   1.00 41.78 ? 498 ARG X C   1 
ATOM   755  O  O   . ARG A 1 104 ? 12.784  -11.414 8.540   1.00 39.69 ? 498 ARG X O   1 
ATOM   756  C  CB  . ARG A 1 104 ? 15.263  -10.808 10.423  1.00 40.52 ? 498 ARG X CB  1 
ATOM   757  C  CG  . ARG A 1 104 ? 16.479  -11.205 11.248  1.00 46.49 ? 498 ARG X CG  1 
ATOM   758  C  CD  . ARG A 1 104 ? 17.589  -10.167 11.088  1.00 48.84 ? 498 ARG X CD  1 
ATOM   759  N  NE  . ARG A 1 104 ? 17.044  -8.868  10.694  1.00 64.90 ? 498 ARG X NE  1 
ATOM   760  C  CZ  . ARG A 1 104 ? 17.641  -7.698  10.920  1.00 68.69 ? 498 ARG X CZ  1 
ATOM   761  N  NH1 . ARG A 1 104 ? 18.818  -7.655  11.540  1.00 68.05 ? 498 ARG X NH1 1 
ATOM   762  N  NH2 . ARG A 1 104 ? 17.055  -6.569  10.524  1.00 69.26 ? 498 ARG X NH2 1 
ATOM   763  N  N   . TYR A 1 105 ? 12.038  -10.621 10.505  1.00 41.81 ? 499 TYR X N   1 
ATOM   764  C  CA  . TYR A 1 105 ? 10.885  -10.023 9.939   1.00 44.03 ? 499 TYR X CA  1 
ATOM   765  C  C   . TYR A 1 105 ? 10.646  -8.697  10.634  1.00 45.53 ? 499 TYR X C   1 
ATOM   766  O  O   . TYR A 1 105 ? 11.233  -8.397  11.689  1.00 44.02 ? 499 TYR X O   1 
ATOM   767  C  CB  . TYR A 1 105 ? 9.682   -10.949 10.114  1.00 45.66 ? 499 TYR X CB  1 
ATOM   768  C  CG  . TYR A 1 105 ? 9.426   -11.291 11.564  1.00 45.22 ? 499 TYR X CG  1 
ATOM   769  C  CD1 . TYR A 1 105 ? 8.707   -10.424 12.389  1.00 42.80 ? 499 TYR X CD1 1 
ATOM   770  C  CD2 . TYR A 1 105 ? 9.916   -12.466 12.109  1.00 47.42 ? 499 TYR X CD2 1 
ATOM   771  C  CE1 . TYR A 1 105 ? 8.476   -10.736 13.734  1.00 47.64 ? 499 TYR X CE1 1 
ATOM   772  C  CE2 . TYR A 1 105 ? 9.696   -12.791 13.435  1.00 51.60 ? 499 TYR X CE2 1 
ATOM   773  C  CZ  . TYR A 1 105 ? 8.976   -11.927 14.243  1.00 50.36 ? 499 TYR X CZ  1 
ATOM   774  O  OH  . TYR A 1 105 ? 8.778   -12.266 15.551  1.00 50.08 ? 499 TYR X OH  1 
ATOM   775  N  N   . LYS A 1 106 ? 9.777   -7.904  10.019  1.00 45.61 ? 500 LYS X N   1 
ATOM   776  C  CA  . LYS A 1 106 ? 9.285   -6.701  10.627  1.00 48.34 ? 500 LYS X CA  1 
ATOM   777  C  C   . LYS A 1 106 ? 7.773   -6.759  10.508  1.00 45.64 ? 500 LYS X C   1 
ATOM   778  O  O   . LYS A 1 106 ? 7.207   -7.194  9.499   1.00 45.40 ? 500 LYS X O   1 
ATOM   779  C  CB  . LYS A 1 106 ? 9.896   -5.472  9.956   1.00 49.68 ? 500 LYS X CB  1 
ATOM   780  C  CG  . LYS A 1 106 ? 8.986   -4.305  9.827   1.00 54.83 ? 500 LYS X CG  1 
ATOM   781  C  CD  . LYS A 1 106 ? 9.739   -2.967  9.932   1.00 65.04 ? 500 LYS X CD  1 
ATOM   782  C  CE  . LYS A 1 106 ? 10.640  -2.704  8.723   1.00 64.01 ? 500 LYS X CE  1 
ATOM   783  N  NZ  . LYS A 1 106 ? 11.769  -3.665  8.722   1.00 69.28 ? 500 LYS X NZ  1 
ATOM   784  N  N   . LYS A 1 107 ? 7.127   -6.357  11.581  1.00 43.32 ? 501 LYS X N   1 
ATOM   785  C  CA  . LYS A 1 107 ? 5.689   -6.344  11.619  1.00 45.00 ? 501 LYS X CA  1 
ATOM   786  C  C   . LYS A 1 107 ? 5.200   -4.999  11.137  1.00 45.12 ? 501 LYS X C   1 
ATOM   787  O  O   . LYS A 1 107 ? 5.706   -3.961  11.570  1.00 46.68 ? 501 LYS X O   1 
ATOM   788  C  CB  . LYS A 1 107 ? 5.200   -6.645  13.026  1.00 44.66 ? 501 LYS X CB  1 
ATOM   789  C  CG  . LYS A 1 107 ? 4.140   -7.709  13.012  1.00 49.00 ? 501 LYS X CG  1 
ATOM   790  C  CD  . LYS A 1 107 ? 4.581   -8.890  13.752  1.00 41.17 ? 501 LYS X CD  1 
ATOM   791  C  CE  . LYS A 1 107 ? 4.012   -10.150 13.122  1.00 49.92 ? 501 LYS X CE  1 
ATOM   792  N  NZ  . LYS A 1 107 ? 5.028   -11.270 13.252  1.00 50.92 ? 501 LYS X NZ  1 
ATOM   793  N  N   . LEU A 1 108 ? 4.233   -5.019  10.222  1.00 43.90 ? 502 LEU X N   1 
ATOM   794  C  CA  . LEU A 1 108 ? 3.749   -3.819  9.583   1.00 43.83 ? 502 LEU X CA  1 
ATOM   795  C  C   . LEU A 1 108 ? 2.221   -3.813  9.663   1.00 45.78 ? 502 LEU X C   1 
ATOM   796  O  O   . LEU A 1 108 ? 1.599   -4.860  9.834   1.00 43.17 ? 502 LEU X O   1 
ATOM   797  C  CB  . LEU A 1 108 ? 4.130   -3.846  8.097   1.00 43.43 ? 502 LEU X CB  1 
ATOM   798  C  CG  . LEU A 1 108 ? 5.578   -3.885  7.627   1.00 47.18 ? 502 LEU X CG  1 
ATOM   799  C  CD1 . LEU A 1 108 ? 5.549   -4.016  6.098   1.00 47.53 ? 502 LEU X CD1 1 
ATOM   800  C  CD2 . LEU A 1 108 ? 6.306   -2.618  8.088   1.00 49.32 ? 502 LEU X CD2 1 
ATOM   801  N  N   . THR A 1 109 ? 1.632   -2.632  9.520   1.00 45.25 ? 503 THR X N   1 
ATOM   802  C  CA  . THR A 1 109 ? 0.183   -2.499  9.330   1.00 47.98 ? 503 THR X CA  1 
ATOM   803  C  C   . THR A 1 109 ? -0.086  -1.547  8.168   1.00 47.19 ? 503 THR X C   1 
ATOM   804  O  O   . THR A 1 109 ? 0.769   -0.734  7.816   1.00 44.48 ? 503 THR X O   1 
ATOM   805  C  CB  . THR A 1 109 ? -0.606  -2.110  10.644  1.00 47.67 ? 503 THR X CB  1 
ATOM   806  O  OG1 . THR A 1 109 ? -1.230  -0.846  10.516  1.00 58.29 ? 503 THR X OG1 1 
ATOM   807  C  CG2 . THR A 1 109 ? 0.268   -2.111  11.862  1.00 46.37 ? 503 THR X CG2 1 
ATOM   808  N  N   . GLY A 1 110 ? -1.263  -1.669  7.561   1.00 47.69 ? 504 GLY X N   1 
ATOM   809  C  CA  . GLY A 1 110 ? -1.627  -0.787  6.477   1.00 46.51 ? 504 GLY X CA  1 
ATOM   810  C  C   . GLY A 1 110 ? -2.893  -1.245  5.804   1.00 45.38 ? 504 GLY X C   1 
ATOM   811  O  O   . GLY A 1 110 ? -3.621  -2.062  6.324   1.00 43.46 ? 504 GLY X O   1 
ATOM   812  N  N   . TYR A 1 111 ? -3.120  -0.717  4.616   1.00 45.41 ? 505 TYR X N   1 
ATOM   813  C  CA  . TYR A 1 111 ? -4.383  -0.843  3.925   1.00 45.78 ? 505 TYR X CA  1 
ATOM   814  C  C   . TYR A 1 111 ? -4.279  -1.985  2.952   1.00 44.73 ? 505 TYR X C   1 
ATOM   815  O  O   . TYR A 1 111 ? -3.200  -2.269  2.444   1.00 45.56 ? 505 TYR X O   1 
ATOM   816  C  CB  . TYR A 1 111 ? -4.640  0.449   3.151   1.00 46.12 ? 505 TYR X CB  1 
ATOM   817  C  CG  . TYR A 1 111 ? -4.924  1.650   4.030   1.00 47.66 ? 505 TYR X CG  1 
ATOM   818  C  CD1 . TYR A 1 111 ? -3.966  2.670   4.206   1.00 50.56 ? 505 TYR X CD1 1 
ATOM   819  C  CD2 . TYR A 1 111 ? -6.145  1.774   4.684   1.00 50.41 ? 505 TYR X CD2 1 
ATOM   820  C  CE1 . TYR A 1 111 ? -4.246  3.806   5.034   1.00 47.19 ? 505 TYR X CE1 1 
ATOM   821  C  CE2 . TYR A 1 111 ? -6.435  2.885   5.499   1.00 49.47 ? 505 TYR X CE2 1 
ATOM   822  C  CZ  . TYR A 1 111 ? -5.485  3.891   5.670   1.00 53.01 ? 505 TYR X CZ  1 
ATOM   823  O  OH  . TYR A 1 111 ? -5.796  4.970   6.480   1.00 50.03 ? 505 TYR X OH  1 
ATOM   824  N  N   . LEU A 1 112 ? -5.401  -2.631  2.687   1.00 43.54 ? 506 LEU X N   1 
ATOM   825  C  CA  . LEU A 1 112 ? -5.549  -3.478  1.510   1.00 45.06 ? 506 LEU X CA  1 
ATOM   826  C  C   . LEU A 1 112 ? -6.381  -2.804  0.432   1.00 44.40 ? 506 LEU X C   1 
ATOM   827  O  O   . LEU A 1 112 ? -7.450  -2.278  0.705   1.00 46.99 ? 506 LEU X O   1 
ATOM   828  C  CB  . LEU A 1 112 ? -6.221  -4.802  1.898   1.00 45.36 ? 506 LEU X CB  1 
ATOM   829  C  CG  . LEU A 1 112 ? -5.367  -5.765  2.743   1.00 45.59 ? 506 LEU X CG  1 
ATOM   830  C  CD1 . LEU A 1 112 ? -6.171  -7.003  2.929   1.00 44.15 ? 506 LEU X CD1 1 
ATOM   831  C  CD2 . LEU A 1 112 ? -4.107  -6.082  2.035   1.00 41.18 ? 506 LEU X CD2 1 
ATOM   832  N  N   . ILE A 1 113 ? -5.911  -2.823  -0.800  1.00 42.43 ? 507 ILE X N   1 
ATOM   833  C  CA  . ILE A 1 113 ? -6.678  -2.241  -1.893  1.00 42.60 ? 507 ILE X CA  1 
ATOM   834  C  C   . ILE A 1 113 ? -6.845  -3.275  -2.996  1.00 43.19 ? 507 ILE X C   1 
ATOM   835  O  O   . ILE A 1 113 ? -5.857  -3.856  -3.451  1.00 42.73 ? 507 ILE X O   1 
ATOM   836  C  CB  . ILE A 1 113 ? -5.900  -1.048  -2.460  1.00 43.28 ? 507 ILE X CB  1 
ATOM   837  C  CG1 . ILE A 1 113 ? -5.753  0.025   -1.377  1.00 42.80 ? 507 ILE X CG1 1 
ATOM   838  C  CG2 . ILE A 1 113 ? -6.549  -0.527  -3.767  1.00 41.61 ? 507 ILE X CG2 1 
ATOM   839  C  CD1 . ILE A 1 113 ? -4.560  0.917   -1.592  1.00 51.30 ? 507 ILE X CD1 1 
ATOM   840  N  N   . LYS A 1 114 ? -8.081  -3.492  -3.428  1.00 43.72 ? 508 LYS X N   1 
ATOM   841  C  CA  . LYS A 1 114 ? -8.392  -4.452  -4.480  1.00 46.60 ? 508 LYS X CA  1 
ATOM   842  C  C   . LYS A 1 114 ? -7.524  -4.181  -5.679  1.00 48.45 ? 508 LYS X C   1 
ATOM   843  O  O   . LYS A 1 114 ? -7.430  -3.025  -6.097  1.00 47.15 ? 508 LYS X O   1 
ATOM   844  C  CB  . LYS A 1 114 ? -9.837  -4.301  -4.925  1.00 43.87 ? 508 LYS X CB  1 
ATOM   845  C  CG  . LYS A 1 114 ? -10.840 -4.994  -4.074  1.00 51.25 ? 508 LYS X CG  1 
ATOM   846  C  CD  . LYS A 1 114 ? -12.248 -4.915  -4.710  1.00 49.92 ? 508 LYS X CD  1 
ATOM   847  C  CE  . LYS A 1 114 ? -12.293 -5.632  -6.058  1.00 49.83 ? 508 LYS X CE  1 
ATOM   848  N  NZ  . LYS A 1 114 ? -13.681 -5.910  -6.534  1.00 63.42 ? 508 LYS X NZ  1 
HETATM 849  N  N   . MSE A 1 115 ? -6.913  -5.235  -6.228  1.00 49.84 ? 509 MSE X N   1 
HETATM 850  C  CA  . MSE A 1 115 ? -5.991  -5.120  -7.365  1.00 59.09 ? 509 MSE X CA  1 
HETATM 851  C  C   . MSE A 1 115 ? -6.541  -4.291  -8.516  1.00 55.77 ? 509 MSE X C   1 
HETATM 852  O  O   . MSE A 1 115 ? -5.814  -3.509  -9.123  1.00 55.43 ? 509 MSE X O   1 
HETATM 853  C  CB  . MSE A 1 115 ? -5.654  -6.498  -7.939  1.00 59.56 ? 509 MSE X CB  1 
HETATM 854  C  CG  . MSE A 1 115 ? -5.151  -7.483  -6.932  1.00 66.33 ? 509 MSE X CG  1 
HETATM 855  SE SE  . MSE A 1 115 ? -3.313  -7.988  -7.228  1.00 82.95 ? 509 MSE X SE  1 
HETATM 856  C  CE  . MSE A 1 115 ? -3.583  -9.805  -7.900  1.00 69.99 ? 509 MSE X CE  1 
ATOM   857  N  N   . SER A 1 116 ? -7.823  -4.480  -8.820  1.00 53.61 ? 510 SER X N   1 
ATOM   858  C  CA  . SER A 1 116 ? -8.434  -3.862  -9.973  1.00 52.72 ? 510 SER X CA  1 
ATOM   859  C  C   . SER A 1 116 ? -8.752  -2.373  -9.772  1.00 53.43 ? 510 SER X C   1 
ATOM   860  O  O   . SER A 1 116 ? -9.195  -1.710  -10.706 1.00 54.42 ? 510 SER X O   1 
ATOM   861  C  CB  . SER A 1 116 ? -9.712  -4.614  -10.330 1.00 53.35 ? 510 SER X CB  1 
ATOM   862  O  OG  . SER A 1 116 ? -10.646 -4.511  -9.266  1.00 52.49 ? 510 SER X OG  1 
ATOM   863  N  N   . GLU A 1 117 ? -8.545  -1.837  -8.571  1.00 52.48 ? 511 GLU X N   1 
ATOM   864  C  CA  . GLU A 1 117 ? -8.618  -0.388  -8.401  1.00 52.97 ? 511 GLU X CA  1 
ATOM   865  C  C   . GLU A 1 117 ? -7.307  0.260   -8.887  1.00 51.90 ? 511 GLU X C   1 
ATOM   866  O  O   . GLU A 1 117 ? -7.278  1.445   -9.205  1.00 51.47 ? 511 GLU X O   1 
ATOM   867  C  CB  . GLU A 1 117 ? -8.930  0.010   -6.945  1.00 52.55 ? 511 GLU X CB  1 
ATOM   868  C  CG  . GLU A 1 117 ? -10.243 -0.564  -6.351  1.00 59.69 ? 511 GLU X CG  1 
ATOM   869  C  CD  . GLU A 1 117 ? -11.459 0.392   -6.394  1.00 70.10 ? 511 GLU X CD  1 
ATOM   870  O  OE1 . GLU A 1 117 ? -11.516 1.317   -7.246  1.00 72.55 ? 511 GLU X OE1 1 
ATOM   871  O  OE2 . GLU A 1 117 ? -12.378 0.206   -5.562  1.00 71.84 ? 511 GLU X OE2 1 
ATOM   872  N  N   . ILE A 1 118 ? -6.232  -0.531  -8.932  1.00 49.67 ? 512 ILE X N   1 
ATOM   873  C  CA  . ILE A 1 118 ? -4.924  -0.062  -9.402  1.00 47.95 ? 512 ILE X CA  1 
ATOM   874  C  C   . ILE A 1 118 ? -4.632  -0.586  -10.793 1.00 46.68 ? 512 ILE X C   1 
ATOM   875  O  O   . ILE A 1 118 ? -4.429  0.184   -11.726 1.00 47.86 ? 512 ILE X O   1 
ATOM   876  C  CB  . ILE A 1 118 ? -3.746  -0.574  -8.535  1.00 47.66 ? 512 ILE X CB  1 
ATOM   877  C  CG1 . ILE A 1 118 ? -3.995  -0.377  -7.031  1.00 49.14 ? 512 ILE X CG1 1 
ATOM   878  C  CG2 . ILE A 1 118 ? -2.417  -0.005  -9.063  1.00 41.46 ? 512 ILE X CG2 1 
ATOM   879  C  CD1 . ILE A 1 118 ? -3.991  1.036   -6.572  1.00 52.71 ? 512 ILE X CD1 1 
ATOM   880  N  N   . TYR A 1 119 ? -4.600  -1.911  -10.911 1.00 45.11 ? 513 TYR X N   1 
ATOM   881  C  CA  . TYR A 1 119 ? -4.201  -2.581  -12.136 1.00 45.46 ? 513 TYR X CA  1 
ATOM   882  C  C   . TYR A 1 119 ? -5.440  -3.037  -12.886 1.00 47.05 ? 513 TYR X C   1 
ATOM   883  O  O   . TYR A 1 119 ? -5.892  -2.385  -13.823 1.00 50.02 ? 513 TYR X O   1 
ATOM   884  C  CB  . TYR A 1 119 ? -3.356  -3.812  -11.806 1.00 44.06 ? 513 TYR X CB  1 
ATOM   885  C  CG  . TYR A 1 119 ? -2.104  -3.546  -10.990 1.00 43.05 ? 513 TYR X CG  1 
ATOM   886  C  CD1 . TYR A 1 119 ? -2.055  -3.853  -9.635  1.00 42.26 ? 513 TYR X CD1 1 
ATOM   887  C  CD2 . TYR A 1 119 ? -0.960  -3.005  -11.577 1.00 44.08 ? 513 TYR X CD2 1 
ATOM   888  C  CE1 . TYR A 1 119 ? -0.900  -3.623  -8.874  1.00 37.90 ? 513 TYR X CE1 1 
ATOM   889  C  CE2 . TYR A 1 119 ? 0.194   -2.770  -10.828 1.00 46.04 ? 513 TYR X CE2 1 
ATOM   890  C  CZ  . TYR A 1 119 ? 0.208   -3.082  -9.471  1.00 43.03 ? 513 TYR X CZ  1 
ATOM   891  O  OH  . TYR A 1 119 ? 1.337   -2.858  -8.718  1.00 41.35 ? 513 TYR X OH  1 
ATOM   892  N  N   . ASN A 1 121 ? -5.381  -2.588  -16.064 1.00 66.05 ? 515 ASN X N   1 
ATOM   893  C  CA  . ASN A 1 121 ? -5.862  -3.727  -16.834 1.00 65.98 ? 515 ASN X CA  1 
ATOM   894  C  C   . ASN A 1 121 ? -6.035  -4.946  -15.931 1.00 66.26 ? 515 ASN X C   1 
ATOM   895  O  O   . ASN A 1 121 ? -6.232  -4.807  -14.718 1.00 66.61 ? 515 ASN X O   1 
ATOM   896  C  CB  . ASN A 1 121 ? -4.903  -4.037  -17.985 1.00 66.01 ? 515 ASN X CB  1 
ATOM   897  N  N   . GLY A 1 122 ? -5.971  -6.136  -16.529 1.00 66.46 ? 516 GLY X N   1 
ATOM   898  C  CA  . GLY A 1 122 ? -5.719  -7.370  -15.781 1.00 65.29 ? 516 GLY X CA  1 
ATOM   899  C  C   . GLY A 1 122 ? -4.237  -7.699  -15.758 1.00 64.55 ? 516 GLY X C   1 
ATOM   900  O  O   . GLY A 1 122 ? -3.841  -8.852  -15.933 1.00 64.70 ? 516 GLY X O   1 
ATOM   901  N  N   . ASN A 1 123 ? -3.412  -6.677  -15.539 1.00 63.41 ? 517 ASN X N   1 
ATOM   902  C  CA  . ASN A 1 123 ? -2.008  -6.705  -15.963 1.00 61.24 ? 517 ASN X CA  1 
ATOM   903  C  C   . ASN A 1 123 ? -1.047  -6.292  -14.847 1.00 58.92 ? 517 ASN X C   1 
ATOM   904  O  O   . ASN A 1 123 ? -0.703  -5.113  -14.727 1.00 56.87 ? 517 ASN X O   1 
ATOM   905  C  CB  . ASN A 1 123 ? -1.809  -5.795  -17.181 1.00 61.58 ? 517 ASN X CB  1 
ATOM   906  C  CG  . ASN A 1 123 ? -0.412  -5.890  -17.762 1.00 64.00 ? 517 ASN X CG  1 
ATOM   907  O  OD1 . ASN A 1 123 ? -0.215  -6.430  -18.854 1.00 68.61 ? 517 ASN X OD1 1 
ATOM   908  N  ND2 . ASN A 1 123 ? 0.568   -5.366  -17.036 1.00 66.62 ? 517 ASN X ND2 1 
ATOM   909  N  N   . PHE A 1 124 ? -0.614  -7.262  -14.042 1.00 56.60 ? 518 PHE X N   1 
ATOM   910  C  CA  . PHE A 1 124 ? 0.133   -6.959  -12.825 1.00 55.91 ? 518 PHE X CA  1 
ATOM   911  C  C   . PHE A 1 124 ? 1.316   -7.878  -12.495 1.00 53.76 ? 518 PHE X C   1 
ATOM   912  O  O   . PHE A 1 124 ? 1.421   -8.995  -13.006 1.00 50.46 ? 518 PHE X O   1 
ATOM   913  C  CB  . PHE A 1 124 ? -0.793  -6.802  -11.613 1.00 57.40 ? 518 PHE X CB  1 
ATOM   914  C  CG  . PHE A 1 124 ? -1.986  -7.734  -11.609 1.00 61.95 ? 518 PHE X CG  1 
ATOM   915  C  CD1 . PHE A 1 124 ? -3.181  -7.362  -12.220 1.00 64.58 ? 518 PHE X CD1 1 
ATOM   916  C  CD2 . PHE A 1 124 ? -1.920  -8.969  -10.982 1.00 63.92 ? 518 PHE X CD2 1 
ATOM   917  C  CE1 . PHE A 1 124 ? -4.282  -8.206  -12.213 1.00 64.29 ? 518 PHE X CE1 1 
ATOM   918  C  CE2 . PHE A 1 124 ? -3.021  -9.818  -10.974 1.00 63.51 ? 518 PHE X CE2 1 
ATOM   919  C  CZ  . PHE A 1 124 ? -4.198  -9.437  -11.589 1.00 62.46 ? 518 PHE X CZ  1 
ATOM   920  N  N   . PRO A 1 125 ? 2.220   -7.389  -11.632 1.00 51.90 ? 519 PRO X N   1 
ATOM   921  C  CA  . PRO A 1 125 ? 3.298   -8.203  -11.042 1.00 49.54 ? 519 PRO X CA  1 
ATOM   922  C  C   . PRO A 1 125 ? 2.801   -9.430  -10.293 1.00 46.77 ? 519 PRO X C   1 
ATOM   923  O  O   . PRO A 1 125 ? 1.626   -9.515  -9.934  1.00 46.71 ? 519 PRO X O   1 
ATOM   924  C  CB  . PRO A 1 125 ? 3.993   -7.236  -10.068 1.00 48.17 ? 519 PRO X CB  1 
ATOM   925  C  CG  . PRO A 1 125 ? 3.083   -6.039  -9.947  1.00 50.75 ? 519 PRO X CG  1 
ATOM   926  C  CD  . PRO A 1 125 ? 2.262   -5.983  -11.187 1.00 50.16 ? 519 PRO X CD  1 
ATOM   927  N  N   . ASP A 1 126 ? 3.696   -10.378 -10.054 1.00 46.63 ? 520 ASP X N   1 
ATOM   928  C  CA  . ASP A 1 126 ? 3.378   -11.512 -9.206  1.00 46.59 ? 520 ASP X CA  1 
ATOM   929  C  C   . ASP A 1 126 ? 3.205   -11.056 -7.763  1.00 46.59 ? 520 ASP X C   1 
ATOM   930  O  O   . ASP A 1 126 ? 3.484   -9.898  -7.445  1.00 44.16 ? 520 ASP X O   1 
ATOM   931  C  CB  . ASP A 1 126 ? 4.471   -12.554 -9.305  1.00 48.58 ? 520 ASP X CB  1 
ATOM   932  C  CG  . ASP A 1 126 ? 4.545   -13.161 -10.669 1.00 52.67 ? 520 ASP X CG  1 
ATOM   933  O  OD1 . ASP A 1 126 ? 3.490   -13.603 -11.178 1.00 58.73 ? 520 ASP X OD1 1 
ATOM   934  O  OD2 . ASP A 1 126 ? 5.654   -13.187 -11.236 1.00 58.76 ? 520 ASP X OD2 1 
ATOM   935  N  N   . ASP A 1 127 ? 2.742   -11.957 -6.897  1.00 45.62 ? 521 ASP X N   1 
ATOM   936  C  CA  . ASP A 1 127 ? 2.580   -11.633 -5.465  1.00 46.56 ? 521 ASP X CA  1 
ATOM   937  C  C   . ASP A 1 127 ? 3.930   -11.436 -4.793  1.00 44.12 ? 521 ASP X C   1 
ATOM   938  O  O   . ASP A 1 127 ? 4.941   -11.853 -5.332  1.00 42.51 ? 521 ASP X O   1 
ATOM   939  C  CB  . ASP A 1 127 ? 1.819   -12.753 -4.762  1.00 48.32 ? 521 ASP X CB  1 
ATOM   940  C  CG  . ASP A 1 127 ? 0.318   -12.703 -5.024  1.00 54.12 ? 521 ASP X CG  1 
ATOM   941  O  OD1 . ASP A 1 127 ? -0.192  -11.706 -5.617  1.00 50.25 ? 521 ASP X OD1 1 
ATOM   942  O  OD2 . ASP A 1 127 ? -0.352  -13.681 -4.624  1.00 62.48 ? 521 ASP X OD2 1 
ATOM   943  N  N   . SER A 1 128 ? 3.945   -10.802 -3.625  1.00 43.83 ? 522 SER X N   1 
ATOM   944  C  CA  . SER A 1 128 ? 5.198   -10.576 -2.898  1.00 45.45 ? 522 SER X CA  1 
ATOM   945  C  C   . SER A 1 128 ? 5.750   -11.898 -2.388  1.00 45.98 ? 522 SER X C   1 
ATOM   946  O  O   . SER A 1 128 ? 4.987   -12.794 -2.001  1.00 45.55 ? 522 SER X O   1 
ATOM   947  C  CB  . SER A 1 128 ? 4.982   -9.656  -1.694  1.00 43.06 ? 522 SER X CB  1 
ATOM   948  O  OG  . SER A 1 128 ? 6.221   -9.399  -1.071  1.00 46.68 ? 522 SER X OG  1 
ATOM   949  N  N   . LEU A 1 129 ? 7.070   -12.020 -2.379  1.00 43.44 ? 523 LEU X N   1 
ATOM   950  C  CA  . LEU A 1 129 ? 7.708   -13.221 -1.814  1.00 44.45 ? 523 LEU X CA  1 
ATOM   951  C  C   . LEU A 1 129 ? 7.979   -13.064 -0.305  1.00 44.01 ? 523 LEU X C   1 
ATOM   952  O  O   . LEU A 1 129 ? 8.349   -14.024 0.380   1.00 46.44 ? 523 LEU X O   1 
ATOM   953  C  CB  . LEU A 1 129 ? 9.000   -13.530 -2.553  1.00 42.41 ? 523 LEU X CB  1 
ATOM   954  C  CG  . LEU A 1 129 ? 8.914   -14.036 -3.995  1.00 44.23 ? 523 LEU X CG  1 
ATOM   955  C  CD1 . LEU A 1 129 ? 10.352  -14.163 -4.516  1.00 39.59 ? 523 LEU X CD1 1 
ATOM   956  C  CD2 . LEU A 1 129 ? 8.222   -15.399 -4.064  1.00 39.26 ? 523 LEU X CD2 1 
ATOM   957  N  N   . PHE A 1 130 ? 7.779   -11.849 0.185   1.00 40.95 ? 524 PHE X N   1 
ATOM   958  C  CA  . PHE A 1 130 ? 8.317   -11.386 1.468   1.00 44.79 ? 524 PHE X CA  1 
ATOM   959  C  C   . PHE A 1 130 ? 7.228   -11.109 2.529   1.00 47.58 ? 524 PHE X C   1 
ATOM   960  O  O   . PHE A 1 130 ? 7.470   -11.206 3.741   1.00 48.17 ? 524 PHE X O   1 
ATOM   961  C  CB  . PHE A 1 130 ? 9.151   -10.128 1.217   1.00 43.14 ? 524 PHE X CB  1 
ATOM   962  C  CG  . PHE A 1 130 ? 10.362  -10.384 0.325   1.00 41.41 ? 524 PHE X CG  1 
ATOM   963  C  CD1 . PHE A 1 130 ? 10.349  -10.027 -1.011  1.00 45.32 ? 524 PHE X CD1 1 
ATOM   964  C  CD2 . PHE A 1 130 ? 11.488  -10.983 0.832   1.00 43.29 ? 524 PHE X CD2 1 
ATOM   965  C  CE1 . PHE A 1 130 ? 11.450  -10.263 -1.821  1.00 49.22 ? 524 PHE X CE1 1 
ATOM   966  C  CE2 . PHE A 1 130 ? 12.597  -11.218 0.029   1.00 42.68 ? 524 PHE X CE2 1 
ATOM   967  C  CZ  . PHE A 1 130 ? 12.574  -10.861 -1.293  1.00 40.68 ? 524 PHE X CZ  1 
ATOM   968  N  N   . LEU A 1 131 ? 6.025   -10.777 2.068   1.00 47.07 ? 525 LEU X N   1 
ATOM   969  C  CA  . LEU A 1 131 ? 4.966   -10.341 2.965   1.00 47.89 ? 525 LEU X CA  1 
ATOM   970  C  C   . LEU A 1 131 ? 3.987   -11.464 3.225   1.00 49.66 ? 525 LEU X C   1 
ATOM   971  O  O   . LEU A 1 131 ? 3.536   -12.134 2.299   1.00 50.53 ? 525 LEU X O   1 
ATOM   972  C  CB  . LEU A 1 131 ? 4.215   -9.202  2.326   1.00 47.18 ? 525 LEU X CB  1 
ATOM   973  C  CG  . LEU A 1 131 ? 3.170   -8.530  3.188   1.00 50.36 ? 525 LEU X CG  1 
ATOM   974  C  CD1 . LEU A 1 131 ? 3.859   -7.373  3.920   1.00 50.75 ? 525 LEU X CD1 1 
ATOM   975  C  CD2 . LEU A 1 131 ? 2.100   -8.045  2.272   1.00 46.44 ? 525 LEU X CD2 1 
ATOM   976  N  N   . LYS A 1 132 ? 3.647   -11.648 4.490   1.00 49.67 ? 526 LYS X N   1 
ATOM   977  C  CA  . LYS A 1 132 ? 2.580   -12.544 4.914   1.00 52.32 ? 526 LYS X CA  1 
ATOM   978  C  C   . LYS A 1 132 ? 1.518   -11.698 5.634   1.00 52.74 ? 526 LYS X C   1 
ATOM   979  O  O   . LYS A 1 132 ? 1.839   -11.002 6.594   1.00 54.52 ? 526 LYS X O   1 
ATOM   980  C  CB  . LYS A 1 132 ? 3.180   -13.583 5.885   1.00 52.71 ? 526 LYS X CB  1 
ATOM   981  C  CG  . LYS A 1 132 ? 2.291   -14.768 6.219   1.00 57.93 ? 526 LYS X CG  1 
ATOM   982  C  CD  . LYS A 1 132 ? 2.272   -15.027 7.713   1.00 65.74 ? 526 LYS X CD  1 
ATOM   983  C  CE  . LYS A 1 132 ? 3.306   -16.047 8.167   1.00 75.01 ? 526 LYS X CE  1 
ATOM   984  N  NZ  . LYS A 1 132 ? 3.158   -16.323 9.646   1.00 79.79 ? 526 LYS X NZ  1 
ATOM   985  N  N   . VAL A 1 133 ? 0.273   -11.752 5.174   1.00 51.94 ? 527 VAL X N   1 
ATOM   986  C  CA  . VAL A 1 133 ? -0.832  -11.055 5.824   1.00 53.45 ? 527 VAL X CA  1 
ATOM   987  C  C   . VAL A 1 133 ? -1.337  -11.927 6.957   1.00 53.30 ? 527 VAL X C   1 
ATOM   988  O  O   . VAL A 1 133 ? -1.490  -13.131 6.793   1.00 51.55 ? 527 VAL X O   1 
ATOM   989  C  CB  . VAL A 1 133 ? -1.994  -10.791 4.809   1.00 56.41 ? 527 VAL X CB  1 
ATOM   990  C  CG1 . VAL A 1 133 ? -3.215  -10.046 5.470   1.00 51.36 ? 527 VAL X CG1 1 
ATOM   991  C  CG2 . VAL A 1 133 ? -1.458  -10.011 3.603   1.00 53.56 ? 527 VAL X CG2 1 
ATOM   992  N  N   . ILE A 1 134 ? -1.596  -11.339 8.114   1.00 54.83 ? 528 ILE X N   1 
ATOM   993  C  CA  . ILE A 1 134 ? -2.260  -12.114 9.168   1.00 56.84 ? 528 ILE X CA  1 
ATOM   994  C  C   . ILE A 1 134 ? -3.786  -12.141 9.019   1.00 57.32 ? 528 ILE X C   1 
ATOM   995  O  O   . ILE A 1 134 ? -4.435  -11.088 9.003   1.00 58.67 ? 528 ILE X O   1 
ATOM   996  C  CB  . ILE A 1 134 ? -1.885  -11.631 10.579  1.00 57.93 ? 528 ILE X CB  1 
ATOM   997  C  CG1 . ILE A 1 134 ? -0.394  -11.273 10.656  1.00 53.47 ? 528 ILE X CG1 1 
ATOM   998  C  CG2 . ILE A 1 134 ? -2.237  -12.709 11.601  1.00 60.43 ? 528 ILE X CG2 1 
ATOM   999  C  CD1 . ILE A 1 134 ? 0.504   -12.417 10.488  1.00 50.82 ? 528 ILE X CD1 1 
HETATM 1000 O  O   . HOH B 2 .   ? 7.551   1.049   -1.971  1.00 30.36 ? 2   HOH X O   1 
HETATM 1001 O  O   . HOH B 2 .   ? -7.787  -1.400  3.987   1.00 26.98 ? 3   HOH X O   1 
HETATM 1002 O  O   . HOH B 2 .   ? -9.475  5.146   0.452   1.00 33.04 ? 4   HOH X O   1 
HETATM 1003 O  O   . HOH B 2 .   ? 3.831   -13.633 13.368  1.00 35.85 ? 6   HOH X O   1 
HETATM 1004 O  O   . HOH B 2 .   ? 10.015  2.235   -1.524  1.00 41.03 ? 8   HOH X O   1 
HETATM 1005 O  O   . HOH B 2 .   ? 5.288   1.673   7.220   1.00 43.44 ? 9   HOH X O   1 
HETATM 1006 O  O   . HOH B 2 .   ? -7.354  9.080   9.506   1.00 53.84 ? 10  HOH X O   1 
HETATM 1007 O  O   . HOH B 2 .   ? -9.470  -7.090  -8.052  1.00 47.90 ? 11  HOH X O   1 
HETATM 1008 O  O   . HOH B 2 .   ? 4.937   -14.720 -6.288  1.00 43.35 ? 12  HOH X O   1 
HETATM 1009 O  O   . HOH B 2 .   ? -4.516  -8.638  10.374  1.00 56.07 ? 13  HOH X O   1 
HETATM 1010 O  O   . HOH B 2 .   ? -7.280  -12.134 -0.379  1.00 51.13 ? 15  HOH X O   1 
HETATM 1011 O  O   . HOH B 2 .   ? -13.344 2.159   1.537   1.00 49.38 ? 16  HOH X O   1 
HETATM 1012 O  O   . HOH B 2 .   ? 1.888   -15.054 -8.695  1.00 56.40 ? 17  HOH X O   1 
HETATM 1013 O  O   . HOH B 2 .   ? -15.916 10.399  2.811   1.00 60.42 ? 18  HOH X O   1 
HETATM 1014 O  O   . HOH B 2 .   ? 3.363   -0.301  9.112   1.00 39.78 ? 19  HOH X O   1 
HETATM 1015 O  O   . HOH B 2 .   ? 4.453   -15.839 11.848  1.00 60.89 ? 20  HOH X O   1 
HETATM 1016 O  O   . HOH B 2 .   ? -2.596  -15.165 -5.252  1.00 62.11 ? 21  HOH X O   1 
HETATM 1017 O  O   . HOH B 2 .   ? 3.404   -2.163  -10.137 1.00 35.91 ? 23  HOH X O   1 
HETATM 1018 O  O   . HOH B 2 .   ? 8.886   -10.543 -4.096  1.00 34.88 ? 25  HOH X O   1 
HETATM 1019 O  O   . HOH B 2 .   ? 3.646   8.476   -9.505  1.00 47.78 ? 26  HOH X O   1 
HETATM 1020 O  O   . HOH B 2 .   ? 9.707   -2.699  -7.993  1.00 43.38 ? 27  HOH X O   1 
HETATM 1021 O  O   . HOH B 2 .   ? 7.245   -8.963  -8.079  1.00 37.89 ? 28  HOH X O   1 
HETATM 1022 O  O   . HOH B 2 .   ? 9.299   9.315   -12.316 1.00 41.17 ? 29  HOH X O   1 
HETATM 1023 O  O   . HOH B 2 .   ? -10.224 -1.581  -2.345  1.00 40.23 ? 30  HOH X O   1 
HETATM 1024 O  O   . HOH B 2 .   ? -12.442 -8.564  9.388   1.00 50.48 ? 31  HOH X O   1 
HETATM 1025 O  O   . HOH B 2 .   ? -10.845 10.605  6.850   1.00 52.50 ? 34  HOH X O   1 
HETATM 1026 O  O   . HOH B 2 .   ? -0.241  -13.549 2.874   1.00 61.50 ? 35  HOH X O   1 
HETATM 1027 O  O   . HOH B 2 .   ? 8.477   -1.502  4.547   1.00 55.43 ? 36  HOH X O   1 
HETATM 1028 O  O   . HOH B 2 .   ? 13.389  -10.132 13.461  1.00 59.25 ? 37  HOH X O   1 
HETATM 1029 O  O   . HOH B 2 .   ? -7.900  21.721  -4.102  1.00 51.23 ? 38  HOH X O   1 
HETATM 1030 O  O   . HOH B 2 .   ? 3.177   21.183  9.591   1.00 56.14 ? 39  HOH X O   1 
HETATM 1031 O  O   . HOH B 2 .   ? 9.879   2.413   1.143   1.00 52.40 ? 40  HOH X O   1 
HETATM 1032 O  O   . HOH B 2 .   ? 4.112   14.504  9.688   1.00 62.23 ? 41  HOH X O   1 
# 
